data_6B5E
#
_entry.id   6B5E
#
_cell.length_a   72.323
_cell.length_b   111.264
_cell.length_c   290.363
_cell.angle_alpha   90.00
_cell.angle_beta   90.00
_cell.angle_gamma   90.00
#
_symmetry.space_group_name_H-M   'P 21 21 21'
#
loop_
_entity.id
_entity.type
_entity.pdbx_description
1 polymer 'Glucose-1-phosphate thymidylyltransferase'
2 non-polymer "2'DEOXY-THYMIDINE-5'-DIPHOSPHO-ALPHA-D-GLUCOSE"
3 non-polymer 'MAGNESIUM ION'
4 non-polymer "THYMIDINE-5'-DIPHOSPHATE"
5 non-polymer 'CHLORIDE ION'
6 non-polymer 1,2-ETHANEDIOL
7 non-polymer 'SODIUM ION'
8 water water
#
_entity_poly.entity_id   1
_entity_poly.type   'polypeptide(L)'
_entity_poly.pdbx_seq_one_letter_code
;MRGIILAGGSGTRLYPITMGISKQLLPVYDKPMIYYPLTTLMMAGIRDIQLITTPHDAPGFHRLLGDGAHLGVNISYATQ
DQPDGLAQAFVIGANHIGADSVALVLGDNIFYGPGLGTSLKRFQSISGGAIFAYWVANPSAYGVVEFGAEGMALSLEEKP
VTPKSNYAVPGLYFYDNDVIEIARGLKKSARGEYEITEVNQVYLNQGRLAVEVLARGTAWLDTGTFDSLLDAADFVRTLE
RRQGLKVSIPEEVAWRMGWIDDEQLVQRARALVKSGYGNYLLELLERNLEHHHHHH
;
_entity_poly.pdbx_strand_id   A,B,C,D,E,F,G,H
#
# COMPACT_ATOMS: atom_id res chain seq x y z
N MET A 1 -7.45 12.62 -62.50
CA MET A 1 -7.74 11.17 -62.26
C MET A 1 -9.06 11.11 -61.49
N ARG A 2 -9.95 10.23 -61.92
CA ARG A 2 -11.21 9.98 -61.26
C ARG A 2 -11.15 8.66 -60.48
N GLY A 3 -12.08 8.45 -59.54
CA GLY A 3 -12.01 7.29 -58.70
C GLY A 3 -13.27 6.48 -58.76
N ILE A 4 -13.11 5.17 -58.62
CA ILE A 4 -14.25 4.26 -58.56
C ILE A 4 -14.01 3.30 -57.41
N ILE A 5 -15.02 3.06 -56.58
CA ILE A 5 -15.02 1.98 -55.61
C ILE A 5 -16.04 0.94 -56.05
N LEU A 6 -15.59 -0.30 -56.26
CA LEU A 6 -16.53 -1.39 -56.51
C LEU A 6 -17.05 -1.83 -55.15
N ALA A 7 -18.33 -1.65 -54.92
CA ALA A 7 -18.88 -1.87 -53.58
C ALA A 7 -20.18 -2.67 -53.69
N GLY A 8 -20.25 -3.43 -54.76
CA GLY A 8 -21.35 -4.35 -54.97
C GLY A 8 -20.90 -5.75 -54.56
N GLY A 9 -21.21 -6.71 -55.40
CA GLY A 9 -20.99 -8.10 -55.09
C GLY A 9 -22.05 -8.74 -54.22
N SER A 10 -22.07 -10.06 -54.23
CA SER A 10 -23.03 -10.78 -53.41
C SER A 10 -22.59 -11.10 -51.96
N GLY A 11 -21.29 -11.17 -51.73
CA GLY A 11 -20.72 -11.46 -50.41
C GLY A 11 -20.92 -12.89 -49.93
N THR A 12 -20.89 -13.87 -50.85
CA THR A 12 -21.24 -15.24 -50.45
C THR A 12 -20.30 -15.78 -49.40
N ARG A 13 -19.01 -15.38 -49.40
CA ARG A 13 -18.09 -15.96 -48.44
C ARG A 13 -18.33 -15.47 -47.01
N LEU A 14 -19.23 -14.50 -46.85
CA LEU A 14 -19.66 -14.03 -45.51
C LEU A 14 -21.11 -14.37 -45.15
N TYR A 15 -21.77 -15.20 -45.94
CA TYR A 15 -23.15 -15.57 -45.61
C TYR A 15 -23.12 -16.30 -44.30
N PRO A 16 -24.08 -16.05 -43.42
CA PRO A 16 -25.31 -15.27 -43.62
C PRO A 16 -25.24 -13.79 -43.23
N ILE A 17 -24.09 -13.32 -42.76
CA ILE A 17 -23.96 -11.90 -42.46
C ILE A 17 -24.44 -11.05 -43.60
N THR A 18 -23.88 -11.28 -44.80
CA THR A 18 -24.17 -10.48 -45.94
C THR A 18 -25.44 -10.85 -46.71
N MET A 19 -26.30 -11.73 -46.13
CA MET A 19 -27.68 -11.81 -46.58
C MET A 19 -28.51 -10.62 -46.11
N GLY A 20 -28.05 -9.96 -45.06
CA GLY A 20 -28.69 -8.75 -44.57
C GLY A 20 -28.15 -7.61 -45.38
N ILE A 21 -26.88 -7.37 -45.13
CA ILE A 21 -26.20 -6.11 -45.43
C ILE A 21 -24.97 -6.34 -46.33
N SER A 22 -24.62 -5.32 -47.09
CA SER A 22 -23.41 -5.38 -47.91
C SER A 22 -22.12 -5.53 -47.11
N LYS A 23 -21.21 -6.36 -47.62
CA LYS A 23 -19.87 -6.45 -47.09
C LYS A 23 -19.23 -5.06 -46.88
N GLN A 24 -19.57 -4.13 -47.78
CA GLN A 24 -18.92 -2.85 -47.76
C GLN A 24 -19.48 -1.90 -46.67
N LEU A 25 -20.55 -2.33 -46.00
CA LEU A 25 -21.11 -1.55 -44.86
C LEU A 25 -20.83 -2.18 -43.50
N LEU A 26 -20.09 -3.29 -43.51
CA LEU A 26 -19.70 -3.97 -42.29
C LEU A 26 -18.70 -3.11 -41.51
N PRO A 27 -18.75 -3.19 -40.19
CA PRO A 27 -17.73 -2.50 -39.39
C PRO A 27 -16.36 -3.14 -39.48
N VAL A 28 -15.30 -2.30 -39.46
CA VAL A 28 -13.98 -2.70 -39.08
C VAL A 28 -13.51 -1.83 -37.95
N TYR A 29 -13.86 -2.29 -36.73
CA TYR A 29 -13.57 -1.63 -35.50
C TYR A 29 -14.43 -0.38 -35.31
N ASP A 30 -14.02 0.77 -35.87
CA ASP A 30 -14.59 2.08 -35.49
C ASP A 30 -15.23 2.81 -36.67
N LYS A 31 -15.32 2.11 -37.81
CA LYS A 31 -15.86 2.72 -39.00
C LYS A 31 -16.37 1.67 -40.01
N PRO A 32 -17.25 2.06 -40.93
CA PRO A 32 -17.65 1.14 -41.99
C PRO A 32 -16.50 0.77 -42.87
N MET A 33 -16.56 -0.47 -43.35
CA MET A 33 -15.61 -0.97 -44.35
C MET A 33 -15.29 0.00 -45.46
N ILE A 34 -16.31 0.56 -46.08
CA ILE A 34 -16.17 1.45 -47.24
C ILE A 34 -15.30 2.67 -46.95
N TYR A 35 -15.18 3.08 -45.68
CA TYR A 35 -14.24 4.19 -45.37
C TYR A 35 -12.78 3.95 -45.76
N TYR A 36 -12.34 2.70 -45.67
CA TYR A 36 -10.91 2.40 -45.96
C TYR A 36 -10.60 2.67 -47.46
N PRO A 37 -11.29 1.98 -48.37
CA PRO A 37 -11.01 2.28 -49.80
C PRO A 37 -11.38 3.73 -50.19
N LEU A 38 -12.42 4.31 -49.57
CA LEU A 38 -12.72 5.72 -49.80
C LEU A 38 -11.56 6.64 -49.44
N THR A 39 -10.99 6.44 -48.24
CA THR A 39 -9.85 7.23 -47.79
C THR A 39 -8.59 6.97 -48.62
N THR A 40 -8.41 5.76 -49.14
CA THR A 40 -7.32 5.52 -50.12
C THR A 40 -7.38 6.44 -51.32
N LEU A 41 -8.57 6.52 -51.91
CA LEU A 41 -8.79 7.37 -53.08
C LEU A 41 -8.55 8.83 -52.71
N MET A 42 -9.08 9.25 -51.55
CA MET A 42 -8.86 10.59 -51.10
C MET A 42 -7.38 10.91 -50.88
N MET A 43 -6.62 10.00 -50.25
CA MET A 43 -5.19 10.23 -50.03
C MET A 43 -4.42 10.31 -51.37
N ALA A 44 -4.94 9.67 -52.40
CA ALA A 44 -4.39 9.82 -53.74
C ALA A 44 -4.72 11.16 -54.42
N GLY A 45 -5.53 11.98 -53.77
CA GLY A 45 -5.89 13.30 -54.22
C GLY A 45 -7.14 13.33 -55.03
N ILE A 46 -7.90 12.24 -55.06
CA ILE A 46 -9.06 12.12 -55.89
C ILE A 46 -10.31 12.59 -55.16
N ARG A 47 -11.06 13.48 -55.81
CA ARG A 47 -12.25 14.07 -55.22
C ARG A 47 -13.54 13.69 -55.94
N ASP A 48 -13.48 13.07 -57.13
CA ASP A 48 -14.70 12.67 -57.83
C ASP A 48 -14.76 11.17 -57.82
N ILE A 49 -15.57 10.63 -56.93
CA ILE A 49 -15.54 9.23 -56.58
C ILE A 49 -16.93 8.65 -56.83
N GLN A 50 -17.00 7.65 -57.71
CA GLN A 50 -18.21 6.90 -57.96
C GLN A 50 -18.19 5.57 -57.21
N LEU A 51 -19.28 5.29 -56.48
CA LEU A 51 -19.51 4.03 -55.87
C LEU A 51 -20.41 3.21 -56.76
N ILE A 52 -20.01 1.99 -57.08
CA ILE A 52 -20.85 1.04 -57.75
C ILE A 52 -21.40 0.07 -56.71
N THR A 53 -22.72 -0.04 -56.63
CA THR A 53 -23.31 -0.94 -55.68
C THR A 53 -24.31 -1.80 -56.36
N THR A 54 -24.82 -2.77 -55.62
CA THR A 54 -26.00 -3.45 -56.08
C THR A 54 -27.23 -2.52 -56.00
N PRO A 55 -28.29 -2.89 -56.73
CA PRO A 55 -29.48 -2.05 -56.62
C PRO A 55 -30.07 -2.04 -55.22
N HIS A 56 -30.09 -3.20 -54.57
CA HIS A 56 -30.81 -3.33 -53.28
C HIS A 56 -30.03 -2.76 -52.10
N ASP A 57 -28.69 -2.73 -52.17
CA ASP A 57 -27.88 -2.24 -51.08
C ASP A 57 -27.69 -0.72 -51.15
N ALA A 58 -27.98 -0.11 -52.29
CA ALA A 58 -27.73 1.32 -52.48
C ALA A 58 -28.18 2.23 -51.30
N PRO A 59 -29.37 1.98 -50.73
CA PRO A 59 -29.81 2.93 -49.72
C PRO A 59 -28.90 3.09 -48.51
N GLY A 60 -28.25 1.99 -48.07
CA GLY A 60 -27.24 2.03 -47.02
C GLY A 60 -26.12 3.01 -47.30
N PHE A 61 -25.59 2.92 -48.51
CA PHE A 61 -24.55 3.81 -48.90
C PHE A 61 -25.02 5.26 -48.95
N HIS A 62 -26.21 5.49 -49.48
CA HIS A 62 -26.72 6.84 -49.62
C HIS A 62 -26.89 7.42 -48.20
N ARG A 63 -27.37 6.60 -47.27
CA ARG A 63 -27.53 7.10 -45.87
C ARG A 63 -26.19 7.44 -45.23
N LEU A 64 -25.17 6.61 -45.43
CA LEU A 64 -23.89 6.86 -44.84
C LEU A 64 -23.15 8.05 -45.44
N LEU A 65 -23.09 8.12 -46.78
CA LEU A 65 -22.13 8.99 -47.49
C LEU A 65 -22.77 10.19 -48.16
N GLY A 66 -24.05 10.04 -48.51
CA GLY A 66 -24.79 11.06 -49.28
C GLY A 66 -24.02 11.45 -50.52
N ASP A 67 -23.90 12.76 -50.74
CA ASP A 67 -23.14 13.29 -51.88
C ASP A 67 -21.67 13.57 -51.60
N GLY A 68 -21.21 13.23 -50.39
CA GLY A 68 -19.82 13.37 -50.00
C GLY A 68 -19.36 14.79 -49.62
N ALA A 69 -20.23 15.77 -49.78
CA ALA A 69 -19.83 17.14 -49.58
C ALA A 69 -19.24 17.42 -48.18
N HIS A 70 -19.72 16.70 -47.18
CA HIS A 70 -19.21 16.83 -45.81
C HIS A 70 -17.78 16.38 -45.65
N LEU A 71 -17.32 15.56 -46.61
CA LEU A 71 -15.92 15.15 -46.69
C LEU A 71 -15.13 15.90 -47.77
N GLY A 72 -15.66 16.96 -48.34
CA GLY A 72 -14.92 17.81 -49.29
C GLY A 72 -14.73 17.10 -50.63
N VAL A 73 -15.56 16.09 -50.91
CA VAL A 73 -15.49 15.35 -52.17
C VAL A 73 -16.87 15.29 -52.84
N ASN A 74 -16.90 14.75 -54.05
CA ASN A 74 -18.14 14.55 -54.77
C ASN A 74 -18.38 13.05 -54.94
N ILE A 75 -19.27 12.51 -54.14
CA ILE A 75 -19.58 11.08 -54.22
C ILE A 75 -20.80 10.92 -55.10
N SER A 76 -20.69 10.09 -56.12
CA SER A 76 -21.79 9.74 -57.00
C SER A 76 -21.93 8.24 -57.01
N TYR A 77 -23.03 7.79 -57.60
CA TYR A 77 -23.46 6.39 -57.52
C TYR A 77 -23.79 5.81 -58.89
N ALA A 78 -23.55 4.52 -59.02
CA ALA A 78 -24.10 3.72 -60.11
C ALA A 78 -24.47 2.36 -59.57
N THR A 79 -25.34 1.67 -60.26
CA THR A 79 -25.68 0.32 -59.83
C THR A 79 -25.23 -0.69 -60.88
N GLN A 80 -24.90 -1.88 -60.40
CA GLN A 80 -24.54 -3.01 -61.19
C GLN A 80 -25.66 -4.03 -61.04
N ASP A 81 -26.32 -4.36 -62.13
CA ASP A 81 -27.53 -5.21 -62.05
C ASP A 81 -27.26 -6.64 -61.62
N GLN A 82 -26.11 -7.18 -62.00
CA GLN A 82 -25.65 -8.43 -61.46
C GLN A 82 -24.14 -8.42 -61.28
N PRO A 83 -23.63 -9.24 -60.36
CA PRO A 83 -22.24 -9.15 -60.03
C PRO A 83 -21.39 -9.97 -61.02
N ASP A 84 -21.30 -9.41 -62.22
CA ASP A 84 -20.74 -10.05 -63.44
CA ASP A 84 -20.69 -10.16 -63.34
C ASP A 84 -19.23 -9.84 -63.54
N GLY A 85 -18.62 -9.14 -62.58
CA GLY A 85 -17.20 -9.06 -62.51
C GLY A 85 -16.61 -7.67 -62.41
N LEU A 86 -15.37 -7.65 -61.94
CA LEU A 86 -14.68 -6.41 -61.56
C LEU A 86 -14.44 -5.45 -62.74
N ALA A 87 -14.16 -6.02 -63.92
CA ALA A 87 -13.88 -5.21 -65.10
C ALA A 87 -15.05 -4.41 -65.56
N GLN A 88 -16.26 -4.80 -65.18
CA GLN A 88 -17.42 -3.99 -65.44
C GLN A 88 -17.38 -2.62 -64.77
N ALA A 89 -16.49 -2.41 -63.81
CA ALA A 89 -16.33 -1.08 -63.18
C ALA A 89 -16.12 -0.04 -64.25
N PHE A 90 -15.34 -0.41 -65.27
CA PHE A 90 -14.93 0.55 -66.28
C PHE A 90 -15.97 0.79 -67.35
N VAL A 91 -16.93 -0.13 -67.48
CA VAL A 91 -18.03 0.03 -68.42
C VAL A 91 -19.11 0.85 -67.77
N ILE A 92 -19.54 0.40 -66.60
CA ILE A 92 -20.50 1.15 -65.77
C ILE A 92 -19.99 2.56 -65.48
N GLY A 93 -18.71 2.64 -65.13
CA GLY A 93 -18.06 3.92 -64.85
C GLY A 93 -17.53 4.77 -65.99
N ALA A 94 -17.81 4.39 -67.24
CA ALA A 94 -17.30 5.09 -68.40
C ALA A 94 -17.67 6.56 -68.40
N ASN A 95 -18.93 6.88 -68.14
CA ASN A 95 -19.31 8.28 -68.19
C ASN A 95 -18.62 9.07 -67.12
N HIS A 96 -18.57 8.51 -65.92
CA HIS A 96 -17.85 9.12 -64.81
C HIS A 96 -16.36 9.41 -65.15
N ILE A 97 -15.67 8.42 -65.73
CA ILE A 97 -14.25 8.56 -66.06
C ILE A 97 -14.05 9.60 -67.17
N GLY A 98 -14.93 9.56 -68.16
CA GLY A 98 -14.84 10.43 -69.36
C GLY A 98 -13.52 10.13 -70.05
N ALA A 99 -12.70 11.15 -70.26
CA ALA A 99 -11.43 11.00 -70.97
C ALA A 99 -10.23 10.81 -70.02
N ASP A 100 -10.48 10.68 -68.71
CA ASP A 100 -9.46 10.90 -67.70
C ASP A 100 -8.85 9.53 -67.35
N SER A 101 -7.76 9.57 -66.62
CA SER A 101 -7.27 8.38 -65.94
C SER A 101 -8.20 7.99 -64.78
N VAL A 102 -7.99 6.81 -64.26
CA VAL A 102 -8.90 6.31 -63.21
C VAL A 102 -8.15 5.45 -62.20
N ALA A 103 -8.62 5.51 -60.93
CA ALA A 103 -8.15 4.63 -59.91
C ALA A 103 -9.36 3.78 -59.50
N LEU A 104 -9.17 2.48 -59.50
CA LEU A 104 -10.16 1.53 -59.02
C LEU A 104 -9.68 0.95 -57.73
N VAL A 105 -10.50 1.01 -56.69
CA VAL A 105 -10.19 0.33 -55.46
C VAL A 105 -11.37 -0.61 -55.12
N LEU A 106 -11.04 -1.75 -54.57
CA LEU A 106 -12.07 -2.74 -54.27
C LEU A 106 -12.59 -2.39 -52.85
N GLY A 107 -13.89 -2.57 -52.69
CA GLY A 107 -14.60 -2.10 -51.50
C GLY A 107 -14.27 -2.79 -50.20
N ASP A 108 -13.74 -4.00 -50.30
CA ASP A 108 -13.36 -4.84 -49.16
C ASP A 108 -11.88 -4.84 -48.86
N ASN A 109 -11.10 -3.87 -49.36
CA ASN A 109 -9.69 -3.83 -49.21
C ASN A 109 -9.22 -2.70 -48.27
N ILE A 110 -8.29 -3.03 -47.40
CA ILE A 110 -7.60 -2.10 -46.49
C ILE A 110 -6.11 -2.04 -46.82
N PHE A 111 -5.63 -0.85 -47.11
CA PHE A 111 -4.23 -0.59 -47.32
C PHE A 111 -3.72 0.32 -46.23
N TYR A 112 -2.67 -0.11 -45.54
CA TYR A 112 -2.10 0.71 -44.47
C TYR A 112 -0.59 0.62 -44.54
N GLY A 113 0.03 1.80 -44.50
CA GLY A 113 1.46 1.89 -44.20
C GLY A 113 2.21 2.80 -45.17
N PRO A 114 3.56 2.75 -45.09
CA PRO A 114 4.41 3.58 -45.94
C PRO A 114 4.09 3.42 -47.43
N GLY A 115 3.94 4.53 -48.13
CA GLY A 115 3.61 4.49 -49.52
C GLY A 115 2.14 4.35 -49.86
N LEU A 116 1.28 4.30 -48.84
CA LEU A 116 -0.12 4.04 -49.04
C LEU A 116 -1.02 5.15 -48.53
N GLY A 117 -0.42 6.32 -48.30
CA GLY A 117 -1.13 7.52 -47.94
C GLY A 117 -1.04 8.56 -49.03
N THR A 118 -0.72 9.79 -48.63
CA THR A 118 -0.78 10.90 -49.57
C THR A 118 0.29 10.78 -50.68
N SER A 119 1.25 9.89 -50.51
CA SER A 119 2.20 9.69 -51.57
C SER A 119 1.57 9.04 -52.80
N LEU A 120 0.39 8.43 -52.64
CA LEU A 120 -0.33 7.84 -53.78
C LEU A 120 -0.67 8.82 -54.91
N LYS A 121 -0.69 10.11 -54.62
CA LYS A 121 -0.94 11.11 -55.65
C LYS A 121 0.02 10.94 -56.82
N ARG A 122 1.14 10.29 -56.61
CA ARG A 122 2.14 10.06 -57.68
C ARG A 122 1.60 9.25 -58.85
N PHE A 123 0.50 8.52 -58.62
CA PHE A 123 -0.13 7.75 -59.66
C PHE A 123 -1.08 8.54 -60.53
N GLN A 124 -1.38 9.78 -60.19
CA GLN A 124 -2.33 10.52 -61.01
C GLN A 124 -1.87 10.65 -62.46
N SER A 125 -0.56 10.70 -62.66
CA SER A 125 0.00 10.86 -63.99
C SER A 125 0.23 9.53 -64.70
N ILE A 126 -0.44 8.46 -64.25
CA ILE A 126 -0.27 7.16 -64.83
C ILE A 126 -0.41 7.16 -66.35
N SER A 127 0.53 6.48 -66.97
CA SER A 127 0.43 6.03 -68.34
C SER A 127 0.53 4.51 -68.33
N GLY A 128 -0.36 3.85 -69.04
CA GLY A 128 -0.45 2.41 -68.90
C GLY A 128 -1.28 2.02 -67.68
N GLY A 129 -0.89 0.95 -67.01
CA GLY A 129 -1.56 0.47 -65.78
C GLY A 129 -0.52 0.35 -64.70
N ALA A 130 -0.90 0.52 -63.43
CA ALA A 130 0.01 0.24 -62.36
C ALA A 130 -0.75 -0.50 -61.29
N ILE A 131 -0.16 -1.60 -60.88
CA ILE A 131 -0.70 -2.48 -59.89
C ILE A 131 0.37 -2.82 -58.87
N PHE A 132 -0.01 -3.60 -57.85
CA PHE A 132 0.83 -3.90 -56.72
C PHE A 132 0.93 -5.38 -56.44
N ALA A 133 1.85 -5.67 -55.55
CA ALA A 133 2.17 -7.00 -55.12
C ALA A 133 2.47 -7.03 -53.61
N TYR A 134 1.98 -8.08 -52.96
CA TYR A 134 2.09 -8.28 -51.51
C TYR A 134 2.24 -9.77 -51.20
N TRP A 135 3.32 -10.08 -50.48
CA TRP A 135 3.61 -11.45 -50.07
C TRP A 135 2.53 -11.90 -49.12
N VAL A 136 1.87 -13.00 -49.46
CA VAL A 136 1.00 -13.72 -48.57
C VAL A 136 1.44 -15.18 -48.48
N ALA A 137 1.04 -15.85 -47.40
CA ALA A 137 1.42 -17.24 -47.16
C ALA A 137 0.52 -18.15 -47.98
N ASN A 138 -0.64 -17.63 -48.40
CA ASN A 138 -1.64 -18.41 -49.11
C ASN A 138 -2.07 -17.78 -50.46
N PRO A 139 -1.11 -17.67 -51.41
CA PRO A 139 -1.36 -16.97 -52.69
C PRO A 139 -2.58 -17.47 -53.48
N SER A 140 -2.92 -18.75 -53.34
CA SER A 140 -4.02 -19.30 -54.15
C SER A 140 -5.37 -18.60 -53.90
N ALA A 141 -5.51 -17.85 -52.81
CA ALA A 141 -6.77 -17.16 -52.54
C ALA A 141 -7.01 -15.89 -53.43
N TYR A 142 -5.94 -15.37 -54.02
CA TYR A 142 -5.95 -14.03 -54.65
C TYR A 142 -5.51 -14.09 -56.10
N GLY A 143 -5.60 -12.94 -56.78
CA GLY A 143 -4.81 -12.66 -57.96
C GLY A 143 -3.36 -12.78 -57.59
N VAL A 144 -2.59 -13.41 -58.49
CA VAL A 144 -1.21 -13.71 -58.20
C VAL A 144 -0.31 -13.18 -59.31
N VAL A 145 0.75 -12.48 -58.91
CA VAL A 145 1.76 -12.00 -59.86
C VAL A 145 3.13 -12.71 -59.64
N GLU A 146 3.68 -13.26 -60.72
CA GLU A 146 5.02 -13.87 -60.71
C GLU A 146 6.07 -12.93 -61.27
N PHE A 147 7.23 -12.83 -60.62
CA PHE A 147 8.31 -11.99 -61.10
C PHE A 147 9.40 -12.91 -61.69
N GLY A 148 10.35 -12.35 -62.44
CA GLY A 148 11.50 -13.10 -62.95
C GLY A 148 12.82 -12.53 -62.46
N MET A 152 10.86 -8.29 -62.82
CA MET A 152 9.78 -7.81 -63.66
C MET A 152 8.63 -8.84 -63.74
N ALA A 153 7.41 -8.37 -64.01
CA ALA A 153 6.23 -9.23 -63.98
C ALA A 153 6.23 -10.29 -65.09
N LEU A 154 6.12 -11.54 -64.72
CA LEU A 154 6.23 -12.62 -65.69
C LEU A 154 4.85 -13.14 -66.05
N SER A 155 3.97 -13.27 -65.05
CA SER A 155 2.60 -13.72 -65.33
C SER A 155 1.63 -13.25 -64.23
N LEU A 156 0.36 -13.41 -64.54
CA LEU A 156 -0.76 -12.99 -63.72
C LEU A 156 -1.86 -14.03 -63.87
N GLU A 157 -2.36 -14.50 -62.75
CA GLU A 157 -3.31 -15.56 -62.74
C GLU A 157 -4.28 -15.32 -61.58
N GLU A 158 -5.56 -15.55 -61.81
CA GLU A 158 -6.59 -15.30 -60.80
C GLU A 158 -6.83 -16.58 -60.04
N LYS A 159 -6.36 -16.60 -58.80
CA LYS A 159 -6.57 -17.71 -57.88
C LYS A 159 -6.00 -19.06 -58.44
N PRO A 160 -4.70 -19.09 -58.72
CA PRO A 160 -4.05 -20.31 -59.22
C PRO A 160 -4.06 -21.46 -58.19
N VAL A 161 -4.37 -22.68 -58.64
CA VAL A 161 -4.22 -23.85 -57.78
C VAL A 161 -2.76 -24.08 -57.40
N THR A 162 -1.82 -23.86 -58.33
CA THR A 162 -0.38 -23.94 -58.03
C THR A 162 0.31 -22.58 -58.32
N PRO A 163 0.32 -21.71 -57.31
CA PRO A 163 0.85 -20.36 -57.53
C PRO A 163 2.35 -20.35 -57.85
N LYS A 164 2.70 -19.54 -58.83
CA LYS A 164 4.07 -19.33 -59.27
C LYS A 164 4.82 -18.39 -58.34
N SER A 165 4.08 -17.77 -57.41
CA SER A 165 4.70 -17.02 -56.34
C SER A 165 3.82 -16.86 -55.13
N ASN A 166 4.37 -16.18 -54.14
CA ASN A 166 3.63 -15.83 -52.96
C ASN A 166 3.02 -14.42 -53.04
N TYR A 167 3.17 -13.77 -54.20
CA TYR A 167 2.71 -12.37 -54.36
C TYR A 167 1.27 -12.25 -54.87
N ALA A 168 0.35 -11.94 -53.94
CA ALA A 168 -1.00 -11.50 -54.28
C ALA A 168 -1.02 -10.10 -54.95
N VAL A 169 -1.99 -9.91 -55.82
CA VAL A 169 -2.27 -8.64 -56.46
C VAL A 169 -3.46 -7.97 -55.69
N PRO A 170 -3.13 -6.96 -54.91
CA PRO A 170 -4.18 -6.31 -54.08
C PRO A 170 -5.19 -5.53 -54.90
N GLY A 171 -6.32 -5.15 -54.28
CA GLY A 171 -7.40 -4.48 -54.96
C GLY A 171 -7.23 -2.98 -55.10
N LEU A 172 -6.12 -2.55 -55.72
CA LEU A 172 -5.91 -1.13 -56.01
C LEU A 172 -5.19 -1.07 -57.36
N TYR A 173 -5.77 -0.34 -58.28
CA TYR A 173 -5.33 -0.32 -59.68
C TYR A 173 -5.43 1.09 -60.24
N PHE A 174 -4.36 1.53 -60.93
CA PHE A 174 -4.38 2.82 -61.56
C PHE A 174 -4.19 2.63 -63.07
N TYR A 175 -5.04 3.26 -63.86
CA TYR A 175 -5.04 3.08 -65.32
C TYR A 175 -5.20 4.37 -66.04
N ASP A 176 -4.56 4.49 -67.19
CA ASP A 176 -4.95 5.50 -68.15
C ASP A 176 -6.33 5.21 -68.77
N ASN A 177 -6.76 6.12 -69.63
CA ASN A 177 -8.07 6.10 -70.20
C ASN A 177 -8.36 4.91 -71.12
N ASP A 178 -7.30 4.21 -71.58
CA ASP A 178 -7.42 3.02 -72.45
C ASP A 178 -8.14 1.85 -71.77
N VAL A 179 -8.21 1.88 -70.42
CA VAL A 179 -8.83 0.76 -69.70
C VAL A 179 -10.30 0.55 -70.10
N ILE A 180 -11.00 1.62 -70.43
CA ILE A 180 -12.43 1.53 -70.74
C ILE A 180 -12.66 0.61 -71.96
N GLU A 181 -11.93 0.88 -73.04
CA GLU A 181 -12.06 0.03 -74.23
C GLU A 181 -11.53 -1.36 -74.01
N ILE A 182 -10.44 -1.53 -73.25
CA ILE A 182 -9.99 -2.87 -72.90
C ILE A 182 -11.06 -3.67 -72.16
N ALA A 183 -11.68 -3.04 -71.15
CA ALA A 183 -12.78 -3.70 -70.40
C ALA A 183 -13.99 -4.04 -71.28
N ARG A 184 -14.40 -3.10 -72.12
CA ARG A 184 -15.48 -3.29 -73.08
C ARG A 184 -15.26 -4.48 -74.00
N GLY A 185 -14.01 -4.77 -74.35
CA GLY A 185 -13.68 -5.91 -75.22
C GLY A 185 -13.63 -7.27 -74.56
N LEU A 186 -13.70 -7.34 -73.23
CA LEU A 186 -13.48 -8.60 -72.57
C LEU A 186 -14.69 -9.49 -72.77
N LYS A 187 -14.43 -10.79 -72.76
CA LYS A 187 -15.43 -11.84 -72.56
C LYS A 187 -15.33 -12.43 -71.15
N LYS A 188 -16.39 -13.12 -70.73
CA LYS A 188 -16.43 -13.79 -69.43
C LYS A 188 -15.39 -14.89 -69.28
N SER A 189 -14.74 -14.96 -68.13
CA SER A 189 -13.74 -15.99 -67.89
C SER A 189 -14.42 -17.35 -67.70
N ALA A 190 -13.60 -18.38 -67.46
CA ALA A 190 -14.10 -19.71 -67.05
C ALA A 190 -15.00 -19.61 -65.81
N ARG A 191 -14.66 -18.66 -64.94
CA ARG A 191 -15.45 -18.36 -63.74
C ARG A 191 -16.83 -17.74 -64.05
N GLY A 192 -17.03 -17.21 -65.26
CA GLY A 192 -18.25 -16.49 -65.62
C GLY A 192 -18.23 -14.99 -65.35
N GLU A 193 -17.05 -14.40 -65.13
CA GLU A 193 -16.93 -12.95 -64.83
C GLU A 193 -15.92 -12.19 -65.72
N TYR A 194 -16.17 -10.90 -65.92
CA TYR A 194 -15.24 -10.01 -66.62
C TYR A 194 -14.17 -9.64 -65.62
N GLU A 195 -12.95 -10.19 -65.77
CA GLU A 195 -11.95 -10.23 -64.69
C GLU A 195 -11.02 -9.02 -64.74
N ILE A 196 -10.66 -8.51 -63.57
CA ILE A 196 -9.64 -7.46 -63.47
C ILE A 196 -8.28 -8.03 -63.92
N THR A 197 -8.07 -9.31 -63.64
CA THR A 197 -6.76 -9.94 -63.94
C THR A 197 -6.52 -9.91 -65.46
N GLU A 198 -7.59 -10.09 -66.22
CA GLU A 198 -7.48 -10.05 -67.68
C GLU A 198 -7.17 -8.64 -68.21
N VAL A 199 -7.77 -7.62 -67.57
CA VAL A 199 -7.45 -6.24 -67.90
C VAL A 199 -5.96 -6.01 -67.68
N ASN A 200 -5.43 -6.52 -66.57
CA ASN A 200 -4.03 -6.35 -66.25
C ASN A 200 -3.15 -7.12 -67.25
N GLN A 201 -3.62 -8.30 -67.65
CA GLN A 201 -2.93 -9.11 -68.70
C GLN A 201 -2.77 -8.35 -70.03
N VAL A 202 -3.78 -7.57 -70.42
CA VAL A 202 -3.75 -6.78 -71.63
C VAL A 202 -2.71 -5.69 -71.58
N TYR A 203 -2.62 -5.02 -70.44
CA TYR A 203 -1.56 -4.08 -70.26
C TYR A 203 -0.21 -4.75 -70.22
N LEU A 204 -0.12 -5.92 -69.59
CA LEU A 204 1.15 -6.65 -69.50
C LEU A 204 1.61 -7.11 -70.92
N ASN A 205 0.64 -7.58 -71.71
CA ASN A 205 0.91 -7.96 -73.14
C ASN A 205 1.51 -6.84 -73.95
N GLN A 206 1.15 -5.60 -73.58
CA GLN A 206 1.55 -4.42 -74.31
C GLN A 206 2.82 -3.78 -73.73
N GLY A 207 3.36 -4.39 -72.70
CA GLY A 207 4.52 -3.84 -72.00
C GLY A 207 4.22 -2.54 -71.24
N ARG A 208 2.97 -2.38 -70.84
CA ARG A 208 2.55 -1.15 -70.20
C ARG A 208 1.93 -1.37 -68.84
N LEU A 209 2.32 -2.44 -68.18
CA LEU A 209 1.91 -2.68 -66.80
C LEU A 209 3.09 -2.55 -65.87
N ALA A 210 3.00 -1.55 -64.99
CA ALA A 210 3.93 -1.40 -63.88
C ALA A 210 3.47 -2.17 -62.66
N VAL A 211 4.39 -2.82 -61.98
CA VAL A 211 4.08 -3.60 -60.76
C VAL A 211 5.01 -3.17 -59.63
N GLU A 212 4.44 -2.73 -58.50
CA GLU A 212 5.24 -2.43 -57.32
C GLU A 212 4.94 -3.31 -56.13
N VAL A 213 5.99 -3.90 -55.56
CA VAL A 213 5.82 -4.67 -54.34
C VAL A 213 5.56 -3.66 -53.23
N LEU A 214 4.55 -3.89 -52.42
CA LEU A 214 4.26 -2.93 -51.37
C LEU A 214 5.45 -2.80 -50.39
N ALA A 215 5.68 -1.59 -49.91
CA ALA A 215 6.82 -1.32 -49.03
C ALA A 215 6.90 -2.21 -47.77
N ARG A 216 8.11 -2.38 -47.26
CA ARG A 216 8.28 -3.13 -46.01
C ARG A 216 7.45 -2.45 -44.91
N GLY A 217 6.80 -3.26 -44.07
CA GLY A 217 5.96 -2.69 -43.00
C GLY A 217 4.52 -2.31 -43.37
N THR A 218 4.12 -2.55 -44.63
CA THR A 218 2.76 -2.29 -45.04
C THR A 218 1.84 -3.44 -44.62
N ALA A 219 0.59 -3.10 -44.32
CA ALA A 219 -0.45 -4.08 -44.13
C ALA A 219 -1.43 -4.01 -45.27
N TRP A 220 -1.82 -5.15 -45.78
CA TRP A 220 -2.85 -5.20 -46.76
C TRP A 220 -3.76 -6.29 -46.33
N LEU A 221 -5.07 -6.01 -46.39
CA LEU A 221 -6.13 -6.92 -46.00
C LEU A 221 -7.32 -6.94 -46.96
N ASP A 222 -7.90 -8.12 -47.14
CA ASP A 222 -9.17 -8.29 -47.80
C ASP A 222 -10.07 -8.89 -46.71
N THR A 223 -11.21 -8.27 -46.50
CA THR A 223 -12.07 -8.63 -45.38
C THR A 223 -13.23 -9.57 -45.71
N GLY A 224 -13.10 -10.32 -46.77
CA GLY A 224 -14.22 -11.10 -47.25
C GLY A 224 -14.48 -12.50 -46.70
N THR A 225 -13.88 -12.84 -45.54
CA THR A 225 -14.13 -14.08 -44.82
C THR A 225 -14.36 -13.69 -43.34
N PHE A 226 -14.99 -14.57 -42.60
CA PHE A 226 -15.21 -14.30 -41.19
C PHE A 226 -13.89 -13.99 -40.51
N ASP A 227 -12.86 -14.82 -40.75
CA ASP A 227 -11.57 -14.61 -40.11
C ASP A 227 -10.82 -13.36 -40.54
N SER A 228 -10.89 -13.01 -41.82
CA SER A 228 -10.15 -11.88 -42.29
C SER A 228 -10.82 -10.57 -41.90
N LEU A 229 -12.15 -10.59 -41.88
CA LEU A 229 -12.90 -9.43 -41.34
C LEU A 229 -12.54 -9.17 -39.88
N LEU A 230 -12.59 -10.21 -39.05
CA LEU A 230 -12.28 -10.01 -37.62
C LEU A 230 -10.81 -9.67 -37.33
N ASP A 231 -9.90 -10.35 -38.04
CA ASP A 231 -8.52 -9.99 -38.00
C ASP A 231 -8.26 -8.55 -38.33
N ALA A 232 -8.96 -8.03 -39.30
CA ALA A 232 -8.82 -6.64 -39.75
C ALA A 232 -9.27 -5.70 -38.62
N ALA A 233 -10.37 -6.01 -37.97
CA ALA A 233 -10.86 -5.16 -36.87
C ALA A 233 -9.87 -5.13 -35.71
N ASP A 234 -9.35 -6.31 -35.35
CA ASP A 234 -8.34 -6.44 -34.31
C ASP A 234 -7.10 -5.63 -34.64
N PHE A 235 -6.66 -5.66 -35.90
CA PHE A 235 -5.48 -4.87 -36.37
C PHE A 235 -5.73 -3.38 -36.15
N VAL A 236 -6.89 -2.88 -36.57
CA VAL A 236 -7.14 -1.46 -36.46
C VAL A 236 -7.22 -1.01 -35.00
N ARG A 237 -7.83 -1.84 -34.15
CA ARG A 237 -7.93 -1.46 -32.75
C ARG A 237 -6.54 -1.47 -32.10
N THR A 238 -5.73 -2.42 -32.47
CA THR A 238 -4.33 -2.52 -31.95
C THR A 238 -3.53 -1.26 -32.31
N LEU A 239 -3.69 -0.76 -33.53
CA LEU A 239 -3.00 0.47 -33.94
C LEU A 239 -3.38 1.63 -33.00
N GLU A 240 -4.66 1.70 -32.67
CA GLU A 240 -5.13 2.77 -31.77
C GLU A 240 -4.61 2.54 -30.36
N ARG A 241 -4.85 1.35 -29.83
CA ARG A 241 -4.46 1.08 -28.42
C ARG A 241 -2.99 1.15 -28.14
N ARG A 242 -2.19 0.61 -29.07
CA ARG A 242 -0.73 0.49 -28.85
C ARG A 242 0.10 1.66 -29.42
N GLN A 243 -0.37 2.26 -30.51
CA GLN A 243 0.38 3.34 -31.17
C GLN A 243 -0.36 4.68 -31.23
N GLY A 244 -1.56 4.75 -30.67
CA GLY A 244 -2.35 5.99 -30.61
C GLY A 244 -2.79 6.45 -32.00
N LEU A 245 -2.87 5.54 -32.96
CA LEU A 245 -3.25 5.94 -34.32
C LEU A 245 -4.67 5.56 -34.63
N LYS A 246 -5.41 6.50 -35.24
CA LYS A 246 -6.66 6.14 -35.90
C LYS A 246 -6.32 6.24 -37.38
N VAL A 247 -6.70 5.23 -38.13
CA VAL A 247 -6.34 5.13 -39.54
C VAL A 247 -7.54 5.18 -40.47
N SER A 248 -7.33 5.73 -41.67
CA SER A 248 -8.39 5.84 -42.68
C SER A 248 -9.65 6.54 -42.16
N ILE A 249 -9.41 7.67 -41.49
CA ILE A 249 -10.51 8.57 -41.04
C ILE A 249 -10.69 9.62 -42.13
N PRO A 250 -11.77 9.51 -42.92
CA PRO A 250 -11.87 10.42 -44.08
C PRO A 250 -11.99 11.91 -43.74
N GLU A 251 -12.65 12.21 -42.64
CA GLU A 251 -12.66 13.58 -42.18
C GLU A 251 -11.30 14.17 -41.95
N GLU A 252 -10.41 13.40 -41.33
CA GLU A 252 -9.03 13.83 -41.14
C GLU A 252 -8.31 14.08 -42.45
N VAL A 253 -8.44 13.13 -43.37
CA VAL A 253 -7.80 13.34 -44.64
C VAL A 253 -8.29 14.59 -45.39
N ALA A 254 -9.58 14.75 -45.45
CA ALA A 254 -10.15 15.93 -46.08
C ALA A 254 -9.65 17.21 -45.44
N TRP A 255 -9.61 17.23 -44.10
CA TRP A 255 -9.18 18.41 -43.39
C TRP A 255 -7.68 18.64 -43.68
N ARG A 256 -6.87 17.59 -43.62
CA ARG A 256 -5.44 17.68 -43.99
C ARG A 256 -5.18 18.13 -45.45
N MET A 257 -6.07 17.79 -46.36
CA MET A 257 -5.94 18.29 -47.74
C MET A 257 -6.43 19.69 -47.98
N GLY A 258 -7.05 20.32 -46.97
CA GLY A 258 -7.69 21.62 -47.18
C GLY A 258 -9.04 21.58 -47.82
N TRP A 259 -9.62 20.38 -47.95
CA TRP A 259 -10.90 20.27 -48.58
C TRP A 259 -12.05 20.67 -47.67
N ILE A 260 -11.87 20.48 -46.37
CA ILE A 260 -12.81 21.08 -45.41
C ILE A 260 -12.00 21.86 -44.43
N ASP A 261 -12.62 22.87 -43.81
CA ASP A 261 -11.93 23.74 -42.86
C ASP A 261 -12.18 23.37 -41.37
N ASP A 262 -11.57 24.11 -40.45
CA ASP A 262 -11.69 23.79 -39.02
C ASP A 262 -13.16 23.75 -38.57
N GLU A 263 -13.94 24.73 -38.97
CA GLU A 263 -15.30 24.82 -38.48
CA GLU A 263 -15.35 24.85 -38.58
C GLU A 263 -16.12 23.63 -39.06
N GLN A 264 -15.79 23.20 -40.28
CA GLN A 264 -16.46 22.03 -40.82
C GLN A 264 -16.05 20.78 -40.08
N LEU A 265 -14.75 20.66 -39.73
CA LEU A 265 -14.28 19.52 -38.95
C LEU A 265 -15.00 19.47 -37.61
N VAL A 266 -15.14 20.61 -36.97
CA VAL A 266 -15.96 20.65 -35.76
C VAL A 266 -17.39 20.13 -35.96
N GLN A 267 -18.07 20.52 -37.03
CA GLN A 267 -19.37 20.00 -37.30
C GLN A 267 -19.38 18.47 -37.42
N ARG A 268 -18.39 17.92 -38.10
CA ARG A 268 -18.26 16.45 -38.24
CA ARG A 268 -18.31 16.46 -38.25
C ARG A 268 -18.06 15.82 -36.86
N ALA A 269 -17.17 16.42 -36.06
CA ALA A 269 -16.93 15.91 -34.72
C ALA A 269 -18.21 15.86 -33.88
N ARG A 270 -18.96 16.95 -33.97
CA ARG A 270 -20.19 17.07 -33.21
C ARG A 270 -21.22 16.08 -33.64
N ALA A 271 -21.27 15.72 -34.91
CA ALA A 271 -22.16 14.69 -35.38
C ALA A 271 -21.84 13.26 -34.86
N LEU A 272 -20.63 13.04 -34.35
CA LEU A 272 -20.07 11.71 -34.14
C LEU A 272 -19.49 11.56 -32.75
N VAL A 273 -20.02 12.31 -31.82
CA VAL A 273 -19.35 12.37 -30.56
C VAL A 273 -19.71 11.23 -29.59
N LYS A 274 -20.92 10.65 -29.69
CA LYS A 274 -21.35 9.66 -28.70
C LYS A 274 -20.53 8.35 -28.74
N SER A 275 -19.90 8.08 -29.88
CA SER A 275 -19.20 6.82 -30.10
C SER A 275 -17.75 6.91 -29.69
N GLY A 276 -17.26 8.14 -29.51
CA GLY A 276 -15.86 8.34 -29.39
C GLY A 276 -15.12 8.76 -30.65
N TYR A 277 -15.72 8.54 -31.83
CA TYR A 277 -15.01 8.81 -33.08
C TYR A 277 -14.82 10.34 -33.22
N GLY A 278 -15.87 11.09 -32.84
CA GLY A 278 -15.81 12.55 -32.90
C GLY A 278 -14.77 13.13 -31.97
N ASN A 279 -14.49 12.49 -30.83
CA ASN A 279 -13.44 13.00 -29.93
C ASN A 279 -12.06 13.04 -30.57
N TYR A 280 -11.74 12.03 -31.39
CA TYR A 280 -10.50 12.05 -32.15
C TYR A 280 -10.40 13.27 -33.09
N LEU A 281 -11.52 13.61 -33.75
CA LEU A 281 -11.54 14.69 -34.67
C LEU A 281 -11.32 15.99 -33.88
N LEU A 282 -11.91 16.12 -32.70
CA LEU A 282 -11.65 17.33 -31.88
C LEU A 282 -10.19 17.43 -31.46
N GLU A 283 -9.63 16.31 -31.03
CA GLU A 283 -8.21 16.20 -30.70
C GLU A 283 -7.27 16.62 -31.84
N LEU A 284 -7.70 16.48 -33.11
CA LEU A 284 -6.88 16.99 -34.24
C LEU A 284 -6.66 18.48 -34.20
N LEU A 285 -7.70 19.20 -33.79
CA LEU A 285 -7.63 20.66 -33.72
C LEU A 285 -6.78 21.13 -32.55
N GLU A 286 -6.81 20.37 -31.45
CA GLU A 286 -5.73 20.25 -30.45
C GLU A 286 -6.23 20.31 -29.02
N MET B 1 -46.42 -18.64 -25.02
CA MET B 1 -45.63 -17.36 -24.85
C MET B 1 -45.24 -16.87 -26.23
N ARG B 2 -45.37 -15.57 -26.45
CA ARG B 2 -44.95 -14.90 -27.69
CA ARG B 2 -44.91 -15.00 -27.71
C ARG B 2 -43.62 -14.20 -27.48
N GLY B 3 -42.89 -13.92 -28.58
CA GLY B 3 -41.61 -13.27 -28.46
C GLY B 3 -41.54 -11.98 -29.26
N ILE B 4 -40.79 -11.01 -28.73
CA ILE B 4 -40.52 -9.74 -29.40
C ILE B 4 -39.02 -9.48 -29.30
N ILE B 5 -38.42 -9.09 -30.43
CA ILE B 5 -37.06 -8.58 -30.43
C ILE B 5 -37.11 -7.09 -30.74
N LEU B 6 -36.51 -6.28 -29.90
CA LEU B 6 -36.41 -4.87 -30.18
C LEU B 6 -35.13 -4.66 -30.99
N ALA B 7 -35.32 -4.30 -32.25
CA ALA B 7 -34.20 -4.25 -33.21
C ALA B 7 -34.18 -2.94 -33.99
N GLY B 8 -34.79 -1.89 -33.42
CA GLY B 8 -34.70 -0.54 -33.93
C GLY B 8 -33.56 0.21 -33.27
N GLY B 9 -33.81 1.44 -32.82
CA GLY B 9 -32.77 2.28 -32.25
C GLY B 9 -31.99 2.99 -33.34
N SER B 10 -31.38 4.09 -32.94
CA SER B 10 -30.53 4.88 -33.81
C SER B 10 -29.10 4.43 -33.88
N GLY B 11 -28.60 3.77 -32.84
CA GLY B 11 -27.24 3.29 -32.85
C GLY B 11 -26.20 4.40 -32.76
N THR B 12 -26.54 5.52 -32.09
CA THR B 12 -25.61 6.67 -32.02
C THR B 12 -24.25 6.34 -31.44
N ARG B 13 -24.18 5.40 -30.49
CA ARG B 13 -22.92 5.06 -29.84
C ARG B 13 -22.00 4.27 -30.77
N LEU B 14 -22.48 3.90 -31.96
CA LEU B 14 -21.60 3.21 -32.94
C LEU B 14 -21.41 4.05 -34.20
N TYR B 15 -21.84 5.31 -34.18
CA TYR B 15 -21.61 6.15 -35.38
C TYR B 15 -20.11 6.28 -35.63
N PRO B 16 -19.65 6.22 -36.91
CA PRO B 16 -20.43 6.26 -38.12
C PRO B 16 -20.81 4.89 -38.66
N ILE B 17 -20.42 3.82 -37.98
CA ILE B 17 -20.80 2.47 -38.46
C ILE B 17 -22.31 2.40 -38.74
N THR B 18 -23.09 2.78 -37.74
CA THR B 18 -24.52 2.68 -37.81
C THR B 18 -25.25 3.80 -38.53
N MET B 19 -24.50 4.70 -39.17
CA MET B 19 -25.08 5.53 -40.20
C MET B 19 -25.43 4.75 -41.48
N GLY B 20 -24.81 3.59 -41.67
CA GLY B 20 -24.97 2.77 -42.92
C GLY B 20 -25.57 1.36 -42.73
N ILE B 21 -25.78 0.93 -41.48
CA ILE B 21 -26.21 -0.44 -41.14
C ILE B 21 -26.86 -0.36 -39.72
N SER B 22 -27.95 -1.06 -39.51
CA SER B 22 -28.53 -1.21 -38.16
C SER B 22 -27.57 -1.97 -37.30
N LYS B 23 -27.45 -1.54 -36.04
CA LYS B 23 -26.69 -2.29 -35.08
C LYS B 23 -27.08 -3.80 -35.08
N GLN B 24 -28.34 -4.09 -35.31
CA GLN B 24 -28.78 -5.47 -35.20
C GLN B 24 -28.45 -6.31 -36.46
N LEU B 25 -27.83 -5.70 -37.46
CA LEU B 25 -27.35 -6.43 -38.66
C LEU B 25 -25.84 -6.49 -38.73
N LEU B 26 -25.17 -5.96 -37.71
CA LEU B 26 -23.71 -6.07 -37.56
C LEU B 26 -23.23 -7.52 -37.44
N PRO B 27 -22.04 -7.76 -37.99
CA PRO B 27 -21.40 -9.05 -37.83
C PRO B 27 -20.93 -9.27 -36.40
N VAL B 28 -21.21 -10.44 -35.86
CA VAL B 28 -20.52 -10.91 -34.67
C VAL B 28 -19.89 -12.25 -35.04
N TYR B 29 -18.69 -12.14 -35.64
CA TYR B 29 -17.88 -13.24 -36.11
C TYR B 29 -18.47 -13.91 -37.35
N ASP B 30 -19.45 -14.81 -37.15
CA ASP B 30 -19.88 -15.71 -38.24
C ASP B 30 -21.37 -15.56 -38.55
N LYS B 31 -22.02 -14.53 -38.00
CA LYS B 31 -23.46 -14.38 -38.18
C LYS B 31 -23.89 -12.97 -37.80
N PRO B 32 -25.07 -12.54 -38.28
CA PRO B 32 -25.49 -11.20 -37.85
C PRO B 32 -25.91 -11.14 -36.41
N MET B 33 -25.79 -9.95 -35.87
CA MET B 33 -26.17 -9.65 -34.47
C MET B 33 -27.53 -10.21 -34.10
N ILE B 34 -28.51 -9.97 -34.95
CA ILE B 34 -29.87 -10.40 -34.69
C ILE B 34 -30.05 -11.89 -34.43
N TYR B 35 -29.18 -12.73 -35.01
CA TYR B 35 -29.29 -14.17 -34.77
C TYR B 35 -29.17 -14.55 -33.26
N TYR B 36 -28.44 -13.77 -32.47
CA TYR B 36 -28.24 -14.14 -31.06
C TYR B 36 -29.57 -14.01 -30.27
N PRO B 37 -30.17 -12.81 -30.25
CA PRO B 37 -31.48 -12.70 -29.56
C PRO B 37 -32.57 -13.58 -30.18
N LEU B 38 -32.57 -13.75 -31.51
CA LEU B 38 -33.53 -14.62 -32.15
C LEU B 38 -33.39 -16.05 -31.63
N THR B 39 -32.13 -16.56 -31.58
CA THR B 39 -31.89 -17.92 -31.12
C THR B 39 -32.25 -18.08 -29.62
N THR B 40 -31.99 -17.06 -28.84
CA THR B 40 -32.44 -17.05 -27.43
C THR B 40 -33.97 -17.32 -27.37
N LEU B 41 -34.80 -16.59 -28.11
CA LEU B 41 -36.23 -16.81 -28.13
C LEU B 41 -36.57 -18.21 -28.56
N MET B 42 -35.91 -18.67 -29.62
CA MET B 42 -36.17 -20.00 -30.15
C MET B 42 -35.83 -21.06 -29.12
N MET B 43 -34.75 -20.87 -28.37
CA MET B 43 -34.38 -21.85 -27.36
C MET B 43 -35.33 -21.88 -26.18
N ALA B 44 -35.99 -20.76 -25.95
CA ALA B 44 -37.10 -20.72 -24.97
C ALA B 44 -38.36 -21.39 -25.48
N GLY B 45 -38.33 -21.92 -26.71
CA GLY B 45 -39.47 -22.63 -27.26
C GLY B 45 -40.46 -21.73 -27.97
N ILE B 46 -40.07 -20.49 -28.29
CA ILE B 46 -40.98 -19.52 -28.86
C ILE B 46 -40.83 -19.51 -30.38
N ARG B 47 -41.94 -19.73 -31.08
CA ARG B 47 -41.97 -19.75 -32.57
C ARG B 47 -42.72 -18.57 -33.17
N ASP B 48 -43.46 -17.83 -32.36
CA ASP B 48 -44.18 -16.69 -32.88
C ASP B 48 -43.50 -15.42 -32.45
N ILE B 49 -42.71 -14.87 -33.36
CA ILE B 49 -41.73 -13.84 -33.01
C ILE B 49 -41.99 -12.58 -33.81
N GLN B 50 -42.00 -11.44 -33.13
CA GLN B 50 -42.18 -10.15 -33.77
C GLN B 50 -40.87 -9.44 -33.67
N LEU B 51 -40.41 -8.97 -34.82
CA LEU B 51 -39.26 -8.12 -34.94
C LEU B 51 -39.72 -6.69 -35.06
N ILE B 52 -39.21 -5.81 -34.19
CA ILE B 52 -39.48 -4.40 -34.29
C ILE B 52 -38.22 -3.69 -34.82
N THR B 53 -38.35 -2.99 -35.95
CA THR B 53 -37.20 -2.31 -36.54
C THR B 53 -37.52 -0.86 -36.79
N THR B 54 -36.51 -0.09 -37.19
CA THR B 54 -36.82 1.20 -37.78
C THR B 54 -37.48 1.06 -39.13
N PRO B 55 -38.17 2.11 -39.61
CA PRO B 55 -38.74 1.91 -40.96
C PRO B 55 -37.67 1.78 -42.08
N HIS B 56 -36.62 2.57 -41.99
CA HIS B 56 -35.58 2.54 -43.03
C HIS B 56 -34.71 1.28 -43.04
N ASP B 57 -34.52 0.66 -41.88
CA ASP B 57 -33.72 -0.54 -41.81
C ASP B 57 -34.51 -1.80 -42.15
N ALA B 58 -35.83 -1.74 -42.23
CA ALA B 58 -36.60 -2.97 -42.36
C ALA B 58 -36.18 -3.88 -43.53
N PRO B 59 -35.88 -3.31 -44.71
CA PRO B 59 -35.66 -4.19 -45.84
C PRO B 59 -34.52 -5.17 -45.63
N GLY B 60 -33.47 -4.74 -44.93
CA GLY B 60 -32.34 -5.59 -44.63
C GLY B 60 -32.72 -6.79 -43.79
N PHE B 61 -33.58 -6.59 -42.80
CA PHE B 61 -34.06 -7.70 -42.02
C PHE B 61 -34.86 -8.69 -42.83
N HIS B 62 -35.74 -8.20 -43.70
CA HIS B 62 -36.51 -9.05 -44.59
C HIS B 62 -35.58 -9.84 -45.53
N ARG B 63 -34.53 -9.19 -46.02
CA ARG B 63 -33.62 -9.91 -46.90
C ARG B 63 -32.96 -11.07 -46.15
N LEU B 64 -32.56 -10.82 -44.90
CA LEU B 64 -31.94 -11.83 -44.09
C LEU B 64 -32.86 -12.98 -43.68
N LEU B 65 -34.03 -12.64 -43.14
CA LEU B 65 -34.84 -13.59 -42.38
C LEU B 65 -36.05 -14.07 -43.17
N GLY B 66 -36.44 -13.28 -44.18
CA GLY B 66 -37.63 -13.58 -45.00
C GLY B 66 -38.83 -13.82 -44.15
N ASP B 67 -39.46 -14.97 -44.38
CA ASP B 67 -40.65 -15.33 -43.65
C ASP B 67 -40.34 -16.29 -42.52
N GLY B 68 -39.06 -16.57 -42.27
CA GLY B 68 -38.72 -17.38 -41.11
C GLY B 68 -38.98 -18.87 -41.21
N ALA B 69 -39.60 -19.31 -42.27
CA ALA B 69 -40.02 -20.73 -42.41
C ALA B 69 -38.81 -21.65 -42.47
N HIS B 70 -37.70 -21.19 -43.03
CA HIS B 70 -36.47 -21.96 -43.01
C HIS B 70 -35.87 -22.26 -41.62
N LEU B 71 -36.31 -21.49 -40.61
CA LEU B 71 -35.93 -21.65 -39.21
C LEU B 71 -37.09 -22.24 -38.37
N GLY B 72 -38.16 -22.65 -39.04
CA GLY B 72 -39.36 -23.15 -38.34
C GLY B 72 -40.12 -22.19 -37.46
N VAL B 73 -39.98 -20.89 -37.75
CA VAL B 73 -40.63 -19.85 -36.98
C VAL B 73 -41.52 -18.93 -37.83
N ASN B 74 -42.42 -18.23 -37.16
CA ASN B 74 -43.26 -17.27 -37.81
C ASN B 74 -42.79 -15.88 -37.44
N ILE B 75 -42.42 -15.07 -38.43
CA ILE B 75 -41.91 -13.70 -38.16
C ILE B 75 -42.88 -12.64 -38.57
N SER B 76 -43.26 -11.83 -37.59
CA SER B 76 -44.13 -10.69 -37.78
C SER B 76 -43.23 -9.50 -37.81
N TYR B 77 -43.35 -8.63 -38.79
CA TYR B 77 -42.49 -7.43 -38.81
C TYR B 77 -43.29 -6.18 -38.43
N ALA B 78 -42.76 -5.42 -37.48
CA ALA B 78 -43.36 -4.15 -37.08
C ALA B 78 -42.30 -3.09 -37.18
N THR B 79 -42.73 -1.84 -37.35
CA THR B 79 -41.79 -0.74 -37.32
C THR B 79 -42.13 0.22 -36.18
N GLN B 80 -41.11 0.93 -35.72
CA GLN B 80 -41.27 1.91 -34.64
C GLN B 80 -40.94 3.23 -35.29
N ASP B 81 -41.82 4.23 -35.12
CA ASP B 81 -41.67 5.49 -35.85
C ASP B 81 -40.44 6.28 -35.40
N GLN B 82 -40.21 6.34 -34.09
CA GLN B 82 -39.04 6.99 -33.50
C GLN B 82 -38.58 6.13 -32.39
N PRO B 83 -37.30 6.17 -32.04
CA PRO B 83 -36.81 5.34 -30.95
C PRO B 83 -37.09 5.90 -29.54
N ASP B 84 -38.36 5.85 -29.17
CA ASP B 84 -38.95 6.44 -27.93
C ASP B 84 -38.82 5.62 -26.66
N GLY B 85 -38.22 4.43 -26.73
CA GLY B 85 -37.91 3.66 -25.56
C GLY B 85 -38.34 2.23 -25.65
N LEU B 86 -37.74 1.43 -24.80
CA LEU B 86 -37.90 -0.02 -24.80
C LEU B 86 -39.30 -0.44 -24.48
N ALA B 87 -39.99 0.26 -23.57
CA ALA B 87 -41.34 -0.21 -23.15
C ALA B 87 -42.37 -0.08 -24.24
N GLN B 88 -42.05 0.67 -25.29
CA GLN B 88 -42.93 0.77 -26.40
C GLN B 88 -43.06 -0.55 -27.15
N ALA B 89 -42.18 -1.51 -26.85
CA ALA B 89 -42.29 -2.85 -27.44
C ALA B 89 -43.66 -3.43 -27.15
N PHE B 90 -44.20 -3.17 -25.96
CA PHE B 90 -45.43 -3.83 -25.56
C PHE B 90 -46.68 -3.16 -26.10
N VAL B 91 -46.54 -1.93 -26.59
CA VAL B 91 -47.58 -1.18 -27.22
C VAL B 91 -47.64 -1.60 -28.72
N ILE B 92 -46.50 -1.48 -29.38
CA ILE B 92 -46.33 -1.85 -30.79
C ILE B 92 -46.73 -3.29 -30.91
N GLY B 93 -46.28 -4.09 -29.95
CA GLY B 93 -46.46 -5.52 -29.93
C GLY B 93 -47.72 -6.03 -29.26
N ALA B 94 -48.60 -5.13 -28.81
CA ALA B 94 -49.85 -5.57 -28.14
C ALA B 94 -50.70 -6.60 -28.93
N ASN B 95 -50.93 -6.35 -30.21
CA ASN B 95 -51.73 -7.24 -31.05
C ASN B 95 -51.04 -8.61 -31.22
N HIS B 96 -49.75 -8.57 -31.51
CA HIS B 96 -48.90 -9.76 -31.53
C HIS B 96 -49.02 -10.62 -30.27
N ILE B 97 -48.94 -10.00 -29.12
CA ILE B 97 -48.92 -10.71 -27.85
C ILE B 97 -50.30 -11.32 -27.56
N GLY B 98 -51.34 -10.59 -27.91
CA GLY B 98 -52.72 -11.02 -27.65
C GLY B 98 -52.96 -11.17 -26.14
N ALA B 99 -53.37 -12.39 -25.74
CA ALA B 99 -53.67 -12.73 -24.34
C ALA B 99 -52.53 -13.52 -23.70
N ASP B 100 -51.40 -13.66 -24.41
CA ASP B 100 -50.35 -14.55 -23.98
C ASP B 100 -49.34 -13.79 -23.12
N SER B 101 -48.48 -14.57 -22.49
CA SER B 101 -47.26 -14.04 -21.90
C SER B 101 -46.27 -13.67 -23.02
N VAL B 102 -45.19 -13.03 -22.66
CA VAL B 102 -44.27 -12.57 -23.67
C VAL B 102 -42.85 -12.56 -23.17
N ALA B 103 -41.90 -12.85 -24.07
CA ALA B 103 -40.50 -12.70 -23.80
C ALA B 103 -40.04 -11.52 -24.64
N LEU B 104 -39.37 -10.57 -24.02
CA LEU B 104 -38.75 -9.47 -24.76
C LEU B 104 -37.25 -9.64 -24.70
N VAL B 105 -36.56 -9.56 -25.86
CA VAL B 105 -35.12 -9.63 -25.89
C VAL B 105 -34.61 -8.42 -26.69
N LEU B 106 -33.52 -7.85 -26.20
CA LEU B 106 -32.91 -6.69 -26.83
C LEU B 106 -32.03 -7.17 -28.01
N GLY B 107 -32.11 -6.45 -29.11
CA GLY B 107 -31.44 -6.86 -30.36
C GLY B 107 -29.96 -6.88 -30.34
N ASP B 108 -29.33 -6.12 -29.43
CA ASP B 108 -27.87 -6.04 -29.26
C ASP B 108 -27.26 -6.88 -28.14
N ASN B 109 -28.01 -7.84 -27.60
CA ASN B 109 -27.60 -8.65 -26.50
C ASN B 109 -27.29 -10.09 -26.90
N ILE B 110 -26.21 -10.58 -26.36
CA ILE B 110 -25.80 -11.98 -26.42
C ILE B 110 -25.82 -12.65 -25.05
N PHE B 111 -26.57 -13.74 -24.96
CA PHE B 111 -26.56 -14.59 -23.80
C PHE B 111 -25.94 -15.95 -24.17
N TYR B 112 -24.96 -16.39 -23.40
CA TYR B 112 -24.35 -17.68 -23.62
C TYR B 112 -24.03 -18.38 -22.33
N GLY B 113 -24.41 -19.66 -22.25
CA GLY B 113 -23.88 -20.55 -21.23
C GLY B 113 -24.97 -21.27 -20.47
N PRO B 114 -24.58 -21.89 -19.34
CA PRO B 114 -25.58 -22.69 -18.60
C PRO B 114 -26.79 -21.90 -18.16
N GLY B 115 -27.95 -22.48 -18.37
CA GLY B 115 -29.22 -21.86 -18.15
C GLY B 115 -29.79 -20.91 -19.18
N LEU B 116 -29.05 -20.69 -20.28
CA LEU B 116 -29.42 -19.70 -21.29
C LEU B 116 -29.67 -20.40 -22.61
N GLY B 117 -29.89 -21.72 -22.57
CA GLY B 117 -30.28 -22.47 -23.75
C GLY B 117 -31.71 -22.95 -23.68
N THR B 118 -31.91 -24.21 -24.03
CA THR B 118 -33.25 -24.78 -24.04
C THR B 118 -33.93 -24.84 -22.66
N SER B 119 -33.18 -24.74 -21.58
CA SER B 119 -33.79 -24.67 -20.26
C SER B 119 -34.60 -23.37 -20.05
N LEU B 120 -34.39 -22.37 -20.90
CA LEU B 120 -35.24 -21.14 -20.87
C LEU B 120 -36.74 -21.39 -21.03
N LYS B 121 -37.13 -22.52 -21.61
CA LYS B 121 -38.54 -22.86 -21.73
C LYS B 121 -39.27 -22.85 -20.40
N ARG B 122 -38.52 -22.90 -19.30
CA ARG B 122 -39.13 -22.88 -17.95
C ARG B 122 -39.84 -21.57 -17.67
N PHE B 123 -39.53 -20.55 -18.45
CA PHE B 123 -40.19 -19.24 -18.27
C PHE B 123 -41.52 -19.10 -18.99
N GLN B 124 -41.92 -20.07 -19.82
CA GLN B 124 -43.18 -19.94 -20.58
C GLN B 124 -44.40 -19.80 -19.65
N SER B 125 -44.32 -20.40 -18.47
CA SER B 125 -45.43 -20.40 -17.50
C SER B 125 -45.37 -19.17 -16.57
N ILE B 126 -44.59 -18.17 -16.92
CA ILE B 126 -44.39 -17.01 -16.06
C ILE B 126 -45.69 -16.38 -15.52
N SER B 127 -45.66 -16.10 -14.22
CA SER B 127 -46.65 -15.24 -13.58
C SER B 127 -45.88 -14.08 -12.98
N GLY B 128 -46.35 -12.87 -13.25
CA GLY B 128 -45.60 -11.66 -12.93
C GLY B 128 -44.49 -11.42 -13.95
N GLY B 129 -43.33 -11.02 -13.49
CA GLY B 129 -42.18 -10.74 -14.36
C GLY B 129 -40.97 -11.54 -13.86
N ALA B 130 -40.06 -11.84 -14.79
CA ALA B 130 -38.81 -12.49 -14.46
C ALA B 130 -37.70 -11.81 -15.28
N ILE B 131 -36.68 -11.34 -14.56
CA ILE B 131 -35.53 -10.69 -15.10
C ILE B 131 -34.27 -11.29 -14.50
N PHE B 132 -33.11 -10.81 -14.93
CA PHE B 132 -31.83 -11.36 -14.59
C PHE B 132 -30.86 -10.31 -14.06
N ALA B 133 -29.76 -10.81 -13.55
CA ALA B 133 -28.70 -9.99 -12.94
C ALA B 133 -27.34 -10.57 -13.33
N TYR B 134 -26.38 -9.70 -13.61
CA TYR B 134 -25.07 -10.13 -14.05
C TYR B 134 -24.04 -9.13 -13.54
N TRP B 135 -23.08 -9.64 -12.76
CA TRP B 135 -22.05 -8.81 -12.17
C TRP B 135 -21.22 -8.15 -13.25
N VAL B 136 -21.08 -6.83 -13.15
CA VAL B 136 -20.23 -6.06 -14.02
C VAL B 136 -19.36 -5.10 -13.23
N ALA B 137 -18.25 -4.71 -13.84
CA ALA B 137 -17.31 -3.78 -13.19
C ALA B 137 -17.86 -2.35 -13.20
N ASN B 138 -18.72 -2.08 -14.18
CA ASN B 138 -19.17 -0.73 -14.49
C ASN B 138 -20.71 -0.63 -14.49
N PRO B 139 -21.35 -0.83 -13.33
CA PRO B 139 -22.81 -0.96 -13.35
C PRO B 139 -23.51 0.30 -13.74
N SER B 140 -22.90 1.47 -13.51
CA SER B 140 -23.43 2.74 -14.05
C SER B 140 -23.88 2.75 -15.47
N ALA B 141 -23.28 1.90 -16.29
CA ALA B 141 -23.57 1.86 -17.70
C ALA B 141 -24.89 1.14 -18.08
N TYR B 142 -25.57 0.50 -17.11
CA TYR B 142 -26.70 -0.39 -17.36
C TYR B 142 -27.86 -0.12 -16.44
N GLY B 143 -28.99 -0.81 -16.66
CA GLY B 143 -29.98 -0.94 -15.57
C GLY B 143 -29.35 -1.73 -14.45
N VAL B 144 -29.65 -1.38 -13.19
CA VAL B 144 -28.96 -1.96 -12.04
C VAL B 144 -30.00 -2.45 -11.06
N VAL B 145 -29.78 -3.67 -10.57
CA VAL B 145 -30.66 -4.27 -9.55
C VAL B 145 -29.90 -4.47 -8.25
N GLU B 146 -30.49 -3.93 -7.19
CA GLU B 146 -29.97 -4.07 -5.85
C GLU B 146 -30.80 -5.14 -5.13
N PHE B 147 -30.10 -6.01 -4.39
CA PHE B 147 -30.75 -7.08 -3.63
C PHE B 147 -30.76 -6.65 -2.18
N GLY B 148 -31.79 -7.06 -1.46
CA GLY B 148 -31.84 -6.85 -0.01
C GLY B 148 -31.13 -7.93 0.76
N ALA B 149 -30.98 -7.69 2.06
CA ALA B 149 -30.32 -8.61 3.00
C ALA B 149 -30.83 -10.02 2.87
N GLU B 150 -32.12 -10.16 2.54
CA GLU B 150 -32.75 -11.48 2.35
C GLU B 150 -32.56 -12.05 0.94
N GLY B 151 -31.81 -11.35 0.07
CA GLY B 151 -31.46 -11.88 -1.26
C GLY B 151 -32.51 -11.65 -2.34
N MET B 152 -33.59 -10.95 -2.02
CA MET B 152 -34.62 -10.62 -3.00
C MET B 152 -34.33 -9.22 -3.60
N ALA B 153 -34.91 -8.94 -4.75
CA ALA B 153 -34.70 -7.64 -5.38
C ALA B 153 -35.26 -6.58 -4.46
N LEU B 154 -34.55 -5.46 -4.36
CA LEU B 154 -34.94 -4.35 -3.50
C LEU B 154 -35.16 -3.07 -4.28
N SER B 155 -34.29 -2.75 -5.24
CA SER B 155 -34.52 -1.60 -6.08
C SER B 155 -33.95 -1.80 -7.48
N LEU B 156 -34.43 -0.96 -8.38
CA LEU B 156 -34.07 -0.98 -9.82
C LEU B 156 -33.86 0.46 -10.21
N GLU B 157 -32.75 0.74 -10.89
CA GLU B 157 -32.45 2.09 -11.38
C GLU B 157 -31.75 1.98 -12.74
N GLU B 158 -32.13 2.83 -13.67
CA GLU B 158 -31.55 2.83 -15.00
C GLU B 158 -30.35 3.73 -15.00
N LYS B 159 -29.17 3.14 -15.18
CA LYS B 159 -27.94 3.89 -15.35
C LYS B 159 -27.69 4.91 -14.23
N PRO B 160 -27.69 4.43 -12.96
CA PRO B 160 -27.51 5.30 -11.81
C PRO B 160 -26.12 5.89 -11.74
N VAL B 161 -26.02 7.15 -11.37
CA VAL B 161 -24.73 7.75 -11.12
C VAL B 161 -24.03 7.07 -9.97
N THR B 162 -24.78 6.62 -8.97
CA THR B 162 -24.22 5.95 -7.82
C THR B 162 -24.89 4.58 -7.72
N PRO B 163 -24.31 3.57 -8.40
CA PRO B 163 -25.04 2.29 -8.35
C PRO B 163 -25.12 1.70 -6.95
N LYS B 164 -26.24 1.06 -6.64
CA LYS B 164 -26.41 0.43 -5.35
C LYS B 164 -25.94 -1.02 -5.34
N SER B 165 -25.51 -1.52 -6.49
CA SER B 165 -24.83 -2.79 -6.56
C SER B 165 -23.99 -2.85 -7.84
N ASN B 166 -23.33 -3.97 -8.05
CA ASN B 166 -22.67 -4.24 -9.32
C ASN B 166 -23.47 -5.13 -10.27
N TYR B 167 -24.74 -5.36 -9.99
CA TYR B 167 -25.53 -6.21 -10.85
C TYR B 167 -26.29 -5.46 -11.94
N ALA B 168 -25.84 -5.59 -13.20
CA ALA B 168 -26.56 -5.06 -14.34
C ALA B 168 -27.76 -5.97 -14.59
N VAL B 169 -28.82 -5.39 -15.12
CA VAL B 169 -30.00 -6.11 -15.58
C VAL B 169 -29.89 -6.27 -17.10
N PRO B 170 -29.58 -7.49 -17.53
CA PRO B 170 -29.47 -7.72 -18.98
C PRO B 170 -30.79 -7.61 -19.75
N GLY B 171 -30.65 -7.59 -21.09
CA GLY B 171 -31.77 -7.34 -21.99
C GLY B 171 -32.57 -8.58 -22.35
N LEU B 172 -33.06 -9.30 -21.33
CA LEU B 172 -33.98 -10.42 -21.54
C LEU B 172 -35.00 -10.38 -20.44
N TYR B 173 -36.27 -10.32 -20.81
CA TYR B 173 -37.36 -10.14 -19.84
C TYR B 173 -38.55 -11.03 -20.14
N PHE B 174 -39.10 -11.70 -19.11
CA PHE B 174 -40.26 -12.54 -19.28
C PHE B 174 -41.42 -11.94 -18.47
N TYR B 175 -42.58 -11.79 -19.10
CA TYR B 175 -43.74 -11.20 -18.42
C TYR B 175 -45.01 -11.93 -18.75
N ASP B 176 -45.94 -11.85 -17.79
CA ASP B 176 -47.32 -12.26 -18.06
C ASP B 176 -48.03 -11.20 -18.88
N ASN B 177 -49.29 -11.46 -19.20
CA ASN B 177 -50.05 -10.60 -20.07
C ASN B 177 -50.32 -9.17 -19.55
N ASP B 178 -50.20 -8.93 -18.23
CA ASP B 178 -50.41 -7.62 -17.64
C ASP B 178 -49.42 -6.59 -18.08
N VAL B 179 -48.31 -7.00 -18.69
CA VAL B 179 -47.31 -6.07 -19.15
C VAL B 179 -47.83 -5.04 -20.14
N ILE B 180 -48.82 -5.40 -20.95
CA ILE B 180 -49.33 -4.50 -21.99
C ILE B 180 -49.97 -3.26 -21.31
N GLU B 181 -50.82 -3.53 -20.33
CA GLU B 181 -51.49 -2.42 -19.66
C GLU B 181 -50.52 -1.60 -18.82
N ILE B 182 -49.58 -2.29 -18.18
CA ILE B 182 -48.53 -1.61 -17.46
C ILE B 182 -47.78 -0.68 -18.36
N ALA B 183 -47.31 -1.18 -19.52
CA ALA B 183 -46.57 -0.34 -20.45
C ALA B 183 -47.42 0.80 -20.99
N ARG B 184 -48.70 0.55 -21.20
CA ARG B 184 -49.63 1.59 -21.66
C ARG B 184 -49.74 2.77 -20.69
N GLY B 185 -49.66 2.50 -19.39
CA GLY B 185 -49.71 3.53 -18.37
C GLY B 185 -48.47 4.38 -18.14
N LEU B 186 -47.35 4.08 -18.81
CA LEU B 186 -46.09 4.77 -18.51
C LEU B 186 -45.97 6.13 -19.14
N LYS B 187 -45.31 7.03 -18.43
CA LYS B 187 -44.85 8.32 -18.99
C LYS B 187 -43.36 8.29 -19.35
N LYS B 188 -42.94 9.15 -20.27
CA LYS B 188 -41.52 9.21 -20.64
C LYS B 188 -40.68 9.55 -19.40
N SER B 189 -39.56 8.85 -19.22
CA SER B 189 -38.62 9.15 -18.13
C SER B 189 -37.87 10.47 -18.35
N ALA B 190 -36.99 10.81 -17.41
CA ALA B 190 -36.05 11.96 -17.54
C ALA B 190 -35.06 11.83 -18.71
N ARG B 191 -34.80 10.62 -19.19
CA ARG B 191 -34.06 10.41 -20.43
C ARG B 191 -34.90 10.71 -21.69
N GLY B 192 -36.22 10.87 -21.51
CA GLY B 192 -37.15 11.06 -22.62
C GLY B 192 -37.69 9.76 -23.22
N GLU B 193 -37.65 8.66 -22.48
CA GLU B 193 -37.99 7.36 -23.04
C GLU B 193 -38.96 6.61 -22.13
N TYR B 194 -39.78 5.80 -22.75
CA TYR B 194 -40.62 4.79 -22.07
C TYR B 194 -39.72 3.62 -21.65
N GLU B 195 -39.40 3.54 -20.37
CA GLU B 195 -38.26 2.72 -19.93
C GLU B 195 -38.68 1.31 -19.54
N ILE B 196 -37.87 0.31 -19.89
CA ILE B 196 -38.06 -1.05 -19.36
C ILE B 196 -37.88 -1.12 -17.83
N THR B 197 -36.94 -0.34 -17.30
CA THR B 197 -36.70 -0.36 -15.85
C THR B 197 -37.98 0.04 -15.05
N GLU B 198 -38.78 0.97 -15.61
CA GLU B 198 -40.02 1.38 -15.00
C GLU B 198 -41.06 0.30 -15.06
N VAL B 199 -41.09 -0.51 -16.12
CA VAL B 199 -41.96 -1.68 -16.15
C VAL B 199 -41.59 -2.64 -15.04
N ASN B 200 -40.28 -2.91 -14.89
CA ASN B 200 -39.80 -3.84 -13.94
C ASN B 200 -40.08 -3.30 -12.51
N GLN B 201 -40.01 -1.99 -12.35
CA GLN B 201 -40.33 -1.35 -11.03
C GLN B 201 -41.78 -1.61 -10.63
N VAL B 202 -42.68 -1.57 -11.61
CA VAL B 202 -44.11 -1.86 -11.37
C VAL B 202 -44.28 -3.25 -10.86
N TYR B 203 -43.70 -4.24 -11.55
CA TYR B 203 -43.80 -5.57 -11.05
C TYR B 203 -43.12 -5.80 -9.71
N LEU B 204 -42.00 -5.14 -9.47
CA LEU B 204 -41.29 -5.28 -8.19
C LEU B 204 -42.16 -4.70 -7.04
N ASN B 205 -42.75 -3.54 -7.29
CA ASN B 205 -43.56 -2.88 -6.25
C ASN B 205 -44.85 -3.70 -6.01
N GLN B 206 -45.29 -4.46 -7.02
CA GLN B 206 -46.42 -5.36 -6.84
C GLN B 206 -46.06 -6.68 -6.17
N GLY B 207 -44.79 -6.89 -5.82
CA GLY B 207 -44.38 -8.15 -5.23
C GLY B 207 -44.34 -9.31 -6.21
N ARG B 208 -44.22 -9.03 -7.50
CA ARG B 208 -44.19 -10.14 -8.47
C ARG B 208 -43.17 -10.00 -9.59
N LEU B 209 -41.99 -9.61 -9.14
CA LEU B 209 -40.80 -9.63 -9.96
C LEU B 209 -39.84 -10.67 -9.39
N ALA B 210 -39.49 -11.67 -10.21
CA ALA B 210 -38.51 -12.61 -9.83
C ALA B 210 -37.16 -12.21 -10.53
N VAL B 211 -36.03 -12.33 -9.83
CA VAL B 211 -34.73 -11.94 -10.40
C VAL B 211 -33.74 -13.07 -10.14
N GLU B 212 -33.12 -13.55 -11.20
CA GLU B 212 -32.12 -14.60 -11.13
C GLU B 212 -30.78 -14.07 -11.54
N VAL B 213 -29.77 -14.27 -10.70
CA VAL B 213 -28.41 -13.98 -11.03
C VAL B 213 -27.97 -15.06 -12.03
N LEU B 214 -27.35 -14.66 -13.13
CA LEU B 214 -27.01 -15.61 -14.17
C LEU B 214 -25.99 -16.61 -13.65
N ALA B 215 -26.02 -17.83 -14.19
CA ALA B 215 -25.27 -18.92 -13.61
C ALA B 215 -23.76 -18.66 -13.74
N ARG B 216 -22.98 -19.28 -12.86
CA ARG B 216 -21.54 -19.11 -12.94
C ARG B 216 -21.08 -19.70 -14.27
N GLY B 217 -20.15 -19.01 -14.94
CA GLY B 217 -19.70 -19.38 -16.28
C GLY B 217 -20.51 -18.86 -17.47
N THR B 218 -21.53 -18.08 -17.23
CA THR B 218 -22.29 -17.48 -18.32
C THR B 218 -21.60 -16.23 -18.82
N ALA B 219 -21.82 -15.95 -20.09
CA ALA B 219 -21.35 -14.73 -20.72
C ALA B 219 -22.59 -13.96 -21.10
N TRP B 220 -22.62 -12.68 -20.73
CA TRP B 220 -23.62 -11.75 -21.21
C TRP B 220 -22.90 -10.57 -21.80
N LEU B 221 -23.35 -10.13 -22.99
CA LEU B 221 -22.72 -9.06 -23.76
C LEU B 221 -23.75 -8.14 -24.39
N ASP B 222 -23.40 -6.87 -24.39
CA ASP B 222 -24.12 -5.84 -25.11
C ASP B 222 -23.08 -5.33 -26.11
N THR B 223 -23.48 -5.29 -27.37
CA THR B 223 -22.56 -4.97 -28.47
C THR B 223 -22.61 -3.51 -28.96
N GLY B 224 -23.08 -2.61 -28.13
CA GLY B 224 -23.38 -1.27 -28.59
C GLY B 224 -22.26 -0.25 -28.56
N THR B 225 -21.02 -0.66 -28.34
CA THR B 225 -19.86 0.24 -28.51
C THR B 225 -18.82 -0.40 -29.38
N PHE B 226 -17.87 0.38 -29.92
CA PHE B 226 -16.83 -0.21 -30.77
C PHE B 226 -16.10 -1.39 -30.07
N ASP B 227 -15.73 -1.19 -28.81
CA ASP B 227 -14.99 -2.18 -28.06
C ASP B 227 -15.83 -3.37 -27.66
N SER B 228 -17.08 -3.16 -27.32
CA SER B 228 -17.90 -4.31 -26.89
C SER B 228 -18.32 -5.15 -28.07
N LEU B 229 -18.55 -4.50 -29.21
CA LEU B 229 -18.84 -5.21 -30.45
C LEU B 229 -17.68 -6.12 -30.87
N LEU B 230 -16.48 -5.56 -30.91
CA LEU B 230 -15.27 -6.31 -31.23
C LEU B 230 -14.97 -7.40 -30.20
N ASP B 231 -15.11 -7.10 -28.91
CA ASP B 231 -14.90 -8.13 -27.89
C ASP B 231 -15.85 -9.30 -28.03
N ALA B 232 -17.07 -9.00 -28.47
CA ALA B 232 -18.07 -10.01 -28.66
C ALA B 232 -17.68 -10.94 -29.81
N ALA B 233 -17.19 -10.36 -30.89
CA ALA B 233 -16.81 -11.18 -32.07
C ALA B 233 -15.63 -12.07 -31.70
N ASP B 234 -14.66 -11.52 -30.99
CA ASP B 234 -13.50 -12.27 -30.54
C ASP B 234 -13.91 -13.47 -29.68
N PHE B 235 -14.84 -13.23 -28.75
CA PHE B 235 -15.37 -14.28 -27.87
C PHE B 235 -15.96 -15.45 -28.68
N VAL B 236 -16.83 -15.11 -29.61
CA VAL B 236 -17.52 -16.10 -30.39
C VAL B 236 -16.49 -16.90 -31.21
N ARG B 237 -15.50 -16.22 -31.81
CA ARG B 237 -14.46 -16.97 -32.56
C ARG B 237 -13.66 -17.88 -31.66
N THR B 238 -13.30 -17.40 -30.47
CA THR B 238 -12.54 -18.22 -29.52
C THR B 238 -13.31 -19.49 -29.14
N LEU B 239 -14.63 -19.41 -28.92
CA LEU B 239 -15.42 -20.59 -28.60
C LEU B 239 -15.30 -21.61 -29.74
N GLU B 240 -15.26 -21.13 -30.99
CA GLU B 240 -15.06 -22.11 -32.11
C GLU B 240 -13.62 -22.62 -32.19
N ARG B 241 -12.66 -21.72 -32.23
CA ARG B 241 -11.28 -22.12 -32.38
C ARG B 241 -10.80 -23.02 -31.27
N ARG B 242 -11.15 -22.69 -30.03
CA ARG B 242 -10.63 -23.38 -28.86
C ARG B 242 -11.52 -24.52 -28.39
N GLN B 243 -12.84 -24.35 -28.43
CA GLN B 243 -13.77 -25.34 -27.86
C GLN B 243 -14.61 -26.09 -28.91
N GLY B 244 -14.39 -25.73 -30.17
CA GLY B 244 -15.05 -26.38 -31.28
C GLY B 244 -16.55 -26.12 -31.35
N LEU B 245 -17.02 -25.02 -30.75
CA LEU B 245 -18.49 -24.74 -30.71
C LEU B 245 -18.84 -23.58 -31.64
N LYS B 246 -19.91 -23.74 -32.41
CA LYS B 246 -20.64 -22.62 -32.95
C LYS B 246 -21.86 -22.45 -32.09
N VAL B 247 -22.13 -21.20 -31.75
CA VAL B 247 -23.15 -20.85 -30.81
C VAL B 247 -24.21 -19.94 -31.43
N SER B 248 -25.44 -20.06 -30.92
CA SER B 248 -26.57 -19.30 -31.38
C SER B 248 -26.80 -19.44 -32.90
N ILE B 249 -26.75 -20.68 -33.37
CA ILE B 249 -27.03 -21.02 -34.76
C ILE B 249 -28.50 -21.40 -34.89
N PRO B 250 -29.33 -20.51 -35.43
CA PRO B 250 -30.78 -20.77 -35.32
C PRO B 250 -31.21 -21.98 -36.11
N GLU B 251 -30.53 -22.29 -37.23
CA GLU B 251 -30.89 -23.51 -37.96
C GLU B 251 -30.70 -24.79 -37.12
N GLU B 252 -29.63 -24.81 -36.32
CA GLU B 252 -29.36 -25.90 -35.43
C GLU B 252 -30.40 -26.06 -34.37
N VAL B 253 -30.75 -24.93 -33.75
CA VAL B 253 -31.84 -24.95 -32.77
C VAL B 253 -33.17 -25.41 -33.36
N ALA B 254 -33.53 -24.91 -34.52
CA ALA B 254 -34.79 -25.34 -35.15
C ALA B 254 -34.79 -26.84 -35.42
N TRP B 255 -33.65 -27.33 -35.87
CA TRP B 255 -33.48 -28.76 -36.19
C TRP B 255 -33.52 -29.59 -34.91
N ARG B 256 -32.82 -29.15 -33.85
CA ARG B 256 -32.87 -29.87 -32.53
C ARG B 256 -34.27 -29.90 -31.92
N MET B 257 -35.05 -28.86 -32.19
CA MET B 257 -36.40 -28.71 -31.71
C MET B 257 -37.43 -29.54 -32.51
N GLY B 258 -37.02 -30.09 -33.65
CA GLY B 258 -37.92 -30.77 -34.58
C GLY B 258 -38.77 -29.87 -35.47
N TRP B 259 -38.48 -28.55 -35.46
CA TRP B 259 -39.17 -27.60 -36.29
C TRP B 259 -38.83 -27.67 -37.80
N ILE B 260 -37.59 -28.06 -38.11
CA ILE B 260 -37.19 -28.42 -39.47
C ILE B 260 -36.57 -29.78 -39.44
N ASP B 261 -36.58 -30.47 -40.58
CA ASP B 261 -36.11 -31.84 -40.65
C ASP B 261 -34.71 -31.90 -41.31
N ASP B 262 -34.18 -33.10 -41.49
CA ASP B 262 -32.82 -33.26 -42.03
C ASP B 262 -32.68 -32.65 -43.43
N GLU B 263 -33.66 -32.90 -44.29
CA GLU B 263 -33.59 -32.41 -45.67
C GLU B 263 -33.61 -30.87 -45.69
N GLN B 264 -34.48 -30.27 -44.87
CA GLN B 264 -34.49 -28.81 -44.70
C GLN B 264 -33.13 -28.28 -44.18
N LEU B 265 -32.49 -28.96 -43.25
CA LEU B 265 -31.25 -28.50 -42.70
C LEU B 265 -30.15 -28.51 -43.79
N VAL B 266 -30.11 -29.57 -44.58
CA VAL B 266 -29.20 -29.64 -45.73
C VAL B 266 -29.47 -28.53 -46.73
N GLN B 267 -30.74 -28.25 -46.99
CA GLN B 267 -31.05 -27.17 -47.89
C GLN B 267 -30.42 -25.85 -47.41
N ARG B 268 -30.52 -25.59 -46.10
CA ARG B 268 -29.91 -24.40 -45.50
CA ARG B 268 -29.92 -24.36 -45.55
C ARG B 268 -28.39 -24.45 -45.62
N ALA B 269 -27.82 -25.64 -45.40
CA ALA B 269 -26.38 -25.81 -45.48
C ALA B 269 -25.91 -25.45 -46.91
N ARG B 270 -26.68 -25.88 -47.90
CA ARG B 270 -26.37 -25.58 -49.31
C ARG B 270 -26.47 -24.10 -49.64
N ALA B 271 -27.34 -23.35 -48.98
CA ALA B 271 -27.39 -21.91 -49.24
C ALA B 271 -26.17 -21.16 -48.62
N LEU B 272 -25.38 -21.86 -47.84
CA LEU B 272 -24.42 -21.25 -46.92
C LEU B 272 -23.08 -21.93 -47.05
N VAL B 273 -22.73 -22.30 -48.28
CA VAL B 273 -21.58 -23.16 -48.54
C VAL B 273 -20.21 -22.47 -48.45
N LYS B 274 -20.12 -21.23 -48.89
CA LYS B 274 -18.81 -20.67 -49.19
C LYS B 274 -18.18 -20.07 -47.96
N SER B 275 -19.00 -19.78 -46.96
CA SER B 275 -18.46 -19.10 -45.75
C SER B 275 -17.88 -20.00 -44.70
N GLY B 276 -18.21 -21.31 -44.73
CA GLY B 276 -17.97 -22.23 -43.63
C GLY B 276 -19.16 -22.53 -42.73
N TYR B 277 -20.15 -21.64 -42.72
CA TYR B 277 -21.28 -21.78 -41.85
C TYR B 277 -22.12 -23.02 -42.26
N GLY B 278 -22.35 -23.19 -43.55
CA GLY B 278 -23.06 -24.38 -44.01
C GLY B 278 -22.37 -25.68 -43.65
N ASN B 279 -21.05 -25.67 -43.76
CA ASN B 279 -20.27 -26.87 -43.42
C ASN B 279 -20.49 -27.32 -42.00
N TYR B 280 -20.58 -26.37 -41.06
CA TYR B 280 -21.00 -26.69 -39.70
C TYR B 280 -22.38 -27.39 -39.62
N LEU B 281 -23.37 -26.92 -40.37
CA LEU B 281 -24.66 -27.55 -40.41
C LEU B 281 -24.55 -28.99 -40.95
N LEU B 282 -23.77 -29.19 -42.00
CA LEU B 282 -23.56 -30.57 -42.49
C LEU B 282 -22.97 -31.48 -41.43
N GLU B 283 -21.99 -30.97 -40.69
CA GLU B 283 -21.39 -31.72 -39.57
C GLU B 283 -22.39 -32.16 -38.51
N LEU B 284 -23.46 -31.37 -38.28
CA LEU B 284 -24.52 -31.79 -37.33
C LEU B 284 -25.16 -33.11 -37.74
N LEU B 285 -25.41 -33.30 -39.02
CA LEU B 285 -26.04 -34.56 -39.46
C LEU B 285 -25.11 -35.73 -39.33
N GLU B 286 -23.83 -35.44 -39.52
CA GLU B 286 -22.65 -36.22 -39.07
C GLU B 286 -21.90 -36.75 -40.26
N MET C 1 17.11 48.77 19.51
CA MET C 1 16.88 47.55 18.69
C MET C 1 15.39 47.27 18.65
N ARG C 2 14.87 46.96 17.47
CA ARG C 2 13.45 46.54 17.32
C ARG C 2 13.41 45.05 17.03
N GLY C 3 12.22 44.43 17.13
CA GLY C 3 12.13 42.98 17.01
C GLY C 3 11.08 42.60 16.00
N ILE C 4 11.33 41.48 15.30
CA ILE C 4 10.39 40.86 14.37
C ILE C 4 10.28 39.36 14.75
N ILE C 5 9.06 38.85 14.84
CA ILE C 5 8.80 37.42 14.93
C ILE C 5 8.24 36.96 13.59
N LEU C 6 8.89 36.02 12.92
CA LEU C 6 8.27 35.40 11.77
C LEU C 6 7.32 34.34 12.21
N ALA C 7 6.04 34.53 11.94
CA ALA C 7 5.02 33.62 12.44
C ALA C 7 4.03 33.22 11.36
N GLY C 8 4.50 33.25 10.10
CA GLY C 8 3.75 32.81 8.97
C GLY C 8 4.01 31.35 8.69
N GLY C 9 4.17 31.07 7.40
CA GLY C 9 4.38 29.70 6.90
C GLY C 9 3.11 28.89 6.90
N SER C 10 3.16 27.77 6.18
CA SER C 10 2.03 26.88 6.00
C SER C 10 1.96 25.77 7.02
N GLY C 11 3.10 25.40 7.62
CA GLY C 11 3.11 24.33 8.63
C GLY C 11 2.82 22.92 8.08
N THR C 12 3.21 22.65 6.84
CA THR C 12 2.92 21.34 6.22
C THR C 12 3.48 20.14 7.00
N ARG C 13 4.60 20.31 7.70
CA ARG C 13 5.12 19.16 8.46
C ARG C 13 4.28 18.83 9.70
N LEU C 14 3.27 19.64 10.06
CA LEU C 14 2.34 19.26 11.11
C LEU C 14 0.90 18.97 10.63
N TYR C 15 0.65 18.88 9.32
CA TYR C 15 -0.70 18.50 8.85
C TYR C 15 -1.03 17.13 9.45
N PRO C 16 -2.24 16.96 9.98
CA PRO C 16 -3.38 17.87 9.82
C PRO C 16 -3.59 18.84 10.98
N ILE C 17 -2.72 18.84 11.97
CA ILE C 17 -2.90 19.74 13.10
C ILE C 17 -2.88 21.21 12.63
N THR C 18 -2.02 21.51 11.65
CA THR C 18 -1.93 22.88 11.10
C THR C 18 -2.78 23.18 9.83
N MET C 19 -3.73 22.31 9.49
CA MET C 19 -4.65 22.62 8.42
C MET C 19 -5.62 23.74 8.82
N GLY C 20 -6.04 23.73 10.06
CA GLY C 20 -7.03 24.72 10.59
C GLY C 20 -6.50 25.88 11.44
N ILE C 21 -5.18 25.93 11.64
CA ILE C 21 -4.59 26.83 12.63
C ILE C 21 -3.11 26.98 12.35
N SER C 22 -2.59 28.14 12.70
CA SER C 22 -1.14 28.37 12.65
C SER C 22 -0.36 27.56 13.67
N LYS C 23 0.78 26.98 13.27
CA LYS C 23 1.71 26.34 14.18
C LYS C 23 2.03 27.21 15.39
N GLN C 24 2.13 28.53 15.15
CA GLN C 24 2.54 29.41 16.22
C GLN C 24 1.47 29.68 17.27
N LEU C 25 0.24 29.17 17.07
CA LEU C 25 -0.82 29.33 18.05
C LEU C 25 -1.07 28.00 18.70
N LEU C 26 -0.33 26.98 18.28
CA LEU C 26 -0.26 25.73 19.08
C LEU C 26 0.30 25.89 20.51
N PRO C 27 -0.25 25.13 21.47
CA PRO C 27 0.29 25.13 22.82
C PRO C 27 1.62 24.37 22.91
N VAL C 28 2.47 24.88 23.82
CA VAL C 28 3.60 24.13 24.38
C VAL C 28 3.38 24.17 25.88
N TYR C 29 2.65 23.14 26.31
CA TYR C 29 2.25 22.94 27.70
C TYR C 29 1.21 23.90 28.25
N ASP C 30 1.64 25.10 28.67
CA ASP C 30 0.79 26.01 29.41
C ASP C 30 0.63 27.40 28.74
N LYS C 31 1.01 27.50 27.49
CA LYS C 31 0.96 28.79 26.77
C LYS C 31 1.10 28.54 25.31
N PRO C 32 0.70 29.51 24.48
CA PRO C 32 0.88 29.44 23.08
C PRO C 32 2.35 29.42 22.68
N MET C 33 2.64 28.71 21.61
CA MET C 33 3.97 28.62 21.04
CA MET C 33 3.98 28.62 21.04
C MET C 33 4.58 30.01 20.87
N ILE C 34 3.79 30.96 20.38
CA ILE C 34 4.33 32.34 20.08
C ILE C 34 4.83 33.06 21.34
N TYR C 35 4.35 32.68 22.54
CA TYR C 35 4.90 33.24 23.78
C TYR C 35 6.42 33.07 23.97
N TYR C 36 7.00 31.98 23.42
CA TYR C 36 8.39 31.65 23.66
C TYR C 36 9.27 32.67 22.88
N PRO C 37 9.12 32.77 21.54
CA PRO C 37 9.93 33.80 20.84
C PRO C 37 9.60 35.24 21.23
N LEU C 38 8.34 35.51 21.52
CA LEU C 38 7.99 36.83 22.09
C LEU C 38 8.83 37.15 23.31
N THR C 39 8.90 36.21 24.24
CA THR C 39 9.58 36.46 25.49
C THR C 39 11.10 36.55 25.27
N THR C 40 11.63 35.82 24.31
CA THR C 40 13.02 35.96 23.94
C THR C 40 13.33 37.43 23.56
N LEU C 41 12.46 38.05 22.76
CA LEU C 41 12.69 39.46 22.36
C LEU C 41 12.57 40.41 23.56
N MET C 42 11.59 40.12 24.41
CA MET C 42 11.35 40.93 25.57
C MET C 42 12.56 40.83 26.49
N MET C 43 13.09 39.63 26.67
CA MET C 43 14.29 39.50 27.50
C MET C 43 15.54 40.19 26.93
N ALA C 44 15.64 40.31 25.60
CA ALA C 44 16.68 41.16 24.97
C ALA C 44 16.45 42.68 25.15
N GLY C 45 15.40 43.04 25.89
CA GLY C 45 15.03 44.43 26.16
C GLY C 45 14.23 45.12 25.06
N ILE C 46 13.70 44.34 24.13
CA ILE C 46 13.01 44.88 22.96
C ILE C 46 11.51 45.06 23.25
N ARG C 47 11.01 46.27 23.03
CA ARG C 47 9.60 46.58 23.29
C ARG C 47 8.75 46.86 22.03
N ASP C 48 9.41 47.15 20.91
CA ASP C 48 8.71 47.35 19.64
C ASP C 48 8.84 46.12 18.79
N ILE C 49 7.78 45.31 18.77
CA ILE C 49 7.85 43.98 18.20
C ILE C 49 6.81 43.86 17.10
N GLN C 50 7.23 43.49 15.90
CA GLN C 50 6.32 43.23 14.80
C GLN C 50 6.14 41.71 14.60
N LEU C 51 4.88 41.27 14.63
CA LEU C 51 4.54 39.93 14.15
C LEU C 51 4.19 39.91 12.69
N ILE C 52 4.85 39.04 11.96
CA ILE C 52 4.55 38.78 10.58
C ILE C 52 3.81 37.43 10.52
N THR C 53 2.62 37.44 9.94
CA THR C 53 1.79 36.24 9.90
C THR C 53 1.24 36.08 8.52
N THR C 54 0.62 34.93 8.22
CA THR C 54 -0.17 34.86 7.01
C THR C 54 -1.38 35.80 7.10
N PRO C 55 -1.98 36.11 5.94
CA PRO C 55 -3.16 36.96 5.97
C PRO C 55 -4.29 36.29 6.76
N HIS C 56 -4.47 35.00 6.58
CA HIS C 56 -5.64 34.34 7.19
C HIS C 56 -5.48 33.91 8.63
N ASP C 57 -4.24 33.77 9.11
CA ASP C 57 -4.02 33.50 10.54
C ASP C 57 -4.02 34.74 11.41
N ALA C 58 -3.93 35.92 10.81
CA ALA C 58 -3.76 37.11 11.61
C ALA C 58 -4.79 37.29 12.74
N PRO C 59 -6.09 37.08 12.46
CA PRO C 59 -7.08 37.36 13.50
C PRO C 59 -6.88 36.55 14.80
N GLY C 60 -6.37 35.33 14.69
CA GLY C 60 -6.09 34.52 15.87
C GLY C 60 -5.02 35.15 16.74
N PHE C 61 -3.97 35.65 16.08
CA PHE C 61 -2.91 36.37 16.80
C PHE C 61 -3.46 37.65 17.41
N HIS C 62 -4.30 38.38 16.64
CA HIS C 62 -4.90 39.58 17.20
C HIS C 62 -5.69 39.29 18.44
N ARG C 63 -6.49 38.22 18.41
CA ARG C 63 -7.29 37.84 19.56
C ARG C 63 -6.42 37.50 20.75
N LEU C 64 -5.30 36.83 20.53
CA LEU C 64 -4.44 36.38 21.64
C LEU C 64 -3.68 37.56 22.22
N LEU C 65 -3.07 38.35 21.35
CA LEU C 65 -2.02 39.36 21.72
C LEU C 65 -2.43 40.84 21.75
N GLY C 66 -3.41 41.17 20.93
CA GLY C 66 -3.82 42.56 20.75
C GLY C 66 -2.62 43.39 20.38
N ASP C 67 -2.51 44.53 21.03
CA ASP C 67 -1.37 45.41 20.77
C ASP C 67 -0.25 45.25 21.80
N GLY C 68 -0.35 44.21 22.63
CA GLY C 68 0.71 43.94 23.62
C GLY C 68 0.71 44.82 24.87
N ALA C 69 -0.18 45.77 24.96
CA ALA C 69 -0.10 46.76 26.05
C ALA C 69 -0.10 46.12 27.43
N HIS C 70 -0.83 45.03 27.57
CA HIS C 70 -0.94 44.29 28.83
C HIS C 70 0.34 43.58 29.25
N LEU C 71 1.27 43.41 28.28
CA LEU C 71 2.60 42.90 28.50
C LEU C 71 3.69 43.95 28.47
N GLY C 72 3.34 45.22 28.54
CA GLY C 72 4.31 46.31 28.59
C GLY C 72 5.11 46.57 27.31
N VAL C 73 4.56 46.12 26.19
CA VAL C 73 5.22 46.21 24.88
C VAL C 73 4.23 46.72 23.81
N ASN C 74 4.76 47.05 22.65
CA ASN C 74 3.99 47.52 21.51
C ASN C 74 4.11 46.46 20.46
N ILE C 75 3.08 45.61 20.39
CA ILE C 75 3.03 44.62 19.35
C ILE C 75 2.27 45.19 18.16
N SER C 76 2.88 45.14 16.98
CA SER C 76 2.23 45.51 15.74
C SER C 76 2.31 44.33 14.78
N TYR C 77 1.61 44.43 13.65
CA TYR C 77 1.42 43.32 12.73
C TYR C 77 1.77 43.69 11.33
N ALA C 78 2.30 42.74 10.57
CA ALA C 78 2.32 42.80 9.10
C ALA C 78 1.93 41.41 8.58
N THR C 79 1.49 41.35 7.33
CA THR C 79 1.20 40.06 6.70
C THR C 79 2.17 39.78 5.58
N GLN C 80 2.47 38.50 5.39
CA GLN C 80 3.26 38.04 4.29
C GLN C 80 2.30 37.30 3.36
N ASP C 81 2.23 37.72 2.09
CA ASP C 81 1.18 37.23 1.16
C ASP C 81 1.36 35.79 0.82
N GLN C 82 2.60 35.33 0.74
CA GLN C 82 2.91 33.92 0.62
C GLN C 82 4.20 33.61 1.38
N PRO C 83 4.36 32.35 1.83
CA PRO C 83 5.58 32.04 2.58
C PRO C 83 6.78 31.84 1.70
N ASP C 84 7.36 32.93 1.21
CA ASP C 84 8.44 32.87 0.26
C ASP C 84 9.83 33.12 0.87
N GLY C 85 9.96 32.96 2.19
CA GLY C 85 11.28 32.88 2.78
C GLY C 85 11.51 33.83 3.92
N LEU C 86 12.42 33.43 4.82
CA LEU C 86 12.63 34.13 6.08
C LEU C 86 13.23 35.53 5.85
N ALA C 87 14.03 35.69 4.81
CA ALA C 87 14.72 36.95 4.60
C ALA C 87 13.75 38.06 4.23
N GLN C 88 12.55 37.70 3.79
CA GLN C 88 11.53 38.70 3.53
C GLN C 88 11.10 39.44 4.81
N ALA C 89 11.46 38.92 5.99
CA ALA C 89 11.12 39.61 7.23
C ALA C 89 11.66 41.03 7.22
N PHE C 90 12.83 41.23 6.62
CA PHE C 90 13.45 42.54 6.65
C PHE C 90 12.91 43.49 5.60
N VAL C 91 12.29 42.95 4.56
CA VAL C 91 11.62 43.77 3.57
C VAL C 91 10.25 44.19 4.10
N ILE C 92 9.47 43.22 4.55
CA ILE C 92 8.18 43.52 5.16
C ILE C 92 8.34 44.45 6.36
N GLY C 93 9.36 44.19 7.16
CA GLY C 93 9.49 44.89 8.44
C GLY C 93 10.39 46.13 8.40
N ALA C 94 10.75 46.57 7.19
CA ALA C 94 11.72 47.66 7.02
C ALA C 94 11.23 48.93 7.70
N ASN C 95 9.95 49.27 7.47
CA ASN C 95 9.39 50.48 8.06
C ASN C 95 9.31 50.41 9.59
N HIS C 96 8.89 49.27 10.11
CA HIS C 96 8.97 48.99 11.53
C HIS C 96 10.39 49.16 12.09
N ILE C 97 11.41 48.67 11.37
CA ILE C 97 12.80 48.70 11.89
C ILE C 97 13.26 50.17 11.93
N GLY C 98 12.92 50.91 10.91
CA GLY C 98 13.32 52.33 10.88
C GLY C 98 14.82 52.45 10.73
N ALA C 99 15.42 53.27 11.59
CA ALA C 99 16.85 53.50 11.55
C ALA C 99 17.59 52.53 12.52
N ASP C 100 16.86 51.64 13.19
CA ASP C 100 17.42 50.91 14.32
C ASP C 100 18.07 49.60 13.86
N SER C 101 18.72 48.91 14.80
CA SER C 101 19.14 47.52 14.60
C SER C 101 17.89 46.64 14.82
N VAL C 102 18.01 45.35 14.50
CA VAL C 102 16.84 44.45 14.60
C VAL C 102 17.23 43.07 15.15
N ALA C 103 16.34 42.49 15.96
CA ALA C 103 16.38 41.08 16.28
C ALA C 103 15.29 40.33 15.52
N LEU C 104 15.63 39.25 14.81
CA LEU C 104 14.62 38.39 14.16
C LEU C 104 14.58 37.06 14.92
N VAL C 105 13.39 36.59 15.30
CA VAL C 105 13.28 35.27 15.96
C VAL C 105 12.19 34.50 15.21
N LEU C 106 12.40 33.20 15.02
CA LEU C 106 11.42 32.40 14.34
C LEU C 106 10.32 31.99 15.32
N GLY C 107 9.09 31.93 14.81
CA GLY C 107 7.90 31.83 15.68
C GLY C 107 7.77 30.45 16.32
N ASP C 108 8.47 29.47 15.75
CA ASP C 108 8.42 28.11 16.30
C ASP C 108 9.65 27.68 17.09
N ASN C 109 10.45 28.64 17.54
CA ASN C 109 11.70 28.35 18.18
C ASN C 109 11.64 28.63 19.66
N ILE C 110 12.14 27.70 20.48
CA ILE C 110 12.22 27.90 21.91
C ILE C 110 13.68 27.87 22.33
N PHE C 111 14.05 28.89 23.08
CA PHE C 111 15.38 29.06 23.59
C PHE C 111 15.28 29.09 25.11
N TYR C 112 16.04 28.20 25.76
CA TYR C 112 16.05 28.15 27.19
C TYR C 112 17.48 27.91 27.73
N GLY C 113 17.87 28.71 28.70
CA GLY C 113 19.05 28.42 29.49
C GLY C 113 20.03 29.58 29.57
N PRO C 114 21.25 29.28 30.03
CA PRO C 114 22.33 30.24 30.21
C PRO C 114 22.61 31.02 28.94
N GLY C 115 22.63 32.34 29.10
CA GLY C 115 22.89 33.25 28.00
C GLY C 115 21.69 33.52 27.08
N LEU C 116 20.51 32.96 27.38
CA LEU C 116 19.34 33.13 26.52
C LEU C 116 18.22 33.89 27.21
N GLY C 117 18.59 34.57 28.28
CA GLY C 117 17.70 35.41 29.07
C GLY C 117 17.98 36.90 28.90
N THR C 118 17.87 37.61 29.99
CA THR C 118 18.04 39.07 30.02
C THR C 118 19.46 39.43 29.59
N SER C 119 20.38 38.47 29.63
CA SER C 119 21.72 38.71 29.10
C SER C 119 21.71 39.02 27.61
N LEU C 120 20.62 38.67 26.91
CA LEU C 120 20.56 38.90 25.47
C LEU C 120 20.55 40.39 25.11
N LYS C 121 20.26 41.27 26.07
CA LYS C 121 20.52 42.74 25.92
C LYS C 121 21.87 43.11 25.32
N ARG C 122 22.88 42.27 25.53
CA ARG C 122 24.22 42.58 24.99
CA ARG C 122 24.24 42.45 24.98
C ARG C 122 24.22 42.71 23.46
N PHE C 123 23.23 42.15 22.76
CA PHE C 123 23.17 42.23 21.32
C PHE C 123 22.59 43.55 20.77
N GLN C 124 21.98 44.34 21.63
CA GLN C 124 21.42 45.61 21.23
C GLN C 124 22.42 46.49 20.49
N SER C 125 23.71 46.43 20.88
CA SER C 125 24.77 47.24 20.22
C SER C 125 25.39 46.59 19.00
N ILE C 126 24.74 45.54 18.47
CA ILE C 126 25.25 44.80 17.35
C ILE C 126 25.77 45.71 16.23
N SER C 127 26.95 45.36 15.73
CA SER C 127 27.50 45.84 14.46
C SER C 127 27.75 44.66 13.54
N GLY C 128 27.24 44.68 12.31
CA GLY C 128 27.27 43.47 11.47
C GLY C 128 26.12 42.53 11.83
N GLY C 129 26.37 41.22 11.79
CA GLY C 129 25.36 40.19 12.12
C GLY C 129 25.89 39.30 13.24
N ALA C 130 24.98 38.78 14.07
CA ALA C 130 25.34 37.80 15.09
C ALA C 130 24.29 36.68 15.05
N ILE C 131 24.81 35.46 14.92
CA ILE C 131 23.99 34.25 14.90
C ILE C 131 24.60 33.21 15.81
N PHE C 132 23.93 32.06 15.88
CA PHE C 132 24.26 31.03 16.87
C PHE C 132 24.45 29.66 16.23
N ALA C 133 24.88 28.72 17.08
CA ALA C 133 25.26 27.38 16.67
C ALA C 133 24.93 26.40 17.79
N TYR C 134 24.38 25.24 17.38
CA TYR C 134 23.89 24.24 18.35
C TYR C 134 24.11 22.89 17.76
N TRP C 135 24.77 22.01 18.51
CA TRP C 135 25.11 20.67 18.00
C TRP C 135 23.85 19.87 17.92
N VAL C 136 23.59 19.30 16.74
CA VAL C 136 22.49 18.34 16.58
C VAL C 136 22.96 17.06 15.89
N ALA C 137 22.22 15.97 16.12
CA ALA C 137 22.50 14.68 15.48
C ALA C 137 22.30 14.71 13.97
N ASN C 138 21.27 15.42 13.50
CA ASN C 138 20.88 15.39 12.08
C ASN C 138 20.92 16.81 11.50
N PRO C 139 22.13 17.30 11.18
CA PRO C 139 22.28 18.70 10.79
C PRO C 139 21.72 19.04 9.41
N SER C 140 21.36 18.04 8.61
CA SER C 140 20.87 18.31 7.26
C SER C 140 19.42 18.83 7.31
N ALA C 141 18.75 18.62 8.43
CA ALA C 141 17.40 19.17 8.65
C ALA C 141 17.40 20.68 8.94
N TYR C 142 18.57 21.27 9.16
CA TYR C 142 18.64 22.68 9.57
C TYR C 142 19.58 23.43 8.66
N GLY C 143 19.68 24.74 8.86
CA GLY C 143 20.81 25.50 8.37
C GLY C 143 22.02 25.12 9.22
N VAL C 144 23.18 25.12 8.59
CA VAL C 144 24.37 24.47 9.17
C VAL C 144 25.56 25.41 9.04
N VAL C 145 26.26 25.62 10.16
CA VAL C 145 27.47 26.44 10.15
C VAL C 145 28.69 25.54 10.39
N GLU C 146 29.69 25.72 9.53
CA GLU C 146 30.96 24.94 9.57
C GLU C 146 32.05 25.83 10.16
N PHE C 147 32.76 25.31 11.15
CA PHE C 147 33.90 26.00 11.78
C PHE C 147 35.22 25.40 11.35
N GLY C 148 36.24 26.23 11.25
CA GLY C 148 37.63 25.75 11.10
C GLY C 148 38.20 25.23 12.39
N ALA C 149 39.39 24.65 12.30
CA ALA C 149 40.12 24.12 13.47
C ALA C 149 40.12 25.03 14.70
N GLU C 150 40.34 26.34 14.52
CA GLU C 150 40.37 27.26 15.66
C GLU C 150 39.05 27.99 15.87
N GLY C 151 37.97 27.46 15.30
CA GLY C 151 36.63 27.87 15.70
C GLY C 151 36.11 29.11 15.01
N MET C 152 36.72 29.49 13.89
CA MET C 152 36.21 30.61 13.11
C MET C 152 35.23 30.10 12.07
N ALA C 153 34.22 30.90 11.78
CA ALA C 153 33.15 30.46 10.90
C ALA C 153 33.67 30.35 9.46
N LEU C 154 33.33 29.25 8.80
CA LEU C 154 33.88 28.90 7.48
C LEU C 154 32.81 28.84 6.38
N SER C 155 31.71 28.14 6.63
CA SER C 155 30.66 28.04 5.63
C SER C 155 29.30 27.86 6.27
N LEU C 156 28.27 28.21 5.50
CA LEU C 156 26.90 28.18 5.93
C LEU C 156 26.06 27.49 4.84
N GLU C 157 25.19 26.56 5.22
CA GLU C 157 24.38 25.89 4.22
C GLU C 157 23.00 25.59 4.74
N GLU C 158 21.98 25.92 3.94
CA GLU C 158 20.63 25.55 4.29
C GLU C 158 20.36 24.07 3.95
N LYS C 159 20.27 23.27 5.00
CA LYS C 159 19.70 21.94 4.92
C LYS C 159 20.49 21.06 3.95
N PRO C 160 21.85 21.07 4.05
CA PRO C 160 22.73 20.48 3.02
C PRO C 160 22.63 18.94 2.92
N VAL C 161 22.88 18.43 1.71
CA VAL C 161 22.67 17.00 1.38
C VAL C 161 23.60 16.14 2.22
N THR C 162 24.88 16.51 2.18
CA THR C 162 25.91 15.97 3.06
C THR C 162 26.50 17.13 3.93
N PRO C 163 26.17 17.17 5.22
CA PRO C 163 26.57 18.30 6.09
C PRO C 163 28.03 18.38 6.43
N LYS C 164 28.62 19.56 6.23
CA LYS C 164 30.01 19.80 6.62
C LYS C 164 30.28 19.97 8.11
N SER C 165 29.25 19.95 8.94
CA SER C 165 29.42 19.96 10.39
C SER C 165 28.12 19.53 11.04
N ASN C 166 28.13 19.39 12.36
CA ASN C 166 26.96 18.99 13.10
C ASN C 166 26.28 20.19 13.77
N TYR C 167 26.75 21.40 13.45
CA TYR C 167 26.27 22.61 14.11
C TYR C 167 25.10 23.26 13.34
N ALA C 168 23.90 23.16 13.92
CA ALA C 168 22.74 23.83 13.35
C ALA C 168 22.77 25.32 13.73
N VAL C 169 22.23 26.18 12.84
CA VAL C 169 22.05 27.61 13.13
C VAL C 169 20.61 27.89 13.61
N PRO C 170 20.42 28.12 14.90
CA PRO C 170 19.04 28.29 15.41
C PRO C 170 18.36 29.54 14.84
N GLY C 171 17.03 29.65 15.07
CA GLY C 171 16.20 30.74 14.54
C GLY C 171 16.18 32.01 15.39
N LEU C 172 17.37 32.54 15.71
CA LEU C 172 17.50 33.83 16.39
C LEU C 172 18.73 34.54 15.76
N TYR C 173 18.52 35.77 15.29
CA TYR C 173 19.50 36.48 14.49
C TYR C 173 19.48 37.96 14.91
N PHE C 174 20.64 38.59 15.07
CA PHE C 174 20.72 40.01 15.47
C PHE C 174 21.54 40.72 14.38
N TYR C 175 21.01 41.84 13.88
CA TYR C 175 21.64 42.54 12.77
C TYR C 175 21.62 44.04 12.97
N ASP C 176 22.62 44.69 12.39
CA ASP C 176 22.51 46.12 12.20
C ASP C 176 21.49 46.45 11.10
N ASN C 177 21.27 47.75 10.92
CA ASN C 177 20.25 48.24 9.99
C ASN C 177 20.52 47.85 8.54
N ASP C 178 21.76 47.56 8.23
CA ASP C 178 22.16 47.18 6.90
C ASP C 178 21.50 45.89 6.37
N VAL C 179 20.95 45.06 7.26
CA VAL C 179 20.23 43.85 6.83
C VAL C 179 19.04 44.14 5.92
N ILE C 180 18.42 45.32 6.05
CA ILE C 180 17.32 45.68 5.11
C ILE C 180 17.77 45.71 3.64
N GLU C 181 18.81 46.48 3.37
CA GLU C 181 19.34 46.54 2.01
C GLU C 181 19.86 45.18 1.54
N ILE C 182 20.55 44.43 2.40
CA ILE C 182 21.03 43.08 2.03
C ILE C 182 19.87 42.18 1.60
N ALA C 183 18.81 42.12 2.44
CA ALA C 183 17.65 41.26 2.16
C ALA C 183 16.93 41.66 0.87
N ARG C 184 16.82 42.97 0.65
CA ARG C 184 16.16 43.54 -0.53
C ARG C 184 16.82 43.06 -1.83
N GLY C 185 18.15 42.90 -1.80
CA GLY C 185 18.93 42.48 -2.96
C GLY C 185 18.94 40.99 -3.23
N LEU C 186 18.37 40.20 -2.32
CA LEU C 186 18.43 38.74 -2.46
C LEU C 186 17.60 38.26 -3.61
N LYS C 187 18.04 37.17 -4.20
CA LYS C 187 17.26 36.46 -5.18
C LYS C 187 16.81 35.11 -4.62
N LYS C 188 15.67 34.62 -5.09
CA LYS C 188 15.19 33.33 -4.71
C LYS C 188 16.28 32.29 -4.93
N SER C 189 16.42 31.37 -3.98
CA SER C 189 17.49 30.38 -3.99
C SER C 189 17.03 29.13 -4.75
N ALA C 190 17.84 28.08 -4.70
CA ALA C 190 17.46 26.73 -5.14
C ALA C 190 15.97 26.48 -5.00
N ARG C 191 15.47 26.47 -3.76
CA ARG C 191 14.07 26.08 -3.50
C ARG C 191 13.07 27.25 -3.58
N GLY C 192 13.46 28.32 -4.26
CA GLY C 192 12.54 29.41 -4.60
C GLY C 192 12.16 30.27 -3.40
N GLU C 193 13.10 30.44 -2.47
CA GLU C 193 12.87 31.25 -1.26
C GLU C 193 13.97 32.28 -1.08
N TYR C 194 13.64 33.36 -0.37
CA TYR C 194 14.64 34.34 0.02
C TYR C 194 15.14 33.88 1.39
N GLU C 195 16.39 33.39 1.46
CA GLU C 195 16.86 32.60 2.65
C GLU C 195 17.68 33.48 3.61
N ILE C 196 17.46 33.24 4.90
CA ILE C 196 18.26 33.85 5.96
C ILE C 196 19.72 33.35 5.92
N THR C 197 19.91 32.08 5.56
CA THR C 197 21.27 31.55 5.38
C THR C 197 22.07 32.42 4.41
N GLU C 198 21.43 32.87 3.34
CA GLU C 198 22.08 33.74 2.38
C GLU C 198 22.40 35.16 2.89
N VAL C 199 21.56 35.70 3.78
CA VAL C 199 21.83 37.00 4.43
C VAL C 199 23.11 36.86 5.27
N ASN C 200 23.12 35.77 6.01
CA ASN C 200 24.24 35.43 6.85
C ASN C 200 25.51 35.22 6.03
N GLN C 201 25.39 34.61 4.85
CA GLN C 201 26.53 34.48 3.91
C GLN C 201 27.12 35.83 3.50
N VAL C 202 26.27 36.82 3.27
CA VAL C 202 26.75 38.14 2.89
C VAL C 202 27.50 38.80 4.03
N TYR C 203 27.02 38.67 5.25
CA TYR C 203 27.74 39.23 6.38
C TYR C 203 29.06 38.48 6.60
N LEU C 204 29.02 37.15 6.45
CA LEU C 204 30.23 36.34 6.62
C LEU C 204 31.31 36.73 5.58
N ASN C 205 30.91 36.82 4.31
CA ASN C 205 31.78 37.30 3.20
C ASN C 205 32.43 38.66 3.47
N GLN C 206 31.75 39.54 4.22
CA GLN C 206 32.30 40.85 4.58
C GLN C 206 33.16 40.84 5.83
N GLY C 207 33.31 39.68 6.45
CA GLY C 207 33.96 39.58 7.74
C GLY C 207 33.21 40.24 8.87
N ARG C 208 31.87 40.26 8.79
CA ARG C 208 31.11 41.00 9.79
CA ARG C 208 31.00 41.04 9.66
C ARG C 208 30.01 40.13 10.43
N LEU C 209 30.27 38.82 10.42
CA LEU C 209 29.40 37.86 11.13
C LEU C 209 30.05 37.26 12.36
N ALA C 210 29.42 37.44 13.51
CA ALA C 210 29.82 36.75 14.71
C ALA C 210 28.92 35.52 14.87
N VAL C 211 29.53 34.40 15.29
CA VAL C 211 28.82 33.15 15.50
C VAL C 211 29.18 32.66 16.91
N GLU C 212 28.18 32.40 17.74
CA GLU C 212 28.41 31.84 19.06
C GLU C 212 27.77 30.48 19.18
N VAL C 213 28.52 29.51 19.66
CA VAL C 213 27.92 28.21 20.05
C VAL C 213 27.18 28.44 21.34
N LEU C 214 25.91 28.00 21.44
CA LEU C 214 25.11 28.19 22.63
C LEU C 214 25.78 27.50 23.81
N ALA C 215 25.62 28.07 24.99
CA ALA C 215 26.38 27.66 26.13
C ALA C 215 25.98 26.24 26.54
N ARG C 216 26.87 25.57 27.29
CA ARG C 216 26.52 24.28 27.90
C ARG C 216 25.25 24.36 28.74
N GLY C 217 24.38 23.35 28.60
CA GLY C 217 23.14 23.32 29.37
C GLY C 217 21.96 24.09 28.76
N THR C 218 22.15 24.68 27.58
CA THR C 218 21.04 25.35 26.92
C THR C 218 20.17 24.35 26.20
N ALA C 219 18.89 24.65 26.18
CA ALA C 219 17.98 23.94 25.32
C ALA C 219 17.53 24.85 24.16
N TRP C 220 17.60 24.30 22.97
CA TRP C 220 17.02 24.91 21.81
C TRP C 220 16.12 23.89 21.14
N LEU C 221 14.89 24.30 20.81
CA LEU C 221 13.91 23.40 20.25
C LEU C 221 13.20 24.13 19.11
N ASP C 222 12.95 23.39 18.06
CA ASP C 222 12.05 23.79 16.98
C ASP C 222 10.90 22.80 17.12
N THR C 223 9.69 23.34 17.07
CA THR C 223 8.50 22.59 17.44
C THR C 223 7.72 22.11 16.24
N GLY C 224 8.33 22.08 15.06
CA GLY C 224 7.63 21.89 13.82
C GLY C 224 7.42 20.46 13.35
N THR C 225 7.64 19.43 14.21
CA THR C 225 7.20 18.03 13.90
C THR C 225 6.38 17.46 15.05
N PHE C 226 5.62 16.39 14.83
CA PHE C 226 4.77 15.88 15.92
C PHE C 226 5.64 15.57 17.16
N ASP C 227 6.78 14.90 16.97
CA ASP C 227 7.61 14.51 18.11
C ASP C 227 8.29 15.68 18.82
N SER C 228 8.76 16.69 18.04
CA SER C 228 9.48 17.81 18.60
C SER C 228 8.52 18.73 19.34
N LEU C 229 7.29 18.85 18.84
CA LEU C 229 6.27 19.62 19.52
C LEU C 229 5.93 19.00 20.85
N LEU C 230 5.71 17.70 20.85
CA LEU C 230 5.35 17.00 22.11
C LEU C 230 6.55 16.98 23.08
N ASP C 231 7.75 16.74 22.55
CA ASP C 231 8.95 16.77 23.40
C ASP C 231 9.11 18.12 24.08
N ALA C 232 8.82 19.18 23.33
CA ALA C 232 8.94 20.56 23.88
C ALA C 232 7.98 20.76 25.05
N ALA C 233 6.74 20.32 24.89
CA ALA C 233 5.77 20.46 25.98
C ALA C 233 6.20 19.65 27.22
N ASP C 234 6.67 18.42 27.01
CA ASP C 234 7.15 17.56 28.11
CA ASP C 234 7.12 17.61 28.16
C ASP C 234 8.31 18.26 28.82
N PHE C 235 9.21 18.86 28.04
CA PHE C 235 10.33 19.58 28.61
C PHE C 235 9.87 20.73 29.51
N VAL C 236 8.95 21.55 29.03
CA VAL C 236 8.50 22.67 29.81
C VAL C 236 7.78 22.22 31.10
N ARG C 237 6.98 21.16 31.01
CA ARG C 237 6.31 20.68 32.20
C ARG C 237 7.31 20.14 33.21
N THR C 238 8.35 19.47 32.72
CA THR C 238 9.37 18.81 33.57
C THR C 238 10.11 19.94 34.37
N LEU C 239 10.45 21.04 33.71
CA LEU C 239 11.06 22.18 34.42
C LEU C 239 10.19 22.69 35.55
N GLU C 240 8.87 22.78 35.33
CA GLU C 240 7.98 23.21 36.41
C GLU C 240 7.89 22.16 37.53
N ARG C 241 7.64 20.91 37.19
CA ARG C 241 7.40 19.90 38.20
C ARG C 241 8.64 19.57 39.02
N ARG C 242 9.80 19.54 38.37
CA ARG C 242 11.06 19.09 39.01
C ARG C 242 11.88 20.23 39.55
N GLN C 243 11.87 21.36 38.83
CA GLN C 243 12.72 22.51 39.25
C GLN C 243 11.92 23.75 39.70
N GLY C 244 10.60 23.65 39.67
CA GLY C 244 9.71 24.73 40.09
C GLY C 244 9.80 26.00 39.25
N LEU C 245 10.21 25.86 37.99
CA LEU C 245 10.38 26.98 37.07
C LEU C 245 9.25 26.99 36.00
N LYS C 246 8.63 28.15 35.82
CA LYS C 246 7.77 28.41 34.66
C LYS C 246 8.61 29.26 33.71
N VAL C 247 8.78 28.80 32.50
CA VAL C 247 9.61 29.53 31.55
C VAL C 247 8.86 30.30 30.45
N SER C 248 9.43 31.43 30.06
CA SER C 248 8.86 32.26 28.98
C SER C 248 7.43 32.74 29.28
N ILE C 249 7.23 33.18 30.51
CA ILE C 249 5.97 33.79 30.96
C ILE C 249 6.07 35.32 30.72
N PRO C 250 5.38 35.84 29.69
CA PRO C 250 5.72 37.23 29.32
C PRO C 250 5.32 38.25 30.36
N GLU C 251 4.29 37.96 31.15
CA GLU C 251 3.85 38.88 32.17
C GLU C 251 4.96 39.01 33.22
N GLU C 252 5.62 37.90 33.49
CA GLU C 252 6.72 37.87 34.46
C GLU C 252 7.87 38.69 33.96
N VAL C 253 8.26 38.49 32.71
CA VAL C 253 9.38 39.25 32.17
C VAL C 253 9.07 40.74 32.17
N ALA C 254 7.86 41.11 31.78
CA ALA C 254 7.45 42.52 31.71
C ALA C 254 7.47 43.13 33.10
N TRP C 255 6.97 42.39 34.07
CA TRP C 255 6.98 42.84 35.46
C TRP C 255 8.41 43.03 35.98
N ARG C 256 9.30 42.06 35.71
CA ARG C 256 10.71 42.14 36.13
C ARG C 256 11.43 43.34 35.50
N MET C 257 11.08 43.69 34.26
CA MET C 257 11.72 44.83 33.58
C MET C 257 11.16 46.17 34.01
N GLY C 258 10.06 46.17 34.76
CA GLY C 258 9.40 47.39 35.17
C GLY C 258 8.43 47.93 34.15
N TRP C 259 8.11 47.11 33.15
CA TRP C 259 7.23 47.56 32.07
C TRP C 259 5.79 47.48 32.44
N ILE C 260 5.46 46.58 33.36
CA ILE C 260 4.20 46.61 34.09
C ILE C 260 4.44 46.58 35.61
N ASP C 261 3.46 47.09 36.34
CA ASP C 261 3.58 47.25 37.78
C ASP C 261 2.79 46.14 38.51
N ASP C 262 2.92 46.10 39.85
CA ASP C 262 2.26 45.10 40.66
C ASP C 262 0.76 45.01 40.42
N GLU C 263 0.12 46.18 40.30
CA GLU C 263 -1.33 46.23 40.17
C GLU C 263 -1.75 45.63 38.83
N GLN C 264 -1.06 46.01 37.76
CA GLN C 264 -1.27 45.39 36.46
C GLN C 264 -1.01 43.88 36.45
N LEU C 265 0.06 43.42 37.11
CA LEU C 265 0.30 41.98 37.24
C LEU C 265 -0.89 41.28 37.93
N VAL C 266 -1.41 41.90 39.00
CA VAL C 266 -2.55 41.32 39.70
C VAL C 266 -3.72 41.17 38.75
N GLN C 267 -3.99 42.21 37.97
CA GLN C 267 -5.06 42.15 36.98
C GLN C 267 -4.86 41.03 35.94
N ARG C 268 -3.61 40.81 35.48
CA ARG C 268 -3.33 39.71 34.55
C ARG C 268 -3.62 38.37 35.22
N ALA C 269 -3.28 38.26 36.51
CA ALA C 269 -3.45 37.03 37.25
C ALA C 269 -4.92 36.69 37.40
N ARG C 270 -5.71 37.72 37.67
CA ARG C 270 -7.15 37.60 37.77
C ARG C 270 -7.73 37.13 36.45
N ALA C 271 -7.30 37.74 35.35
CA ALA C 271 -7.77 37.31 34.03
C ALA C 271 -7.54 35.80 33.76
N LEU C 272 -6.48 35.25 34.38
CA LEU C 272 -5.95 33.92 34.05
C LEU C 272 -6.01 32.93 35.21
N VAL C 273 -6.94 33.21 36.14
CA VAL C 273 -7.10 32.41 37.37
C VAL C 273 -7.63 30.99 37.14
N LYS C 274 -8.55 30.81 36.20
CA LYS C 274 -9.22 29.50 36.06
C LYS C 274 -8.29 28.38 35.63
N SER C 275 -7.30 28.70 34.78
CA SER C 275 -6.39 27.70 34.24
C SER C 275 -5.27 27.35 35.20
N GLY C 276 -5.07 28.15 36.22
CA GLY C 276 -3.88 28.01 37.03
C GLY C 276 -2.73 28.94 36.66
N TYR C 277 -2.67 29.38 35.41
CA TYR C 277 -1.54 30.20 34.97
C TYR C 277 -1.47 31.47 35.86
N GLY C 278 -2.64 32.02 36.16
CA GLY C 278 -2.73 33.22 36.96
C GLY C 278 -2.12 33.08 38.33
N ASN C 279 -2.20 31.88 38.90
CA ASN C 279 -1.74 31.68 40.28
C ASN C 279 -0.24 31.91 40.44
N TYR C 280 0.53 31.52 39.43
CA TYR C 280 1.99 31.72 39.43
C TYR C 280 2.36 33.20 39.40
N LEU C 281 1.52 33.99 38.74
CA LEU C 281 1.72 35.43 38.70
C LEU C 281 1.53 36.01 40.09
N LEU C 282 0.50 35.56 40.81
CA LEU C 282 0.29 35.94 42.21
C LEU C 282 1.45 35.51 43.11
N GLU C 283 1.99 34.31 42.86
CA GLU C 283 3.15 33.84 43.58
C GLU C 283 4.39 34.73 43.41
N LEU C 284 4.61 35.28 42.21
CA LEU C 284 5.72 36.23 42.03
C LEU C 284 5.66 37.39 43.02
N LEU C 285 4.45 37.89 43.29
CA LEU C 285 4.26 38.96 44.26
C LEU C 285 4.50 38.48 45.69
N GLU C 286 4.11 37.24 45.98
CA GLU C 286 4.51 36.48 47.18
C GLU C 286 3.47 36.58 48.28
N MET D 1 4.67 -29.46 29.52
CA MET D 1 5.74 -28.55 29.04
C MET D 1 6.44 -27.89 30.24
N ARG D 2 7.75 -27.75 30.13
CA ARG D 2 8.56 -27.21 31.19
C ARG D 2 9.04 -25.85 30.71
N GLY D 3 9.40 -24.98 31.65
CA GLY D 3 9.80 -23.62 31.29
C GLY D 3 11.23 -23.32 31.67
N ILE D 4 11.90 -22.49 30.88
CA ILE D 4 13.21 -22.00 31.26
C ILE D 4 13.25 -20.50 30.99
N ILE D 5 13.84 -19.76 31.91
CA ILE D 5 14.12 -18.33 31.69
C ILE D 5 15.60 -18.15 31.68
N LEU D 6 16.14 -17.60 30.60
CA LEU D 6 17.53 -17.25 30.59
C LEU D 6 17.70 -15.91 31.24
N ALA D 7 18.43 -15.85 32.34
CA ALA D 7 18.46 -14.64 33.16
C ALA D 7 19.89 -14.35 33.60
N GLY D 8 20.83 -14.84 32.79
CA GLY D 8 22.26 -14.60 32.87
C GLY D 8 22.70 -13.41 32.03
N GLY D 9 23.85 -13.53 31.37
CA GLY D 9 24.42 -12.46 30.61
C GLY D 9 25.15 -11.46 31.49
N SER D 10 26.03 -10.69 30.88
CA SER D 10 26.79 -9.68 31.61
C SER D 10 26.13 -8.30 31.68
N GLY D 11 25.17 -8.03 30.81
CA GLY D 11 24.49 -6.71 30.81
C GLY D 11 25.39 -5.55 30.36
N THR D 12 26.41 -5.79 29.53
CA THR D 12 27.36 -4.72 29.19
C THR D 12 26.72 -3.44 28.60
N ARG D 13 25.63 -3.62 27.88
CA ARG D 13 24.91 -2.50 27.26
C ARG D 13 24.17 -1.59 28.27
N LEU D 14 24.16 -2.00 29.54
CA LEU D 14 23.61 -1.17 30.67
C LEU D 14 24.69 -0.74 31.72
N TYR D 15 25.97 -0.94 31.42
CA TYR D 15 26.99 -0.47 32.37
C TYR D 15 26.93 1.03 32.48
N PRO D 16 27.07 1.60 33.68
CA PRO D 16 27.45 0.92 34.93
C PRO D 16 26.27 0.40 35.79
N ILE D 17 25.05 0.58 35.33
CA ILE D 17 23.87 0.09 36.10
C ILE D 17 24.09 -1.39 36.41
N THR D 18 24.55 -2.15 35.43
CA THR D 18 24.61 -3.60 35.56
C THR D 18 25.97 -4.08 36.06
N MET D 19 26.84 -3.17 36.48
CA MET D 19 28.03 -3.58 37.22
C MET D 19 27.70 -4.15 38.61
N GLY D 20 26.64 -3.66 39.24
CA GLY D 20 26.31 -4.06 40.60
C GLY D 20 25.13 -5.01 40.73
N ILE D 21 24.46 -5.29 39.61
CA ILE D 21 23.19 -6.00 39.66
C ILE D 21 22.86 -6.57 38.28
N SER D 22 22.13 -7.68 38.24
CA SER D 22 21.66 -8.25 36.98
C SER D 22 20.59 -7.37 36.30
N LYS D 23 20.67 -7.27 34.99
CA LYS D 23 19.60 -6.70 34.19
C LYS D 23 18.23 -7.25 34.57
N GLN D 24 18.14 -8.54 34.90
CA GLN D 24 16.87 -9.16 35.17
C GLN D 24 16.27 -8.83 36.54
N LEU D 25 17.03 -8.18 37.41
CA LEU D 25 16.51 -7.74 38.69
C LEU D 25 16.25 -6.22 38.71
N LEU D 26 16.47 -5.54 37.59
CA LEU D 26 16.15 -4.12 37.50
C LEU D 26 14.63 -3.95 37.47
N PRO D 27 14.12 -2.85 38.04
CA PRO D 27 12.70 -2.61 37.97
C PRO D 27 12.24 -2.24 36.55
N VAL D 28 11.00 -2.59 36.23
CA VAL D 28 10.24 -1.93 35.18
C VAL D 28 8.96 -1.42 35.80
N TYR D 29 9.04 -0.17 36.26
CA TYR D 29 8.04 0.49 37.05
C TYR D 29 7.71 -0.02 38.47
N ASP D 30 6.91 -1.09 38.57
CA ASP D 30 6.31 -1.52 39.84
C ASP D 30 6.71 -2.94 40.24
N LYS D 31 7.64 -3.52 39.49
CA LYS D 31 8.06 -4.89 39.73
C LYS D 31 9.40 -5.21 39.09
N PRO D 32 10.05 -6.30 39.51
CA PRO D 32 11.30 -6.68 38.87
C PRO D 32 11.13 -7.12 37.43
N MET D 33 12.13 -6.85 36.61
CA MET D 33 12.17 -7.28 35.21
C MET D 33 11.80 -8.74 35.06
N ILE D 34 12.41 -9.59 35.87
CA ILE D 34 12.15 -11.02 35.82
C ILE D 34 10.70 -11.43 35.94
N TYR D 35 9.87 -10.60 36.55
CA TYR D 35 8.44 -10.92 36.71
C TYR D 35 7.72 -11.04 35.36
N TYR D 36 8.17 -10.31 34.35
CA TYR D 36 7.47 -10.28 33.05
C TYR D 36 7.67 -11.66 32.34
N PRO D 37 8.93 -12.08 32.11
CA PRO D 37 9.04 -13.41 31.52
C PRO D 37 8.46 -14.55 32.35
N LEU D 38 8.56 -14.42 33.68
CA LEU D 38 8.00 -15.41 34.57
C LEU D 38 6.50 -15.56 34.36
N THR D 39 5.83 -14.42 34.30
CA THR D 39 4.40 -14.39 34.13
C THR D 39 4.00 -14.85 32.74
N THR D 40 4.84 -14.58 31.73
CA THR D 40 4.62 -15.17 30.41
C THR D 40 4.51 -16.73 30.46
N LEU D 41 5.50 -17.37 31.08
CA LEU D 41 5.46 -18.82 31.24
C LEU D 41 4.26 -19.25 32.05
N MET D 42 3.94 -18.54 33.13
CA MET D 42 2.80 -18.91 33.96
C MET D 42 1.52 -18.87 33.19
N MET D 43 1.38 -17.87 32.34
CA MET D 43 0.15 -17.71 31.56
C MET D 43 0.02 -18.79 30.51
N ALA D 44 1.15 -19.31 30.03
CA ALA D 44 1.11 -20.49 29.15
C ALA D 44 0.78 -21.77 29.90
N GLY D 45 0.55 -21.69 31.20
CA GLY D 45 0.17 -22.84 32.03
C GLY D 45 1.34 -23.63 32.59
N ILE D 46 2.54 -23.02 32.56
CA ILE D 46 3.76 -23.71 32.91
C ILE D 46 4.05 -23.43 34.39
N ARG D 47 4.15 -24.50 35.22
CA ARG D 47 4.50 -24.33 36.63
C ARG D 47 5.87 -24.82 37.05
N ASP D 48 6.59 -25.56 36.22
CA ASP D 48 7.95 -26.00 36.54
C ASP D 48 8.92 -25.19 35.73
N ILE D 49 9.51 -24.20 36.37
CA ILE D 49 10.27 -23.15 35.72
C ILE D 49 11.64 -23.08 36.33
N GLN D 50 12.65 -23.25 35.49
CA GLN D 50 14.04 -23.14 35.89
C GLN D 50 14.57 -21.80 35.46
N LEU D 51 15.18 -21.07 36.38
CA LEU D 51 15.91 -19.86 36.05
C LEU D 51 17.35 -20.22 35.88
N ILE D 52 17.96 -19.83 34.77
CA ILE D 52 19.39 -19.91 34.55
C ILE D 52 19.99 -18.55 34.78
N THR D 53 20.90 -18.47 35.74
CA THR D 53 21.52 -17.19 36.10
C THR D 53 23.00 -17.32 36.07
N THR D 54 23.71 -16.19 36.16
CA THR D 54 25.13 -16.25 36.36
C THR D 54 25.41 -16.80 37.78
N PRO D 55 26.64 -17.25 38.04
CA PRO D 55 26.90 -17.75 39.42
C PRO D 55 26.82 -16.63 40.46
N HIS D 56 27.35 -15.46 40.13
CA HIS D 56 27.36 -14.33 41.09
C HIS D 56 26.01 -13.61 41.33
N ASP D 57 25.07 -13.68 40.37
CA ASP D 57 23.72 -13.11 40.56
C ASP D 57 22.69 -14.03 41.24
N ALA D 58 23.00 -15.33 41.38
CA ALA D 58 22.02 -16.27 41.86
C ALA D 58 21.39 -15.87 43.18
N PRO D 59 22.22 -15.42 44.15
CA PRO D 59 21.62 -15.11 45.45
C PRO D 59 20.52 -14.06 45.39
N GLY D 60 20.72 -13.04 44.54
CA GLY D 60 19.69 -12.03 44.33
C GLY D 60 18.34 -12.57 43.86
N PHE D 61 18.41 -13.45 42.88
CA PHE D 61 17.23 -14.17 42.41
C PHE D 61 16.60 -14.99 43.51
N HIS D 62 17.42 -15.74 44.27
CA HIS D 62 16.92 -16.57 45.38
C HIS D 62 16.21 -15.67 46.42
N ARG D 63 16.79 -14.52 46.76
CA ARG D 63 16.15 -13.59 47.74
C ARG D 63 14.76 -13.11 47.27
N LEU D 64 14.62 -12.84 45.96
CA LEU D 64 13.34 -12.43 45.37
C LEU D 64 12.29 -13.55 45.29
N LEU D 65 12.66 -14.65 44.67
CA LEU D 65 11.72 -15.65 44.16
C LEU D 65 11.61 -16.90 45.05
N GLY D 66 12.67 -17.22 45.77
CA GLY D 66 12.66 -18.45 46.57
C GLY D 66 12.40 -19.66 45.69
N ASP D 67 11.60 -20.61 46.16
CA ASP D 67 11.20 -21.74 45.33
C ASP D 67 9.91 -21.48 44.54
N GLY D 68 9.40 -20.25 44.59
CA GLY D 68 8.19 -19.87 43.86
C GLY D 68 6.86 -20.34 44.43
N ALA D 69 6.87 -21.02 45.58
CA ALA D 69 5.64 -21.66 46.07
C ALA D 69 4.57 -20.64 46.39
N HIS D 70 5.00 -19.46 46.84
CA HIS D 70 4.09 -18.33 47.09
C HIS D 70 3.32 -17.81 45.85
N LEU D 71 3.81 -18.18 44.66
CA LEU D 71 3.17 -17.85 43.39
C LEU D 71 2.61 -19.13 42.74
N GLY D 72 2.49 -20.18 43.55
CA GLY D 72 1.93 -21.48 43.10
C GLY D 72 2.66 -22.17 41.97
N VAL D 73 3.95 -21.91 41.87
CA VAL D 73 4.82 -22.54 40.90
C VAL D 73 6.04 -23.21 41.59
N ASN D 74 6.78 -24.01 40.83
CA ASN D 74 8.05 -24.55 41.28
C ASN D 74 9.20 -23.92 40.50
N ILE D 75 9.82 -22.93 41.11
CA ILE D 75 11.04 -22.30 40.59
C ILE D 75 12.27 -23.04 41.08
N SER D 76 13.12 -23.47 40.14
CA SER D 76 14.41 -24.06 40.42
C SER D 76 15.48 -23.24 39.72
N TYR D 77 16.75 -23.53 40.01
CA TYR D 77 17.87 -22.68 39.62
C TYR D 77 18.96 -23.53 38.99
N ALA D 78 19.55 -23.01 37.93
CA ALA D 78 20.77 -23.55 37.36
C ALA D 78 21.60 -22.38 37.05
N THR D 79 22.86 -22.65 36.82
CA THR D 79 23.86 -21.65 36.76
C THR D 79 24.58 -21.81 35.40
N GLN D 80 25.00 -20.70 34.80
CA GLN D 80 25.72 -20.71 33.53
C GLN D 80 27.07 -20.09 33.77
N ASP D 81 28.14 -20.81 33.44
CA ASP D 81 29.47 -20.39 33.90
C ASP D 81 30.02 -19.17 33.16
N GLN D 82 29.69 -19.02 31.88
CA GLN D 82 30.02 -17.82 31.11
C GLN D 82 28.89 -17.63 30.14
N PRO D 83 28.68 -16.39 29.69
CA PRO D 83 27.50 -16.15 28.86
C PRO D 83 27.84 -16.47 27.42
N ASP D 84 27.86 -17.77 27.10
CA ASP D 84 28.36 -18.24 25.82
C ASP D 84 27.21 -18.65 24.91
N GLY D 85 25.99 -18.21 25.23
CA GLY D 85 24.89 -18.23 24.27
C GLY D 85 23.58 -18.81 24.74
N LEU D 86 22.52 -18.43 24.04
CA LEU D 86 21.17 -18.69 24.49
C LEU D 86 20.89 -20.19 24.32
N ALA D 87 21.53 -20.81 23.33
CA ALA D 87 21.29 -22.24 23.02
C ALA D 87 21.71 -23.16 24.16
N GLN D 88 22.63 -22.67 24.99
CA GLN D 88 23.03 -23.41 26.18
C GLN D 88 21.89 -23.65 27.19
N ALA D 89 20.81 -22.88 27.10
CA ALA D 89 19.63 -23.11 27.95
C ALA D 89 19.14 -24.56 27.88
N PHE D 90 19.28 -25.18 26.72
CA PHE D 90 18.77 -26.53 26.50
C PHE D 90 19.77 -27.62 26.92
N VAL D 91 21.04 -27.27 27.01
CA VAL D 91 22.06 -28.17 27.54
C VAL D 91 22.01 -28.08 29.05
N ILE D 92 22.19 -26.87 29.58
CA ILE D 92 22.05 -26.63 31.00
C ILE D 92 20.73 -27.16 31.52
N GLY D 93 19.65 -26.83 30.82
CA GLY D 93 18.33 -27.21 31.23
C GLY D 93 17.86 -28.61 30.86
N ALA D 94 18.71 -29.45 30.26
CA ALA D 94 18.25 -30.81 29.83
C ALA D 94 17.55 -31.65 30.92
N ASN D 95 18.16 -31.77 32.10
CA ASN D 95 17.58 -32.56 33.18
C ASN D 95 16.23 -32.01 33.64
N HIS D 96 16.15 -30.69 33.73
CA HIS D 96 14.90 -30.01 34.01
C HIS D 96 13.82 -30.35 32.97
N ILE D 97 14.19 -30.30 31.69
CA ILE D 97 13.26 -30.57 30.60
C ILE D 97 12.83 -32.04 30.62
N GLY D 98 13.79 -32.92 30.91
CA GLY D 98 13.55 -34.37 30.79
C GLY D 98 13.06 -34.78 29.42
N ALA D 99 11.91 -35.46 29.40
CA ALA D 99 11.24 -35.93 28.18
C ALA D 99 10.29 -34.92 27.53
N ASP D 100 10.06 -33.80 28.21
CA ASP D 100 8.90 -32.96 27.94
C ASP D 100 9.29 -31.96 26.88
N SER D 101 8.30 -31.25 26.37
CA SER D 101 8.53 -30.09 25.50
C SER D 101 8.95 -28.91 26.38
N VAL D 102 9.43 -27.83 25.77
CA VAL D 102 9.99 -26.71 26.55
C VAL D 102 9.57 -25.32 25.97
N ALA D 103 9.25 -24.38 26.88
CA ALA D 103 9.21 -22.95 26.54
C ALA D 103 10.46 -22.26 27.07
N LEU D 104 11.17 -21.56 26.19
CA LEU D 104 12.28 -20.70 26.58
C LEU D 104 11.83 -19.25 26.42
N VAL D 105 12.02 -18.46 27.48
CA VAL D 105 11.80 -17.02 27.40
C VAL D 105 13.06 -16.27 27.86
N LEU D 106 13.33 -15.14 27.22
CA LEU D 106 14.49 -14.35 27.58
C LEU D 106 14.17 -13.40 28.77
N GLY D 107 15.12 -13.26 29.69
CA GLY D 107 14.87 -12.57 30.96
C GLY D 107 14.58 -11.06 30.80
N ASP D 108 14.96 -10.49 29.67
CA ASP D 108 14.86 -9.04 29.47
C ASP D 108 13.75 -8.68 28.47
N ASN D 109 12.82 -9.61 28.24
CA ASN D 109 11.78 -9.42 27.27
C ASN D 109 10.46 -9.25 27.99
N ILE D 110 9.67 -8.31 27.50
CA ILE D 110 8.30 -8.09 27.88
C ILE D 110 7.36 -8.31 26.70
N PHE D 111 6.36 -9.16 26.88
CA PHE D 111 5.32 -9.41 25.88
C PHE D 111 4.00 -8.96 26.49
N TYR D 112 3.28 -8.09 25.79
CA TYR D 112 1.97 -7.67 26.25
C TYR D 112 1.01 -7.54 25.09
N GLY D 113 -0.19 -8.04 25.30
CA GLY D 113 -1.28 -7.84 24.34
C GLY D 113 -2.04 -9.08 23.92
N PRO D 114 -2.93 -8.92 22.93
CA PRO D 114 -3.77 -10.05 22.54
C PRO D 114 -2.89 -11.19 22.04
N GLY D 115 -3.17 -12.39 22.50
CA GLY D 115 -2.39 -13.55 22.05
C GLY D 115 -1.17 -13.88 22.90
N LEU D 116 -0.84 -12.99 23.85
CA LEU D 116 0.32 -13.16 24.72
C LEU D 116 -0.04 -13.39 26.20
N GLY D 117 -1.28 -13.78 26.47
CA GLY D 117 -1.71 -14.15 27.83
C GLY D 117 -2.05 -15.63 27.91
N THR D 118 -3.18 -15.97 28.51
CA THR D 118 -3.50 -17.38 28.81
C THR D 118 -3.80 -18.24 27.59
N SER D 119 -3.90 -17.63 26.41
CA SER D 119 -4.01 -18.38 25.16
C SER D 119 -2.69 -18.96 24.73
N LEU D 120 -1.59 -18.54 25.36
CA LEU D 120 -0.30 -19.14 25.07
C LEU D 120 -0.24 -20.63 25.47
N LYS D 121 -1.18 -21.08 26.28
CA LYS D 121 -1.29 -22.50 26.65
C LYS D 121 -1.45 -23.42 25.43
N ARG D 122 -1.92 -22.86 24.32
CA ARG D 122 -2.01 -23.59 23.06
C ARG D 122 -0.67 -24.12 22.56
N PHE D 123 0.44 -23.57 23.03
CA PHE D 123 1.74 -24.04 22.56
C PHE D 123 2.25 -25.26 23.30
N GLN D 124 1.57 -25.67 24.36
CA GLN D 124 1.98 -26.84 25.14
C GLN D 124 2.08 -28.12 24.27
N SER D 125 1.17 -28.27 23.30
CA SER D 125 1.18 -29.44 22.40
C SER D 125 2.04 -29.22 21.16
N ILE D 126 3.04 -28.33 21.25
CA ILE D 126 3.97 -28.05 20.14
C ILE D 126 4.60 -29.31 19.54
N SER D 127 4.62 -29.41 18.22
CA SER D 127 5.47 -30.34 17.53
C SER D 127 6.41 -29.54 16.65
N GLY D 128 7.69 -29.87 16.66
CA GLY D 128 8.70 -29.07 16.00
C GLY D 128 9.12 -27.87 16.85
N GLY D 129 9.28 -26.72 16.21
CA GLY D 129 9.53 -25.44 16.90
C GLY D 129 8.51 -24.37 16.52
N ALA D 130 8.29 -23.42 17.43
CA ALA D 130 7.41 -22.30 17.13
C ALA D 130 7.99 -21.02 17.71
N ILE D 131 8.10 -20.01 16.86
CA ILE D 131 8.72 -18.73 17.19
C ILE D 131 7.81 -17.63 16.68
N PHE D 132 8.26 -16.39 16.84
CA PHE D 132 7.43 -15.22 16.54
C PHE D 132 8.21 -14.20 15.73
N ALA D 133 7.48 -13.22 15.22
CA ALA D 133 8.02 -12.14 14.43
C ALA D 133 7.33 -10.82 14.82
N TYR D 134 8.08 -9.72 14.78
CA TYR D 134 7.56 -8.43 15.23
C TYR D 134 8.33 -7.36 14.49
N TRP D 135 7.61 -6.45 13.84
CA TRP D 135 8.22 -5.46 12.95
C TRP D 135 8.97 -4.42 13.77
N VAL D 136 10.20 -4.13 13.38
CA VAL D 136 10.96 -3.06 14.04
C VAL D 136 11.58 -2.17 12.97
N ALA D 137 11.80 -0.91 13.33
CA ALA D 137 12.50 0.04 12.46
C ALA D 137 13.99 -0.31 12.24
N ASN D 138 14.60 -1.03 13.19
CA ASN D 138 16.04 -1.27 13.18
C ASN D 138 16.37 -2.77 13.29
N PRO D 139 16.01 -3.54 12.26
CA PRO D 139 16.20 -5.00 12.36
C PRO D 139 17.64 -5.45 12.64
N SER D 140 18.64 -4.68 12.26
CA SER D 140 20.02 -5.18 12.40
C SER D 140 20.43 -5.45 13.87
N ALA D 141 19.68 -4.94 14.82
CA ALA D 141 19.98 -5.10 16.24
C ALA D 141 19.38 -6.35 16.84
N TYR D 142 18.63 -7.13 16.05
CA TYR D 142 17.92 -8.29 16.58
C TYR D 142 18.22 -9.49 15.69
N GLY D 143 17.75 -10.66 16.11
CA GLY D 143 17.51 -11.76 15.19
C GLY D 143 16.37 -11.40 14.22
N VAL D 144 16.57 -11.72 12.94
CA VAL D 144 15.70 -11.28 11.86
C VAL D 144 15.18 -12.52 11.10
N VAL D 145 13.86 -12.58 10.87
CA VAL D 145 13.23 -13.62 10.04
C VAL D 145 12.69 -12.98 8.74
N GLU D 146 13.15 -13.51 7.62
CA GLU D 146 12.71 -13.09 6.28
C GLU D 146 11.65 -14.07 5.81
N PHE D 147 10.51 -13.54 5.36
CA PHE D 147 9.48 -14.34 4.70
C PHE D 147 9.61 -14.17 3.19
N GLY D 148 9.13 -15.17 2.45
CA GLY D 148 9.17 -15.13 0.98
C GLY D 148 7.90 -14.55 0.37
N ALA D 149 7.92 -14.44 -0.96
CA ALA D 149 6.72 -14.13 -1.75
C ALA D 149 5.44 -14.80 -1.24
N GLU D 150 5.54 -16.07 -0.84
CA GLU D 150 4.37 -16.88 -0.51
C GLU D 150 3.90 -16.76 0.96
N GLY D 151 4.66 -16.03 1.79
CA GLY D 151 4.26 -15.77 3.18
C GLY D 151 4.96 -16.62 4.23
N MET D 152 5.89 -17.47 3.78
CA MET D 152 6.56 -18.50 4.61
C MET D 152 7.97 -18.12 5.05
N ALA D 153 8.39 -18.59 6.23
CA ALA D 153 9.74 -18.35 6.74
C ALA D 153 10.76 -18.80 5.71
N LEU D 154 11.69 -17.91 5.35
CA LEU D 154 12.66 -18.16 4.28
C LEU D 154 14.09 -18.18 4.80
N SER D 155 14.46 -17.17 5.60
CA SER D 155 15.78 -17.16 6.24
C SER D 155 15.74 -16.62 7.67
N LEU D 156 16.73 -17.03 8.47
CA LEU D 156 16.91 -16.53 9.85
C LEU D 156 18.34 -16.07 10.00
N GLU D 157 18.54 -14.82 10.43
CA GLU D 157 19.87 -14.27 10.60
C GLU D 157 20.00 -13.53 11.93
N GLU D 158 21.09 -13.76 12.66
CA GLU D 158 21.30 -13.04 13.90
C GLU D 158 21.97 -11.70 13.62
N LYS D 159 21.29 -10.61 13.95
CA LYS D 159 21.87 -9.27 13.88
C LYS D 159 22.62 -8.97 12.55
N PRO D 160 21.90 -9.08 11.42
CA PRO D 160 22.53 -8.95 10.09
C PRO D 160 22.94 -7.51 9.79
N VAL D 161 24.11 -7.36 9.18
CA VAL D 161 24.63 -6.05 8.80
C VAL D 161 23.70 -5.40 7.74
N THR D 162 23.23 -6.24 6.83
CA THR D 162 22.26 -5.87 5.81
C THR D 162 21.01 -6.74 6.00
N PRO D 163 20.05 -6.23 6.76
CA PRO D 163 18.86 -7.03 7.10
C PRO D 163 17.98 -7.37 5.88
N LYS D 164 17.52 -8.60 5.77
CA LYS D 164 16.68 -9.01 4.63
C LYS D 164 15.15 -8.79 4.89
N SER D 165 14.80 -8.26 6.07
CA SER D 165 13.41 -7.92 6.41
C SER D 165 13.42 -7.01 7.61
N ASN D 166 12.22 -6.62 8.04
CA ASN D 166 12.05 -5.77 9.21
C ASN D 166 11.50 -6.52 10.42
N TYR D 167 11.38 -7.85 10.33
CA TYR D 167 10.78 -8.64 11.37
C TYR D 167 11.84 -9.21 12.33
N ALA D 168 11.93 -8.59 13.50
CA ALA D 168 12.71 -9.14 14.61
C ALA D 168 12.10 -10.45 15.11
N VAL D 169 12.95 -11.35 15.59
CA VAL D 169 12.47 -12.57 16.25
C VAL D 169 12.63 -12.34 17.76
N PRO D 170 11.52 -12.24 18.49
CA PRO D 170 11.57 -11.89 19.90
C PRO D 170 11.96 -13.09 20.76
N GLY D 171 12.22 -12.84 22.03
CA GLY D 171 12.79 -13.88 22.90
C GLY D 171 11.77 -14.79 23.54
N LEU D 172 10.95 -15.46 22.74
CA LEU D 172 10.03 -16.47 23.24
C LEU D 172 9.99 -17.56 22.22
N TYR D 173 10.21 -18.79 22.67
CA TYR D 173 10.41 -19.94 21.76
C TYR D 173 9.85 -21.18 22.40
N PHE D 174 9.10 -21.95 21.61
CA PHE D 174 8.51 -23.19 22.06
C PHE D 174 9.05 -24.36 21.24
N TYR D 175 9.44 -25.43 21.93
CA TYR D 175 10.04 -26.57 21.24
C TYR D 175 9.56 -27.89 21.79
N ASP D 176 9.47 -28.87 20.90
CA ASP D 176 9.41 -30.27 21.31
C ASP D 176 10.77 -30.70 21.92
N ASN D 177 10.78 -31.91 22.45
CA ASN D 177 11.93 -32.46 23.16
C ASN D 177 13.20 -32.68 22.30
N ASP D 178 13.08 -32.67 20.96
CA ASP D 178 14.26 -32.73 20.07
C ASP D 178 15.25 -31.61 20.22
N VAL D 179 14.84 -30.54 20.90
CA VAL D 179 15.69 -29.38 20.92
C VAL D 179 16.95 -29.67 21.73
N ILE D 180 16.86 -30.57 22.70
CA ILE D 180 18.05 -30.87 23.53
C ILE D 180 19.21 -31.41 22.69
N GLU D 181 18.93 -32.44 21.88
CA GLU D 181 19.98 -33.02 21.02
C GLU D 181 20.42 -32.02 19.96
N ILE D 182 19.49 -31.22 19.47
CA ILE D 182 19.83 -30.19 18.50
C ILE D 182 20.81 -29.19 19.08
N ALA D 183 20.53 -28.72 20.29
CA ALA D 183 21.42 -27.77 20.94
C ALA D 183 22.75 -28.43 21.35
N ARG D 184 22.68 -29.69 21.81
CA ARG D 184 23.88 -30.45 22.22
C ARG D 184 24.88 -30.54 21.06
N GLY D 185 24.38 -30.79 19.85
CA GLY D 185 25.22 -30.88 18.66
C GLY D 185 25.63 -29.57 17.99
N LEU D 186 25.43 -28.42 18.64
CA LEU D 186 25.77 -27.13 18.04
C LEU D 186 27.24 -26.80 18.24
N LYS D 187 27.81 -26.10 17.27
CA LYS D 187 29.13 -25.47 17.42
C LYS D 187 28.95 -23.98 17.65
N LYS D 188 30.01 -23.33 18.14
CA LYS D 188 29.99 -21.88 18.33
C LYS D 188 29.89 -21.16 16.99
N SER D 189 29.10 -20.10 16.94
CA SER D 189 28.87 -19.35 15.71
C SER D 189 30.08 -18.50 15.34
N ALA D 190 29.92 -17.68 14.31
CA ALA D 190 30.86 -16.62 13.96
C ALA D 190 31.19 -15.75 15.16
N ARG D 191 30.17 -15.37 15.92
CA ARG D 191 30.35 -14.54 17.12
C ARG D 191 30.92 -15.31 18.34
N GLY D 192 31.06 -16.63 18.24
CA GLY D 192 31.53 -17.44 19.37
C GLY D 192 30.47 -17.80 20.41
N GLU D 193 29.21 -17.93 20.00
CA GLU D 193 28.13 -18.31 20.91
C GLU D 193 27.36 -19.49 20.35
N TYR D 194 26.78 -20.27 21.25
CA TYR D 194 25.75 -21.23 20.88
C TYR D 194 24.43 -20.47 20.67
N GLU D 195 24.06 -20.25 19.41
CA GLU D 195 22.97 -19.33 19.00
C GLU D 195 21.62 -20.03 18.89
N ILE D 196 20.60 -19.38 19.44
CA ILE D 196 19.22 -19.82 19.31
C ILE D 196 18.79 -19.71 17.83
N THR D 197 19.33 -18.71 17.14
CA THR D 197 19.04 -18.51 15.71
C THR D 197 19.38 -19.79 14.95
N GLU D 198 20.45 -20.47 15.34
CA GLU D 198 20.84 -21.77 14.72
C GLU D 198 20.00 -22.97 15.10
N VAL D 199 19.52 -23.05 16.33
CA VAL D 199 18.47 -24.01 16.69
C VAL D 199 17.24 -23.84 15.78
N ASN D 200 16.84 -22.58 15.59
CA ASN D 200 15.69 -22.27 14.77
C ASN D 200 15.96 -22.63 13.28
N GLN D 201 17.17 -22.33 12.81
CA GLN D 201 17.60 -22.73 11.46
C GLN D 201 17.55 -24.23 11.24
N VAL D 202 17.96 -24.99 12.24
CA VAL D 202 17.97 -26.44 12.15
C VAL D 202 16.52 -26.91 11.94
N TYR D 203 15.61 -26.44 12.79
CA TYR D 203 14.21 -26.85 12.70
C TYR D 203 13.57 -26.37 11.39
N LEU D 204 14.05 -25.24 10.88
CA LEU D 204 13.55 -24.70 9.62
C LEU D 204 13.91 -25.64 8.47
N ASN D 205 15.21 -25.92 8.32
CA ASN D 205 15.75 -26.89 7.32
C ASN D 205 15.01 -28.22 7.29
N GLN D 206 14.48 -28.66 8.43
CA GLN D 206 13.64 -29.85 8.50
C GLN D 206 12.18 -29.58 8.18
N GLY D 207 11.81 -28.32 7.94
CA GLY D 207 10.41 -27.96 7.69
C GLY D 207 9.50 -28.12 8.91
N ARG D 208 10.04 -27.85 10.10
CA ARG D 208 9.27 -28.04 11.33
C ARG D 208 9.27 -26.80 12.21
N LEU D 209 9.45 -25.65 11.57
CA LEU D 209 9.41 -24.36 12.25
C LEU D 209 8.21 -23.52 11.83
N ALA D 210 7.20 -23.42 12.71
CA ALA D 210 6.15 -22.42 12.60
C ALA D 210 6.61 -21.04 13.12
N VAL D 211 6.17 -19.99 12.43
CA VAL D 211 6.49 -18.60 12.79
C VAL D 211 5.17 -17.84 12.74
N GLU D 212 4.81 -17.18 13.85
CA GLU D 212 3.62 -16.30 13.90
C GLU D 212 4.03 -14.84 14.04
N VAL D 213 3.53 -13.98 13.18
CA VAL D 213 3.68 -12.52 13.37
C VAL D 213 2.77 -12.17 14.55
N LEU D 214 3.29 -11.44 15.52
CA LEU D 214 2.47 -11.09 16.66
C LEU D 214 1.31 -10.24 16.19
N ALA D 215 0.19 -10.38 16.88
CA ALA D 215 -1.04 -9.64 16.61
C ALA D 215 -0.88 -8.10 16.54
N ARG D 216 -1.69 -7.46 15.70
CA ARG D 216 -1.81 -6.00 15.68
C ARG D 216 -2.11 -5.49 17.09
N GLY D 217 -1.40 -4.45 17.54
CA GLY D 217 -1.67 -3.92 18.89
C GLY D 217 -0.93 -4.62 20.04
N THR D 218 -0.05 -5.56 19.73
CA THR D 218 0.85 -6.13 20.74
C THR D 218 2.06 -5.27 20.96
N ALA D 219 2.57 -5.29 22.20
CA ALA D 219 3.80 -4.62 22.54
C ALA D 219 4.79 -5.70 22.88
N TRP D 220 5.95 -5.59 22.26
CA TRP D 220 7.11 -6.38 22.59
C TRP D 220 8.26 -5.46 22.89
N LEU D 221 8.96 -5.70 24.01
CA LEU D 221 10.02 -4.82 24.48
C LEU D 221 11.22 -5.67 24.92
N ASP D 222 12.42 -5.19 24.60
CA ASP D 222 13.66 -5.68 25.13
C ASP D 222 14.19 -4.50 25.94
N THR D 223 14.63 -4.77 27.17
CA THR D 223 14.99 -3.72 28.10
C THR D 223 16.48 -3.44 28.21
N GLY D 224 17.27 -3.89 27.24
CA GLY D 224 18.70 -3.93 27.42
C GLY D 224 19.48 -2.68 27.07
N THR D 225 18.84 -1.51 26.93
CA THR D 225 19.58 -0.26 26.78
C THR D 225 18.97 0.77 27.69
N PHE D 226 19.71 1.84 27.97
CA PHE D 226 19.20 2.85 28.91
C PHE D 226 17.82 3.34 28.42
N ASP D 227 17.74 3.68 27.15
CA ASP D 227 16.45 4.16 26.61
C ASP D 227 15.34 3.11 26.61
N SER D 228 15.64 1.87 26.23
CA SER D 228 14.57 0.90 26.13
C SER D 228 14.06 0.48 27.51
N LEU D 229 14.96 0.50 28.48
CA LEU D 229 14.63 0.16 29.87
C LEU D 229 13.67 1.24 30.39
N LEU D 230 14.02 2.50 30.17
CA LEU D 230 13.17 3.59 30.66
C LEU D 230 11.83 3.67 29.88
N ASP D 231 11.88 3.53 28.55
CA ASP D 231 10.66 3.46 27.76
C ASP D 231 9.72 2.35 28.23
N ALA D 232 10.28 1.22 28.63
CA ALA D 232 9.46 0.12 29.14
C ALA D 232 8.71 0.51 30.43
N ALA D 233 9.43 1.11 31.35
CA ALA D 233 8.83 1.58 32.60
C ALA D 233 7.69 2.60 32.34
N ASP D 234 7.95 3.55 31.43
CA ASP D 234 6.95 4.53 31.01
CA ASP D 234 6.93 4.53 31.05
C ASP D 234 5.72 3.84 30.44
N PHE D 235 5.93 2.78 29.64
CA PHE D 235 4.82 2.05 29.04
C PHE D 235 3.94 1.39 30.10
N VAL D 236 4.56 0.72 31.07
CA VAL D 236 3.81 0.03 32.07
C VAL D 236 3.06 0.99 32.98
N ARG D 237 3.67 2.11 33.33
CA ARG D 237 2.95 3.11 34.10
C ARG D 237 1.76 3.71 33.35
N THR D 238 1.97 4.01 32.07
CA THR D 238 0.91 4.54 31.22
C THR D 238 -0.31 3.58 31.21
N LEU D 239 -0.09 2.27 31.09
CA LEU D 239 -1.20 1.32 31.11
C LEU D 239 -1.97 1.43 32.39
N GLU D 240 -1.27 1.63 33.52
CA GLU D 240 -1.99 1.79 34.78
C GLU D 240 -2.69 3.13 34.89
N ARG D 241 -1.98 4.22 34.63
CA ARG D 241 -2.58 5.55 34.80
C ARG D 241 -3.72 5.80 33.80
N ARG D 242 -3.56 5.34 32.55
CA ARG D 242 -4.52 5.66 31.50
C ARG D 242 -5.64 4.62 31.35
N GLN D 243 -5.28 3.34 31.46
CA GLN D 243 -6.23 2.27 31.22
C GLN D 243 -6.59 1.43 32.48
N GLY D 244 -6.09 1.81 33.64
CA GLY D 244 -6.34 1.09 34.87
C GLY D 244 -5.81 -0.34 34.94
N LEU D 245 -4.84 -0.68 34.10
CA LEU D 245 -4.31 -2.03 34.07
C LEU D 245 -2.94 -2.14 34.74
N LYS D 246 -2.79 -3.18 35.55
CA LYS D 246 -1.47 -3.64 36.03
C LYS D 246 -1.21 -4.93 35.30
N VAL D 247 -0.04 -5.04 34.70
CA VAL D 247 0.29 -6.15 33.84
C VAL D 247 1.39 -7.01 34.42
N SER D 248 1.34 -8.31 34.10
CA SER D 248 2.36 -9.27 34.48
C SER D 248 2.57 -9.31 35.98
N ILE D 249 1.46 -9.33 36.71
CA ILE D 249 1.42 -9.51 38.15
C ILE D 249 1.32 -11.04 38.41
N PRO D 250 2.41 -11.66 38.87
CA PRO D 250 2.40 -13.12 38.99
C PRO D 250 1.38 -13.60 40.03
N GLU D 251 1.14 -12.82 41.08
CA GLU D 251 0.17 -13.28 42.10
C GLU D 251 -1.23 -13.32 41.48
N GLU D 252 -1.49 -12.41 40.55
CA GLU D 252 -2.77 -12.40 39.88
C GLU D 252 -2.97 -13.58 38.94
N VAL D 253 -1.95 -13.89 38.16
CA VAL D 253 -2.00 -15.00 37.24
C VAL D 253 -2.14 -16.31 37.99
N ALA D 254 -1.36 -16.46 39.07
CA ALA D 254 -1.52 -17.59 40.00
C ALA D 254 -2.95 -17.77 40.51
N TRP D 255 -3.53 -16.69 41.00
CA TRP D 255 -4.83 -16.72 41.62
C TRP D 255 -5.90 -17.01 40.57
N ARG D 256 -5.80 -16.38 39.40
CA ARG D 256 -6.76 -16.61 38.34
C ARG D 256 -6.70 -18.06 37.84
N MET D 257 -5.52 -18.66 37.82
CA MET D 257 -5.45 -20.04 37.37
C MET D 257 -5.79 -21.08 38.45
N GLY D 258 -6.05 -20.63 39.66
CA GLY D 258 -6.40 -21.52 40.77
C GLY D 258 -5.20 -22.06 41.55
N TRP D 259 -3.99 -21.62 41.21
CA TRP D 259 -2.75 -22.13 41.83
C TRP D 259 -2.54 -21.65 43.25
N ILE D 260 -3.11 -20.51 43.57
CA ILE D 260 -3.21 -20.06 44.92
C ILE D 260 -4.63 -19.58 45.13
N ASP D 261 -5.06 -19.60 46.40
CA ASP D 261 -6.45 -19.34 46.76
C ASP D 261 -6.60 -17.95 47.38
N ASP D 262 -7.84 -17.57 47.73
CA ASP D 262 -8.11 -16.19 48.21
C ASP D 262 -7.31 -15.83 49.46
N GLU D 263 -7.16 -16.77 50.38
CA GLU D 263 -6.43 -16.44 51.59
C GLU D 263 -4.92 -16.27 51.31
N GLN D 264 -4.35 -17.09 50.43
CA GLN D 264 -2.97 -16.91 49.98
C GLN D 264 -2.78 -15.54 49.28
N LEU D 265 -3.72 -15.16 48.45
CA LEU D 265 -3.70 -13.84 47.85
C LEU D 265 -3.66 -12.73 48.90
N VAL D 266 -4.54 -12.82 49.91
CA VAL D 266 -4.56 -11.82 50.99
C VAL D 266 -3.22 -11.73 51.71
N GLN D 267 -2.61 -12.88 51.98
CA GLN D 267 -1.29 -12.90 52.59
C GLN D 267 -0.24 -12.21 51.70
N ARG D 268 -0.26 -12.48 50.40
CA ARG D 268 0.64 -11.77 49.47
C ARG D 268 0.41 -10.25 49.51
N ALA D 269 -0.86 -9.83 49.49
CA ALA D 269 -1.20 -8.41 49.59
C ALA D 269 -0.60 -7.79 50.82
N ARG D 270 -0.76 -8.45 51.96
CA ARG D 270 -0.37 -7.84 53.21
C ARG D 270 1.15 -7.73 53.31
N ALA D 271 1.87 -8.70 52.77
CA ALA D 271 3.33 -8.58 52.56
C ALA D 271 3.77 -7.33 51.78
N LEU D 272 2.88 -6.84 50.90
CA LEU D 272 3.21 -5.80 49.93
C LEU D 272 2.34 -4.54 50.13
N VAL D 273 1.87 -4.33 51.36
CA VAL D 273 0.93 -3.24 51.61
C VAL D 273 1.56 -1.85 51.45
N LYS D 274 2.83 -1.70 51.77
CA LYS D 274 3.43 -0.39 51.92
C LYS D 274 3.77 0.28 50.59
N SER D 275 3.94 -0.51 49.53
CA SER D 275 4.30 0.03 48.22
C SER D 275 3.13 0.46 47.34
N GLY D 276 1.95 -0.05 47.66
CA GLY D 276 0.82 0.05 46.74
C GLY D 276 0.55 -1.22 45.96
N TYR D 277 1.57 -2.05 45.71
CA TYR D 277 1.40 -3.28 44.90
C TYR D 277 0.35 -4.19 45.54
N GLY D 278 0.42 -4.35 46.86
CA GLY D 278 -0.52 -5.24 47.55
C GLY D 278 -1.96 -4.77 47.44
N ASN D 279 -2.17 -3.45 47.43
CA ASN D 279 -3.52 -2.90 47.33
C ASN D 279 -4.23 -3.33 46.05
N TYR D 280 -3.49 -3.43 44.95
CA TYR D 280 -4.07 -3.90 43.73
C TYR D 280 -4.59 -5.35 43.89
N LEU D 281 -3.80 -6.18 44.57
CA LEU D 281 -4.20 -7.56 44.87
C LEU D 281 -5.50 -7.67 45.72
N LEU D 282 -5.66 -6.80 46.69
CA LEU D 282 -6.91 -6.72 47.47
C LEU D 282 -8.04 -6.26 46.60
N GLU D 283 -7.77 -5.32 45.70
CA GLU D 283 -8.79 -4.89 44.74
C GLU D 283 -9.27 -6.08 43.91
N LEU D 284 -8.37 -6.99 43.54
CA LEU D 284 -8.80 -8.13 42.73
C LEU D 284 -9.92 -8.87 43.41
N LEU D 285 -9.82 -9.02 44.73
CA LEU D 285 -10.81 -9.75 45.51
C LEU D 285 -12.15 -9.02 45.62
N GLU D 286 -12.11 -7.71 45.88
CA GLU D 286 -13.31 -6.85 45.86
C GLU D 286 -14.22 -7.10 44.65
N MET E 1 -29.64 7.14 13.54
CA MET E 1 -29.16 8.06 14.61
C MET E 1 -28.27 9.08 13.93
N ARG E 2 -28.37 10.32 14.38
CA ARG E 2 -27.50 11.40 13.92
C ARG E 2 -26.61 11.85 15.05
N GLY E 3 -25.56 12.59 14.70
CA GLY E 3 -24.55 12.94 15.66
C GLY E 3 -24.31 14.42 15.77
N ILE E 4 -23.95 14.85 16.98
CA ILE E 4 -23.55 16.22 17.23
C ILE E 4 -22.23 16.21 18.02
N ILE E 5 -21.32 17.11 17.67
CA ILE E 5 -20.12 17.35 18.47
C ILE E 5 -20.20 18.78 18.96
N LEU E 6 -20.17 18.97 20.28
CA LEU E 6 -20.14 20.27 20.86
C LEU E 6 -18.69 20.73 20.83
N ALA E 7 -18.42 21.73 20.00
CA ALA E 7 -17.02 22.12 19.69
C ALA E 7 -16.78 23.63 19.80
N GLY E 8 -17.66 24.26 20.58
CA GLY E 8 -17.54 25.65 20.95
C GLY E 8 -16.93 25.84 22.30
N GLY E 9 -17.53 26.72 23.08
CA GLY E 9 -17.04 27.01 24.40
C GLY E 9 -15.93 28.05 24.35
N SER E 10 -15.62 28.60 25.51
CA SER E 10 -14.58 29.64 25.65
C SER E 10 -13.20 29.09 26.04
N GLY E 11 -13.14 27.90 26.60
CA GLY E 11 -11.83 27.32 26.95
C GLY E 11 -11.07 28.03 28.08
N THR E 12 -11.79 28.65 29.01
CA THR E 12 -11.18 29.47 30.09
C THR E 12 -10.15 28.67 30.90
N ARG E 13 -10.38 27.37 31.13
CA ARG E 13 -9.47 26.58 31.93
C ARG E 13 -8.14 26.26 31.18
N LEU E 14 -8.01 26.69 29.93
CA LEU E 14 -6.77 26.59 29.19
C LEU E 14 -6.16 27.96 28.82
N TYR E 15 -6.69 29.06 29.34
CA TYR E 15 -6.08 30.37 29.08
C TYR E 15 -4.63 30.39 29.60
N PRO E 16 -3.69 30.96 28.85
CA PRO E 16 -3.91 31.80 27.68
C PRO E 16 -3.94 31.07 26.36
N ILE E 17 -3.68 29.75 26.37
CA ILE E 17 -3.61 28.98 25.13
C ILE E 17 -4.85 29.29 24.28
N THR E 18 -6.01 29.12 24.90
CA THR E 18 -7.29 29.18 24.17
C THR E 18 -7.81 30.58 23.92
N MET E 19 -6.97 31.58 24.22
CA MET E 19 -7.23 32.93 23.75
C MET E 19 -6.87 33.04 22.26
N GLY E 20 -6.00 32.13 21.78
CA GLY E 20 -5.58 32.14 20.40
C GLY E 20 -6.09 30.99 19.53
N ILE E 21 -6.61 29.92 20.13
CA ILE E 21 -6.95 28.73 19.36
C ILE E 21 -8.16 28.06 20.08
N SER E 22 -9.11 27.51 19.32
CA SER E 22 -10.17 26.67 19.95
C SER E 22 -9.58 25.47 20.67
N LYS E 23 -10.09 25.11 21.85
CA LYS E 23 -9.71 23.87 22.47
C LYS E 23 -9.88 22.66 21.50
N GLN E 24 -10.88 22.69 20.62
CA GLN E 24 -11.11 21.57 19.72
C GLN E 24 -10.19 21.52 18.52
N LEU E 25 -9.32 22.52 18.38
CA LEU E 25 -8.27 22.48 17.38
C LEU E 25 -6.88 22.25 17.96
N LEU E 26 -6.82 21.97 19.25
CA LEU E 26 -5.55 21.72 19.93
C LEU E 26 -4.89 20.44 19.37
N PRO E 27 -3.55 20.42 19.32
CA PRO E 27 -2.83 19.20 18.94
C PRO E 27 -2.91 18.17 20.07
N VAL E 28 -3.17 16.92 19.69
CA VAL E 28 -3.02 15.75 20.59
C VAL E 28 -2.15 14.73 19.90
N TYR E 29 -0.85 14.98 20.04
CA TYR E 29 0.24 14.31 19.31
C TYR E 29 0.27 14.55 17.77
N ASP E 30 -0.57 13.83 17.05
CA ASP E 30 -0.45 13.75 15.60
C ASP E 30 -1.69 14.20 14.87
N LYS E 31 -2.64 14.79 15.60
CA LYS E 31 -3.94 15.13 14.99
C LYS E 31 -4.61 16.16 15.85
N PRO E 32 -5.52 16.93 15.27
CA PRO E 32 -6.30 17.89 16.05
C PRO E 32 -7.27 17.21 17.02
N MET E 33 -7.57 17.88 18.13
CA MET E 33 -8.47 17.41 19.18
C MET E 33 -9.81 16.89 18.62
N ILE E 34 -10.42 17.65 17.70
CA ILE E 34 -11.71 17.28 17.12
C ILE E 34 -11.75 15.90 16.46
N TYR E 35 -10.63 15.39 15.97
CA TYR E 35 -10.64 14.08 15.37
C TYR E 35 -11.05 12.95 16.34
N TYR E 36 -10.83 13.13 17.65
CA TYR E 36 -11.14 12.08 18.64
C TYR E 36 -12.66 11.88 18.78
N PRO E 37 -13.40 12.92 19.20
CA PRO E 37 -14.87 12.77 19.24
C PRO E 37 -15.49 12.49 17.86
N LEU E 38 -14.96 13.08 16.80
CA LEU E 38 -15.40 12.71 15.43
C LEU E 38 -15.33 11.18 15.18
N THR E 39 -14.21 10.56 15.52
CA THR E 39 -14.03 9.16 15.19
CA THR E 39 -14.04 9.13 15.19
C THR E 39 -14.91 8.29 16.08
N THR E 40 -15.18 8.75 17.30
CA THR E 40 -16.07 8.02 18.23
C THR E 40 -17.48 7.95 17.61
N LEU E 41 -17.96 9.05 17.01
CA LEU E 41 -19.26 9.01 16.34
C LEU E 41 -19.20 8.11 15.12
N MET E 42 -18.09 8.18 14.38
CA MET E 42 -17.96 7.38 13.16
C MET E 42 -17.99 5.90 13.51
N MET E 43 -17.26 5.56 14.56
CA MET E 43 -17.33 4.15 15.03
C MET E 43 -18.69 3.65 15.49
N ALA E 44 -19.51 4.54 16.05
CA ALA E 44 -20.93 4.27 16.30
C ALA E 44 -21.75 4.10 15.04
N GLY E 45 -21.10 4.20 13.89
CA GLY E 45 -21.78 4.10 12.62
C GLY E 45 -22.53 5.31 12.13
N ILE E 46 -22.24 6.48 12.72
CA ILE E 46 -22.99 7.69 12.45
C ILE E 46 -22.25 8.49 11.37
N ARG E 47 -22.95 8.78 10.27
CA ARG E 47 -22.35 9.47 9.14
C ARG E 47 -22.89 10.88 8.90
N ASP E 48 -23.93 11.27 9.65
CA ASP E 48 -24.46 12.61 9.57
C ASP E 48 -24.18 13.33 10.87
N ILE E 49 -23.14 14.14 10.82
CA ILE E 49 -22.54 14.70 12.02
C ILE E 49 -22.58 16.20 11.91
N GLN E 50 -23.19 16.86 12.90
CA GLN E 50 -23.14 18.31 13.01
C GLN E 50 -22.09 18.76 14.03
N LEU E 51 -21.20 19.64 13.58
CA LEU E 51 -20.23 20.32 14.45
CA LEU E 51 -20.26 20.30 14.43
C LEU E 51 -20.82 21.65 14.92
N ILE E 52 -20.91 21.84 16.22
CA ILE E 52 -21.33 23.13 16.76
C ILE E 52 -20.07 23.92 17.14
N THR E 53 -19.88 25.11 16.58
CA THR E 53 -18.70 25.92 16.91
C THR E 53 -19.09 27.29 17.40
N THR E 54 -18.10 28.04 17.88
CA THR E 54 -18.28 29.45 18.10
C THR E 54 -18.38 30.12 16.74
N PRO E 55 -18.88 31.35 16.70
CA PRO E 55 -18.89 32.00 15.39
C PRO E 55 -17.51 32.28 14.90
N HIS E 56 -16.64 32.77 15.77
CA HIS E 56 -15.30 33.20 15.36
C HIS E 56 -14.34 32.03 15.00
N ASP E 57 -14.51 30.84 15.58
CA ASP E 57 -13.64 29.70 15.27
C ASP E 57 -14.04 28.97 14.03
N ALA E 58 -15.21 29.31 13.47
CA ALA E 58 -15.75 28.51 12.38
C ALA E 58 -14.79 28.31 11.22
N PRO E 59 -14.06 29.37 10.76
CA PRO E 59 -13.28 29.08 9.54
C PRO E 59 -12.25 27.96 9.63
N GLY E 60 -11.62 27.84 10.78
CA GLY E 60 -10.59 26.81 10.99
C GLY E 60 -11.15 25.40 10.85
N PHE E 61 -12.37 25.24 11.34
CA PHE E 61 -13.05 23.93 11.27
C PHE E 61 -13.41 23.61 9.84
N HIS E 62 -13.96 24.57 9.09
CA HIS E 62 -14.26 24.34 7.68
C HIS E 62 -12.99 24.01 6.91
N ARG E 63 -11.92 24.73 7.18
CA ARG E 63 -10.67 24.47 6.49
C ARG E 63 -10.12 23.04 6.76
N LEU E 64 -10.24 22.57 7.98
CA LEU E 64 -9.75 21.24 8.38
C LEU E 64 -10.63 20.12 7.83
N LEU E 65 -11.94 20.24 8.04
CA LEU E 65 -12.88 19.14 7.79
C LEU E 65 -13.68 19.21 6.51
N GLY E 66 -13.90 20.43 6.01
CA GLY E 66 -14.81 20.64 4.89
C GLY E 66 -16.12 19.87 4.98
N ASP E 67 -16.49 19.26 3.87
CA ASP E 67 -17.79 18.60 3.68
C ASP E 67 -17.77 17.24 4.43
N GLY E 68 -16.57 16.68 4.60
CA GLY E 68 -16.44 15.39 5.27
C GLY E 68 -16.35 14.22 4.32
N ALA E 69 -16.61 14.40 3.02
CA ALA E 69 -16.64 13.24 2.10
C ALA E 69 -15.34 12.46 2.05
N HIS E 70 -14.20 13.12 2.30
CA HIS E 70 -12.93 12.43 2.31
C HIS E 70 -12.80 11.47 3.47
N LEU E 71 -13.72 11.58 4.45
CA LEU E 71 -13.83 10.68 5.59
C LEU E 71 -15.11 9.86 5.54
N GLY E 72 -15.80 9.84 4.40
CA GLY E 72 -17.02 9.07 4.27
C GLY E 72 -18.23 9.58 5.06
N VAL E 73 -18.19 10.82 5.51
CA VAL E 73 -19.26 11.36 6.35
C VAL E 73 -19.78 12.67 5.82
N ASN E 74 -20.97 13.04 6.29
CA ASN E 74 -21.60 14.30 5.94
CA ASN E 74 -21.68 14.27 5.96
C ASN E 74 -21.52 15.22 7.15
N ILE E 75 -20.52 16.13 7.12
CA ILE E 75 -20.34 17.09 8.20
C ILE E 75 -21.12 18.34 7.92
N SER E 76 -21.93 18.77 8.88
CA SER E 76 -22.68 19.99 8.74
C SER E 76 -22.24 20.83 9.94
N TYR E 77 -22.47 22.12 9.87
CA TYR E 77 -21.93 23.06 10.84
C TYR E 77 -23.06 23.92 11.35
N ALA E 78 -23.04 24.21 12.65
CA ALA E 78 -23.88 25.22 13.24
C ALA E 78 -23.02 26.05 14.19
N THR E 79 -23.52 27.24 14.41
CA THR E 79 -22.85 28.21 15.18
C THR E 79 -23.68 28.38 16.48
N GLN E 80 -23.00 28.49 17.62
CA GLN E 80 -23.60 28.81 18.91
C GLN E 80 -23.17 30.21 19.28
N ASP E 81 -24.14 31.09 19.50
CA ASP E 81 -23.83 32.53 19.62
C ASP E 81 -23.13 32.87 20.94
N GLN E 82 -23.44 32.15 22.02
CA GLN E 82 -22.68 32.23 23.25
C GLN E 82 -22.69 30.87 23.92
N PRO E 83 -21.65 30.55 24.70
CA PRO E 83 -21.47 29.27 25.32
C PRO E 83 -22.36 29.10 26.54
N ASP E 84 -23.66 29.01 26.29
CA ASP E 84 -24.65 28.99 27.38
C ASP E 84 -25.09 27.58 27.76
N GLY E 85 -24.34 26.58 27.31
CA GLY E 85 -24.44 25.26 27.94
C GLY E 85 -24.65 24.09 27.03
N LEU E 86 -24.31 22.91 27.53
CA LEU E 86 -24.20 21.73 26.68
C LEU E 86 -25.56 21.31 26.14
N ALA E 87 -26.62 21.51 26.93
CA ALA E 87 -27.95 21.05 26.54
C ALA E 87 -28.46 21.84 25.32
N GLN E 88 -27.89 23.03 25.06
CA GLN E 88 -28.27 23.77 23.88
C GLN E 88 -27.92 23.03 22.59
N ALA E 89 -27.09 22.00 22.66
CA ALA E 89 -26.82 21.14 21.49
C ALA E 89 -28.09 20.65 20.84
N PHE E 90 -29.10 20.30 21.64
CA PHE E 90 -30.30 19.69 21.08
C PHE E 90 -31.30 20.69 20.55
N VAL E 91 -31.18 21.94 20.98
CA VAL E 91 -31.94 23.07 20.46
C VAL E 91 -31.31 23.51 19.16
N ILE E 92 -30.01 23.85 19.20
CA ILE E 92 -29.31 24.26 17.98
C ILE E 92 -29.38 23.15 16.94
N GLY E 93 -29.22 21.92 17.42
CA GLY E 93 -29.20 20.78 16.53
C GLY E 93 -30.57 20.16 16.23
N ALA E 94 -31.66 20.82 16.58
CA ALA E 94 -32.98 20.21 16.40
C ALA E 94 -33.27 19.84 14.95
N ASN E 95 -32.94 20.74 14.00
CA ASN E 95 -33.23 20.45 12.58
C ASN E 95 -32.39 19.35 12.02
N HIS E 96 -31.12 19.34 12.41
CA HIS E 96 -30.21 18.29 12.04
C HIS E 96 -30.71 16.91 12.51
N ILE E 97 -31.18 16.86 13.74
CA ILE E 97 -31.59 15.60 14.37
C ILE E 97 -32.87 15.13 13.69
N GLY E 98 -33.78 16.06 13.44
CA GLY E 98 -35.12 15.76 12.91
C GLY E 98 -35.84 14.87 13.90
N ALA E 99 -36.37 13.76 13.42
CA ALA E 99 -37.17 12.85 14.27
C ALA E 99 -36.34 11.65 14.77
N ASP E 100 -35.03 11.71 14.54
CA ASP E 100 -34.11 10.60 14.81
C ASP E 100 -33.56 10.62 16.24
N SER E 101 -33.00 9.48 16.62
CA SER E 101 -32.15 9.41 17.81
CA SER E 101 -32.17 9.40 17.80
C SER E 101 -30.88 10.20 17.54
N VAL E 102 -30.17 10.49 18.62
CA VAL E 102 -29.00 11.37 18.55
C VAL E 102 -27.88 10.87 19.49
N ALA E 103 -26.64 11.02 19.01
CA ALA E 103 -25.46 10.85 19.82
C ALA E 103 -24.84 12.24 19.99
N LEU E 104 -24.59 12.64 21.22
CA LEU E 104 -23.84 13.86 21.57
C LEU E 104 -22.49 13.47 22.11
N VAL E 105 -21.42 14.07 21.57
CA VAL E 105 -20.11 13.85 22.13
C VAL E 105 -19.46 15.22 22.39
N LEU E 106 -18.72 15.36 23.47
CA LEU E 106 -18.04 16.62 23.75
C LEU E 106 -16.66 16.71 23.01
N GLY E 107 -16.32 17.92 22.58
CA GLY E 107 -15.25 18.15 21.65
C GLY E 107 -13.90 17.88 22.26
N ASP E 108 -13.83 17.90 23.57
CA ASP E 108 -12.56 17.73 24.31
C ASP E 108 -12.41 16.36 24.95
N ASN E 109 -13.24 15.40 24.51
CA ASN E 109 -13.20 14.02 25.04
C ASN E 109 -12.50 12.99 24.14
N ILE E 110 -11.66 12.16 24.75
CA ILE E 110 -10.99 11.06 24.15
C ILE E 110 -11.44 9.78 24.85
N PHE E 111 -12.01 8.89 24.04
CA PHE E 111 -12.35 7.53 24.45
C PHE E 111 -11.49 6.54 23.73
N TYR E 112 -10.92 5.61 24.48
CA TYR E 112 -10.13 4.57 23.88
C TYR E 112 -10.27 3.25 24.66
N GLY E 113 -10.46 2.18 23.93
CA GLY E 113 -10.39 0.83 24.48
C GLY E 113 -11.61 -0.05 24.20
N PRO E 114 -11.65 -1.21 24.87
CA PRO E 114 -12.77 -2.13 24.76
C PRO E 114 -14.13 -1.48 24.92
N GLY E 115 -15.02 -1.74 23.95
CA GLY E 115 -16.38 -1.22 24.01
C GLY E 115 -16.55 0.21 23.49
N LEU E 116 -15.44 0.81 23.05
CA LEU E 116 -15.48 2.23 22.64
C LEU E 116 -15.12 2.35 21.17
N GLY E 117 -15.20 1.22 20.47
CA GLY E 117 -14.97 1.12 19.04
C GLY E 117 -16.25 0.84 18.26
N THR E 118 -16.12 0.00 17.27
CA THR E 118 -17.26 -0.28 16.37
C THR E 118 -18.46 -0.93 17.07
N SER E 119 -18.28 -1.41 18.30
CA SER E 119 -19.37 -2.00 19.07
C SER E 119 -20.36 -0.93 19.49
N LEU E 120 -19.91 0.34 19.49
CA LEU E 120 -20.79 1.46 19.77
C LEU E 120 -22.02 1.57 18.86
N LYS E 121 -21.99 0.95 17.70
CA LYS E 121 -23.12 0.89 16.76
C LYS E 121 -24.43 0.46 17.44
N ARG E 122 -24.33 -0.28 18.53
CA ARG E 122 -25.52 -0.78 19.24
C ARG E 122 -26.38 0.34 19.75
N PHE E 123 -25.75 1.46 20.15
CA PHE E 123 -26.51 2.58 20.63
C PHE E 123 -27.42 3.25 19.60
N GLN E 124 -27.29 2.93 18.31
CA GLN E 124 -28.23 3.45 17.30
C GLN E 124 -29.64 3.01 17.65
N SER E 125 -29.72 1.89 18.40
CA SER E 125 -31.01 1.28 18.77
C SER E 125 -31.56 1.74 20.12
N ILE E 126 -30.99 2.80 20.70
CA ILE E 126 -31.39 3.26 22.03
C ILE E 126 -32.85 3.65 22.13
N SER E 127 -33.44 3.31 23.28
CA SER E 127 -34.62 3.95 23.80
C SER E 127 -34.30 4.56 25.14
N GLY E 128 -34.86 5.73 25.43
CA GLY E 128 -34.52 6.46 26.63
C GLY E 128 -33.15 7.10 26.39
N GLY E 129 -32.34 7.17 27.45
CA GLY E 129 -30.97 7.77 27.45
C GLY E 129 -29.96 6.73 27.89
N ALA E 130 -28.75 6.81 27.35
CA ALA E 130 -27.64 5.99 27.77
C ALA E 130 -26.42 6.90 28.03
N ILE E 131 -25.89 6.79 29.23
CA ILE E 131 -24.65 7.49 29.60
C ILE E 131 -23.69 6.51 30.30
N PHE E 132 -22.53 7.03 30.68
CA PHE E 132 -21.41 6.19 31.12
C PHE E 132 -20.78 6.71 32.39
N ALA E 133 -19.91 5.90 32.95
CA ALA E 133 -19.32 6.17 34.24
C ALA E 133 -17.87 5.71 34.17
N TYR E 134 -16.97 6.51 34.77
CA TYR E 134 -15.55 6.20 34.80
C TYR E 134 -14.94 6.70 36.09
N TRP E 135 -14.21 5.81 36.77
CA TRP E 135 -13.55 6.11 38.03
C TRP E 135 -12.46 7.15 37.81
N VAL E 136 -12.51 8.23 38.56
CA VAL E 136 -11.48 9.27 38.56
C VAL E 136 -11.14 9.65 40.01
N ALA E 137 -9.94 10.19 40.21
CA ALA E 137 -9.51 10.63 41.52
C ALA E 137 -10.11 11.99 41.86
N ASN E 138 -10.44 12.77 40.84
CA ASN E 138 -10.93 14.13 41.02
C ASN E 138 -12.39 14.34 40.54
N PRO E 139 -13.37 13.67 41.17
CA PRO E 139 -14.75 13.74 40.63
C PRO E 139 -15.43 15.11 40.70
N SER E 140 -14.97 15.97 41.59
CA SER E 140 -15.46 17.35 41.62
C SER E 140 -15.29 18.12 40.29
N ALA E 141 -14.34 17.72 39.44
CA ALA E 141 -14.18 18.38 38.16
C ALA E 141 -15.21 18.00 37.12
N TYR E 142 -16.08 17.03 37.44
CA TYR E 142 -16.98 16.40 36.42
C TYR E 142 -18.43 16.28 36.91
N GLY E 143 -19.34 15.90 36.01
CA GLY E 143 -20.60 15.28 36.40
C GLY E 143 -20.31 13.97 37.09
N VAL E 144 -21.10 13.64 38.09
CA VAL E 144 -20.78 12.54 38.94
C VAL E 144 -22.04 11.71 39.07
N VAL E 145 -21.89 10.42 38.94
CA VAL E 145 -23.02 9.50 39.12
C VAL E 145 -22.77 8.60 40.30
N GLU E 146 -23.80 8.48 41.13
CA GLU E 146 -23.75 7.61 42.32
C GLU E 146 -24.61 6.40 42.04
N PHE E 147 -24.04 5.22 42.29
CA PHE E 147 -24.75 3.94 42.20
C PHE E 147 -25.22 3.46 43.59
N GLY E 148 -26.38 2.82 43.61
CA GLY E 148 -26.91 2.24 44.85
C GLY E 148 -26.25 0.93 45.15
N ALA E 149 -26.61 0.35 46.30
CA ALA E 149 -26.08 -0.96 46.70
C ALA E 149 -26.28 -1.97 45.57
N GLU E 150 -27.37 -1.83 44.82
CA GLU E 150 -27.76 -2.82 43.81
C GLU E 150 -27.26 -2.50 42.39
N GLY E 151 -26.62 -1.34 42.18
CA GLY E 151 -26.07 -0.98 40.87
C GLY E 151 -26.94 0.01 40.09
N MET E 152 -28.08 0.36 40.66
CA MET E 152 -28.94 1.41 40.10
C MET E 152 -28.27 2.77 40.24
N ALA E 153 -28.46 3.61 39.22
CA ALA E 153 -28.10 5.02 39.30
C ALA E 153 -29.05 5.72 40.27
N LEU E 154 -28.48 6.26 41.34
CA LEU E 154 -29.24 6.91 42.41
C LEU E 154 -29.30 8.43 42.26
N SER E 155 -28.19 9.03 41.81
CA SER E 155 -28.11 10.49 41.73
C SER E 155 -27.10 10.93 40.68
N LEU E 156 -27.35 12.13 40.16
CA LEU E 156 -26.43 12.83 39.23
C LEU E 156 -26.21 14.23 39.72
N GLU E 157 -24.96 14.66 39.77
CA GLU E 157 -24.67 16.02 40.17
C GLU E 157 -23.53 16.57 39.33
N GLU E 158 -23.67 17.84 38.97
CA GLU E 158 -22.67 18.48 38.13
C GLU E 158 -21.67 19.13 39.05
N LYS E 159 -20.45 18.62 39.01
CA LYS E 159 -19.29 19.20 39.69
C LYS E 159 -19.60 19.45 41.19
N PRO E 160 -19.93 18.36 41.91
CA PRO E 160 -20.35 18.48 43.30
C PRO E 160 -19.19 18.91 44.19
N VAL E 161 -19.42 19.86 45.07
CA VAL E 161 -18.41 20.27 46.06
C VAL E 161 -18.04 19.03 46.88
N THR E 162 -19.03 18.20 47.20
CA THR E 162 -18.80 17.00 47.99
C THR E 162 -19.34 15.76 47.26
N PRO E 163 -18.48 15.08 46.46
CA PRO E 163 -18.94 14.00 45.60
C PRO E 163 -19.51 12.82 46.35
N LYS E 164 -20.63 12.29 45.87
CA LYS E 164 -21.19 11.06 46.40
C LYS E 164 -20.61 9.77 45.81
N SER E 165 -19.68 9.89 44.87
CA SER E 165 -18.93 8.74 44.35
C SER E 165 -17.66 9.22 43.63
N ASN E 166 -16.85 8.31 43.14
CA ASN E 166 -15.72 8.70 42.29
C ASN E 166 -15.99 8.51 40.79
N TYR E 167 -17.26 8.26 40.40
CA TYR E 167 -17.59 7.96 39.02
C TYR E 167 -17.94 9.22 38.25
N ALA E 168 -17.06 9.63 37.35
CA ALA E 168 -17.38 10.76 36.54
C ALA E 168 -18.28 10.28 35.43
N VAL E 169 -19.08 11.20 34.91
CA VAL E 169 -19.92 10.90 33.74
C VAL E 169 -19.23 11.53 32.51
N PRO E 170 -18.65 10.68 31.64
CA PRO E 170 -17.93 11.18 30.47
C PRO E 170 -18.83 11.92 29.47
N GLY E 171 -18.21 12.65 28.54
CA GLY E 171 -18.95 13.42 27.54
C GLY E 171 -19.33 12.63 26.32
N LEU E 172 -20.05 11.52 26.53
CA LEU E 172 -20.65 10.78 25.45
C LEU E 172 -22.04 10.34 25.92
N TYR E 173 -23.06 10.71 25.15
CA TYR E 173 -24.46 10.52 25.54
C TYR E 173 -25.29 10.09 24.33
N PHE E 174 -26.18 9.10 24.52
CA PHE E 174 -27.02 8.63 23.47
C PHE E 174 -28.49 8.77 23.91
N TYR E 175 -29.34 9.30 23.02
CA TYR E 175 -30.72 9.60 23.35
C TYR E 175 -31.63 9.26 22.22
N ASP E 176 -32.82 8.79 22.56
CA ASP E 176 -33.95 8.89 21.66
C ASP E 176 -34.35 10.35 21.34
N ASN E 177 -35.29 10.48 20.40
CA ASN E 177 -35.72 11.77 19.91
C ASN E 177 -36.38 12.67 20.96
N ASP E 178 -36.83 12.12 22.10
CA ASP E 178 -37.45 12.93 23.16
C ASP E 178 -36.50 13.96 23.79
N VAL E 179 -35.21 13.76 23.63
CA VAL E 179 -34.22 14.69 24.18
C VAL E 179 -34.42 16.12 23.66
N ILE E 180 -34.91 16.29 22.45
CA ILE E 180 -35.11 17.64 21.94
C ILE E 180 -36.12 18.40 22.79
N GLU E 181 -37.28 17.79 23.00
CA GLU E 181 -38.30 18.42 23.84
C GLU E 181 -37.85 18.63 25.26
N ILE E 182 -37.13 17.64 25.83
CA ILE E 182 -36.64 17.79 27.21
C ILE E 182 -35.70 18.99 27.31
N ALA E 183 -34.79 19.10 26.34
CA ALA E 183 -33.84 20.21 26.29
C ALA E 183 -34.54 21.56 26.11
N ARG E 184 -35.60 21.59 25.31
CA ARG E 184 -36.37 22.83 25.12
C ARG E 184 -36.93 23.39 26.42
N GLY E 185 -37.38 22.53 27.32
CA GLY E 185 -37.97 22.94 28.59
C GLY E 185 -37.03 23.24 29.74
N LEU E 186 -35.70 23.04 29.57
CA LEU E 186 -34.75 23.19 30.70
C LEU E 186 -34.50 24.67 31.00
N LYS E 187 -34.23 25.00 32.26
CA LYS E 187 -33.75 26.35 32.61
C LYS E 187 -32.26 26.37 32.97
N LYS E 188 -31.68 27.56 32.89
CA LYS E 188 -30.29 27.76 33.26
C LYS E 188 -30.02 27.32 34.70
N SER E 189 -28.96 26.54 34.90
CA SER E 189 -28.53 26.15 36.26
C SER E 189 -28.01 27.37 37.05
N ALA E 190 -27.40 27.14 38.21
CA ALA E 190 -26.77 28.22 38.99
C ALA E 190 -25.67 28.95 38.20
N ARG E 191 -24.91 28.22 37.36
CA ARG E 191 -23.79 28.81 36.61
C ARG E 191 -24.20 29.42 35.26
N GLY E 192 -25.51 29.60 35.08
CA GLY E 192 -26.05 30.25 33.87
C GLY E 192 -25.95 29.38 32.62
N GLU E 193 -25.97 28.06 32.80
CA GLU E 193 -25.83 27.12 31.69
C GLU E 193 -26.97 26.08 31.69
N TYR E 194 -27.43 25.74 30.49
CA TYR E 194 -28.36 24.63 30.32
C TYR E 194 -27.54 23.36 30.33
N GLU E 195 -27.64 22.59 31.43
CA GLU E 195 -26.68 21.49 31.71
C GLU E 195 -27.13 20.19 31.09
N ILE E 196 -26.18 19.41 30.58
CA ILE E 196 -26.45 18.03 30.17
C ILE E 196 -26.86 17.17 31.38
N THR E 197 -26.31 17.47 32.54
CA THR E 197 -26.61 16.66 33.72
C THR E 197 -28.12 16.72 34.07
N GLU E 198 -28.74 17.85 33.78
CA GLU E 198 -30.19 18.02 34.02
C GLU E 198 -31.06 17.25 33.00
N VAL E 199 -30.64 17.24 31.74
CA VAL E 199 -31.23 16.33 30.76
C VAL E 199 -31.16 14.87 31.24
N ASN E 200 -30.01 14.48 31.75
CA ASN E 200 -29.81 13.11 32.21
C ASN E 200 -30.71 12.83 33.42
N GLN E 201 -30.82 13.81 34.30
CA GLN E 201 -31.74 13.71 35.44
C GLN E 201 -33.18 13.48 35.02
N VAL E 202 -33.62 14.13 33.94
CA VAL E 202 -34.97 13.99 33.49
C VAL E 202 -35.20 12.55 33.04
N TYR E 203 -34.26 12.00 32.28
CA TYR E 203 -34.41 10.61 31.89
C TYR E 203 -34.40 9.68 33.10
N LEU E 204 -33.52 9.96 34.07
CA LEU E 204 -33.39 9.12 35.27
C LEU E 204 -34.68 9.20 36.10
N ASN E 205 -35.25 10.39 36.25
CA ASN E 205 -36.53 10.55 36.97
C ASN E 205 -37.61 9.66 36.36
N GLN E 206 -37.58 9.49 35.04
CA GLN E 206 -38.57 8.68 34.32
C GLN E 206 -38.28 7.17 34.32
N GLY E 207 -37.14 6.77 34.86
CA GLY E 207 -36.67 5.39 34.80
C GLY E 207 -36.24 4.96 33.42
N ARG E 208 -35.73 5.90 32.62
CA ARG E 208 -35.39 5.62 31.23
C ARG E 208 -33.94 5.99 30.96
N LEU E 209 -33.10 5.97 31.99
CA LEU E 209 -31.67 6.22 31.82
C LEU E 209 -30.85 4.99 32.10
N ALA E 210 -30.07 4.55 31.14
CA ALA E 210 -29.17 3.42 31.31
C ALA E 210 -27.79 4.04 31.63
N VAL E 211 -27.12 3.53 32.67
CA VAL E 211 -25.77 4.02 33.00
C VAL E 211 -24.84 2.83 33.02
N GLU E 212 -23.74 2.91 32.29
CA GLU E 212 -22.83 1.77 32.23
C GLU E 212 -21.38 2.19 32.51
N VAL E 213 -20.71 1.50 33.43
CA VAL E 213 -19.30 1.81 33.72
C VAL E 213 -18.48 1.35 32.53
N LEU E 214 -17.54 2.18 32.07
CA LEU E 214 -16.74 1.78 30.89
C LEU E 214 -15.96 0.48 31.19
N ALA E 215 -15.64 -0.30 30.16
CA ALA E 215 -14.97 -1.58 30.35
C ALA E 215 -13.58 -1.44 31.01
N ARG E 216 -13.14 -2.52 31.64
CA ARG E 216 -11.78 -2.63 32.10
C ARG E 216 -10.87 -2.42 30.93
N GLY E 217 -9.80 -1.66 31.15
CA GLY E 217 -8.85 -1.47 30.10
C GLY E 217 -9.16 -0.25 29.25
N THR E 218 -10.21 0.48 29.57
CA THR E 218 -10.45 1.71 28.79
C THR E 218 -9.76 2.96 29.34
N ALA E 219 -9.42 3.87 28.41
CA ALA E 219 -8.95 5.21 28.77
C ALA E 219 -10.03 6.24 28.44
N TRP E 220 -10.24 7.17 29.34
CA TRP E 220 -11.10 8.30 29.12
C TRP E 220 -10.40 9.54 29.64
N LEU E 221 -10.31 10.55 28.78
CA LEU E 221 -9.73 11.83 29.14
C LEU E 221 -10.57 13.00 28.65
N ASP E 222 -10.59 14.04 29.48
CA ASP E 222 -11.05 15.37 29.14
C ASP E 222 -9.77 16.22 29.05
N THR E 223 -9.53 16.84 27.92
CA THR E 223 -8.31 17.53 27.64
C THR E 223 -8.28 19.00 28.01
N GLY E 224 -9.24 19.44 28.78
CA GLY E 224 -9.43 20.84 29.04
C GLY E 224 -8.61 21.47 30.17
N THR E 225 -7.50 20.83 30.55
CA THR E 225 -6.50 21.44 31.45
C THR E 225 -5.10 21.24 30.88
N PHE E 226 -4.14 22.04 31.34
CA PHE E 226 -2.77 21.90 30.82
C PHE E 226 -2.27 20.47 30.98
N ASP E 227 -2.45 19.91 32.17
CA ASP E 227 -1.93 18.58 32.44
C ASP E 227 -2.68 17.45 31.72
N SER E 228 -4.01 17.56 31.56
CA SER E 228 -4.76 16.46 30.91
C SER E 228 -4.52 16.45 29.40
N LEU E 229 -4.37 17.65 28.82
CA LEU E 229 -3.99 17.78 27.40
C LEU E 229 -2.67 17.11 27.09
N LEU E 230 -1.68 17.41 27.91
CA LEU E 230 -0.36 16.85 27.71
C LEU E 230 -0.34 15.37 28.02
N ASP E 231 -1.01 14.97 29.09
CA ASP E 231 -1.13 13.52 29.41
C ASP E 231 -1.77 12.75 28.25
N ALA E 232 -2.82 13.32 27.65
CA ALA E 232 -3.48 12.73 26.48
C ALA E 232 -2.51 12.57 25.31
N ALA E 233 -1.77 13.62 24.98
CA ALA E 233 -0.77 13.49 23.91
C ALA E 233 0.25 12.39 24.18
N ASP E 234 0.78 12.34 25.41
CA ASP E 234 1.77 11.37 25.76
CA ASP E 234 1.79 11.33 25.75
C ASP E 234 1.20 9.95 25.58
N PHE E 235 -0.05 9.79 25.99
CA PHE E 235 -0.77 8.51 25.90
C PHE E 235 -0.87 8.05 24.46
N VAL E 236 -1.35 8.94 23.60
CA VAL E 236 -1.46 8.63 22.20
C VAL E 236 -0.10 8.26 21.58
N ARG E 237 0.96 9.01 21.88
CA ARG E 237 2.25 8.70 21.30
C ARG E 237 2.77 7.34 21.78
N THR E 238 2.58 7.06 23.06
CA THR E 238 2.95 5.78 23.68
C THR E 238 2.25 4.62 23.00
N LEU E 239 0.96 4.75 22.74
CA LEU E 239 0.24 3.72 21.98
C LEU E 239 0.90 3.42 20.63
N GLU E 240 1.30 4.46 19.88
CA GLU E 240 1.92 4.19 18.60
C GLU E 240 3.31 3.56 18.82
N ARG E 241 4.12 4.15 19.69
CA ARG E 241 5.52 3.68 19.85
C ARG E 241 5.59 2.23 20.33
N ARG E 242 4.67 1.86 21.22
CA ARG E 242 4.74 0.59 21.94
C ARG E 242 3.88 -0.51 21.34
N GLN E 243 2.68 -0.15 20.90
CA GLN E 243 1.75 -1.13 20.35
C GLN E 243 1.55 -1.01 18.82
N GLY E 244 2.23 -0.03 18.21
CA GLY E 244 2.19 0.17 16.76
C GLY E 244 0.83 0.64 16.25
N LEU E 245 -0.01 1.24 17.12
CA LEU E 245 -1.37 1.64 16.78
C LEU E 245 -1.47 3.15 16.72
N LYS E 246 -1.98 3.69 15.62
CA LYS E 246 -2.43 5.08 15.66
C LYS E 246 -3.91 4.97 16.04
N VAL E 247 -4.36 5.81 16.95
CA VAL E 247 -5.75 5.75 17.36
C VAL E 247 -6.55 6.95 16.88
N SER E 248 -7.83 6.72 16.57
CA SER E 248 -8.72 7.80 16.08
C SER E 248 -8.21 8.51 14.85
N ILE E 249 -7.68 7.73 13.90
CA ILE E 249 -7.39 8.24 12.58
C ILE E 249 -8.65 8.11 11.76
N PRO E 250 -9.31 9.25 11.45
CA PRO E 250 -10.64 9.09 10.82
C PRO E 250 -10.61 8.44 9.42
N GLU E 251 -9.53 8.62 8.69
CA GLU E 251 -9.42 8.03 7.36
C GLU E 251 -9.40 6.50 7.47
N GLU E 252 -8.70 5.99 8.48
CA GLU E 252 -8.64 4.56 8.78
C GLU E 252 -10.01 4.02 9.13
N VAL E 253 -10.73 4.73 10.00
CA VAL E 253 -12.05 4.25 10.41
C VAL E 253 -13.04 4.22 9.27
N ALA E 254 -13.01 5.26 8.44
CA ALA E 254 -13.82 5.30 7.27
C ALA E 254 -13.53 4.09 6.35
N TRP E 255 -12.25 3.89 6.11
CA TRP E 255 -11.76 2.84 5.25
C TRP E 255 -12.16 1.47 5.82
N ARG E 256 -11.94 1.24 7.12
CA ARG E 256 -12.31 -0.05 7.72
C ARG E 256 -13.80 -0.30 7.70
N MET E 257 -14.60 0.76 7.69
CA MET E 257 -16.06 0.64 7.62
C MET E 257 -16.59 0.46 6.20
N GLY E 258 -15.71 0.60 5.21
CA GLY E 258 -16.08 0.54 3.80
C GLY E 258 -16.58 1.84 3.20
N TRP E 259 -16.49 2.94 3.95
CA TRP E 259 -17.05 4.21 3.54
C TRP E 259 -16.19 4.94 2.52
N ILE E 260 -14.90 4.64 2.50
CA ILE E 260 -14.05 5.08 1.43
C ILE E 260 -13.28 3.89 0.96
N ASP E 261 -12.88 3.90 -0.31
CA ASP E 261 -12.14 2.77 -0.90
C ASP E 261 -10.61 2.91 -0.79
N ASP E 262 -9.90 1.84 -1.19
CA ASP E 262 -8.43 1.78 -1.16
C ASP E 262 -7.79 3.04 -1.77
N GLU E 263 -8.43 3.58 -2.80
CA GLU E 263 -7.88 4.71 -3.56
C GLU E 263 -8.16 6.06 -2.91
N GLN E 264 -9.36 6.23 -2.32
CA GLN E 264 -9.66 7.42 -1.53
C GLN E 264 -8.69 7.52 -0.34
N LEU E 265 -8.24 6.38 0.19
CA LEU E 265 -7.21 6.34 1.23
C LEU E 265 -5.80 6.77 0.74
N VAL E 266 -5.41 6.35 -0.47
CA VAL E 266 -4.11 6.77 -1.02
C VAL E 266 -4.12 8.30 -1.31
N GLN E 267 -5.24 8.81 -1.79
CA GLN E 267 -5.42 10.25 -1.97
C GLN E 267 -5.07 11.01 -0.70
N ARG E 268 -5.61 10.54 0.42
CA ARG E 268 -5.40 11.21 1.70
C ARG E 268 -3.95 11.07 2.12
N ALA E 269 -3.42 9.87 1.93
CA ALA E 269 -2.07 9.55 2.35
C ALA E 269 -1.01 10.42 1.66
N ARG E 270 -1.19 10.64 0.36
CA ARG E 270 -0.22 11.43 -0.41
C ARG E 270 -0.26 12.90 0.01
N ALA E 271 -1.44 13.36 0.44
CA ALA E 271 -1.63 14.74 0.87
C ALA E 271 -0.93 15.12 2.18
N LEU E 272 -0.61 14.10 2.99
CA LEU E 272 -0.18 14.27 4.37
C LEU E 272 1.21 13.65 4.56
N VAL E 273 1.99 13.60 3.48
CA VAL E 273 3.23 12.86 3.55
C VAL E 273 4.34 13.60 4.30
N LYS E 274 4.36 14.91 4.25
CA LYS E 274 5.45 15.67 4.88
C LYS E 274 5.50 15.46 6.39
N SER E 275 4.35 15.37 7.02
CA SER E 275 4.27 15.25 8.48
C SER E 275 4.48 13.83 8.98
N GLY E 276 4.35 12.83 8.12
CA GLY E 276 4.41 11.41 8.56
C GLY E 276 3.04 10.74 8.72
N TYR E 277 1.98 11.55 8.84
CA TYR E 277 0.60 11.02 8.99
C TYR E 277 0.20 10.19 7.78
N GLY E 278 0.49 10.73 6.59
CA GLY E 278 0.26 10.04 5.33
C GLY E 278 0.89 8.66 5.25
N ASN E 279 2.14 8.55 5.69
CA ASN E 279 2.85 7.30 5.52
C ASN E 279 2.09 6.18 6.20
N TYR E 280 1.60 6.44 7.42
CA TYR E 280 0.77 5.49 8.12
C TYR E 280 -0.46 5.06 7.31
N LEU E 281 -1.08 5.99 6.59
CA LEU E 281 -2.22 5.60 5.76
C LEU E 281 -1.79 4.64 4.63
N LEU E 282 -0.65 4.91 3.99
CA LEU E 282 -0.11 4.00 2.98
C LEU E 282 0.20 2.62 3.57
N GLU E 283 0.72 2.58 4.79
CA GLU E 283 1.00 1.31 5.47
C GLU E 283 -0.21 0.43 5.72
N LEU E 284 -1.41 1.02 5.80
CA LEU E 284 -2.63 0.24 6.04
C LEU E 284 -2.97 -0.67 4.88
N LEU E 285 -2.67 -0.23 3.66
CA LEU E 285 -2.83 -1.08 2.48
C LEU E 285 -1.84 -2.25 2.46
N GLU E 286 -0.58 -1.99 2.82
CA GLU E 286 0.48 -2.99 2.71
C GLU E 286 0.29 -4.09 3.76
N MET F 1 -4.11 -44.12 -7.20
CA MET F 1 -3.46 -43.72 -8.44
C MET F 1 -2.47 -42.62 -8.10
N ARG F 2 -1.30 -42.75 -8.70
CA ARG F 2 -0.25 -41.78 -8.56
C ARG F 2 -0.19 -40.89 -9.83
N GLY F 3 0.36 -39.69 -9.69
CA GLY F 3 0.40 -38.76 -10.82
C GLY F 3 1.84 -38.39 -11.12
N ILE F 4 2.11 -38.23 -12.43
CA ILE F 4 3.39 -37.76 -12.87
C ILE F 4 3.15 -36.63 -13.86
N ILE F 5 3.93 -35.55 -13.76
CA ILE F 5 3.97 -34.51 -14.80
C ILE F 5 5.33 -34.54 -15.45
N LEU F 6 5.36 -34.80 -16.76
CA LEU F 6 6.62 -34.74 -17.50
C LEU F 6 6.94 -33.28 -17.77
N ALA F 7 7.96 -32.76 -17.12
CA ALA F 7 8.20 -31.32 -17.17
C ALA F 7 9.64 -30.95 -17.52
N GLY F 8 10.33 -31.87 -18.20
CA GLY F 8 11.68 -31.69 -18.71
C GLY F 8 11.63 -31.20 -20.14
N GLY F 9 12.44 -31.81 -21.00
CA GLY F 9 12.49 -31.43 -22.39
C GLY F 9 13.44 -30.27 -22.60
N SER F 10 13.91 -30.10 -23.83
CA SER F 10 14.81 -28.97 -24.15
C SER F 10 14.09 -27.70 -24.62
N GLY F 11 12.83 -27.85 -25.05
CA GLY F 11 12.01 -26.75 -25.56
C GLY F 11 12.55 -26.06 -26.81
N THR F 12 13.16 -26.83 -27.70
CA THR F 12 13.85 -26.25 -28.85
C THR F 12 12.88 -25.46 -29.73
N ARG F 13 11.61 -25.86 -29.74
CA ARG F 13 10.63 -25.17 -30.57
C ARG F 13 10.22 -23.80 -30.04
N LEU F 14 10.67 -23.43 -28.83
CA LEU F 14 10.44 -22.13 -28.27
C LEU F 14 11.69 -21.30 -28.16
N TYR F 15 12.82 -21.78 -28.69
CA TYR F 15 14.04 -20.97 -28.63
C TYR F 15 13.77 -19.68 -29.39
N PRO F 16 14.16 -18.53 -28.84
CA PRO F 16 15.12 -18.42 -27.74
C PRO F 16 14.47 -18.21 -26.37
N ILE F 17 13.14 -18.28 -26.33
CA ILE F 17 12.44 -18.07 -25.09
C ILE F 17 12.92 -19.12 -24.05
N THR F 18 13.05 -20.36 -24.50
CA THR F 18 13.34 -21.45 -23.58
C THR F 18 14.84 -21.77 -23.46
N MET F 19 15.69 -20.93 -24.03
CA MET F 19 17.12 -20.97 -23.69
C MET F 19 17.31 -20.54 -22.24
N GLY F 20 16.46 -19.62 -21.77
CA GLY F 20 16.65 -18.99 -20.46
C GLY F 20 15.76 -19.56 -19.35
N ILE F 21 14.92 -20.53 -19.69
CA ILE F 21 13.85 -20.96 -18.79
C ILE F 21 13.08 -22.18 -19.33
N SER F 22 12.54 -23.02 -18.45
CA SER F 22 11.75 -24.18 -18.93
C SER F 22 10.41 -23.73 -19.52
N LYS F 23 10.01 -24.35 -20.62
CA LYS F 23 8.66 -24.22 -21.15
C LYS F 23 7.61 -24.32 -20.03
N GLN F 24 7.82 -25.23 -19.10
CA GLN F 24 6.80 -25.46 -18.08
C GLN F 24 6.70 -24.40 -17.01
N LEU F 25 7.60 -23.42 -17.00
CA LEU F 25 7.51 -22.28 -16.09
C LEU F 25 7.07 -21.00 -16.82
N LEU F 26 6.81 -21.09 -18.10
CA LEU F 26 6.29 -19.93 -18.85
C LEU F 26 4.88 -19.57 -18.41
N PRO F 27 4.54 -18.26 -18.45
CA PRO F 27 3.17 -17.84 -18.11
C PRO F 27 2.18 -18.30 -19.17
N VAL F 28 1.00 -18.76 -18.72
CA VAL F 28 -0.22 -18.73 -19.56
C VAL F 28 -1.27 -17.82 -18.96
N TYR F 29 -1.18 -16.56 -19.39
CA TYR F 29 -1.94 -15.46 -18.88
C TYR F 29 -1.60 -15.02 -17.46
N ASP F 30 -2.09 -15.78 -16.47
CA ASP F 30 -2.08 -15.39 -15.05
C ASP F 30 -1.47 -16.42 -14.10
N LYS F 31 -0.86 -17.45 -14.65
CA LYS F 31 -0.25 -18.51 -13.87
C LYS F 31 0.80 -19.29 -14.69
N PRO F 32 1.76 -19.93 -14.01
CA PRO F 32 2.72 -20.73 -14.68
C PRO F 32 2.05 -21.90 -15.41
N MET F 33 2.63 -22.24 -16.55
CA MET F 33 2.20 -23.35 -17.37
CA MET F 33 2.16 -23.34 -17.36
C MET F 33 1.94 -24.60 -16.52
N ILE F 34 2.87 -24.90 -15.62
CA ILE F 34 2.82 -26.13 -14.85
C ILE F 34 1.59 -26.25 -13.99
N TYR F 35 0.97 -25.12 -13.65
CA TYR F 35 -0.28 -25.13 -12.93
C TYR F 35 -1.43 -25.89 -13.63
N TYR F 36 -1.49 -25.86 -14.96
CA TYR F 36 -2.60 -26.49 -15.71
C TYR F 36 -2.52 -28.03 -15.57
N PRO F 37 -1.40 -28.65 -15.97
CA PRO F 37 -1.34 -30.12 -15.77
C PRO F 37 -1.41 -30.53 -14.29
N LEU F 38 -0.83 -29.71 -13.42
CA LEU F 38 -0.93 -29.95 -11.97
C LEU F 38 -2.40 -30.06 -11.52
N THR F 39 -3.22 -29.10 -11.94
CA THR F 39 -4.61 -29.08 -11.54
CA THR F 39 -4.61 -29.14 -11.49
C THR F 39 -5.40 -30.22 -12.19
N THR F 40 -5.00 -30.63 -13.39
CA THR F 40 -5.68 -31.76 -14.07
C THR F 40 -5.52 -33.02 -13.22
N LEU F 41 -4.29 -33.30 -12.76
CA LEU F 41 -4.09 -34.42 -11.79
C LEU F 41 -4.89 -34.24 -10.51
N MET F 42 -4.86 -33.04 -9.95
CA MET F 42 -5.56 -32.75 -8.70
C MET F 42 -7.05 -33.03 -8.88
N MET F 43 -7.61 -32.56 -9.98
CA MET F 43 -9.04 -32.84 -10.25
C MET F 43 -9.41 -34.31 -10.45
N ALA F 44 -8.46 -35.12 -10.89
CA ALA F 44 -8.69 -36.54 -10.97
C ALA F 44 -8.65 -37.19 -9.57
N GLY F 45 -8.46 -36.40 -8.51
CA GLY F 45 -8.38 -36.99 -7.14
C GLY F 45 -6.96 -37.36 -6.69
N ILE F 46 -5.96 -37.04 -7.50
CA ILE F 46 -4.58 -37.41 -7.20
C ILE F 46 -3.86 -36.39 -6.33
N ARG F 47 -3.37 -36.84 -5.17
CA ARG F 47 -2.64 -35.96 -4.23
C ARG F 47 -1.16 -36.22 -4.16
N ASP F 48 -0.70 -37.34 -4.73
CA ASP F 48 0.73 -37.64 -4.75
C ASP F 48 1.28 -37.50 -6.17
N ILE F 49 1.99 -36.41 -6.41
CA ILE F 49 2.30 -35.95 -7.74
C ILE F 49 3.78 -35.75 -7.86
N GLN F 50 4.40 -36.42 -8.82
CA GLN F 50 5.81 -36.23 -9.06
C GLN F 50 6.06 -35.48 -10.35
N LEU F 51 6.88 -34.44 -10.27
CA LEU F 51 7.42 -33.77 -11.44
C LEU F 51 8.71 -34.40 -11.86
N ILE F 52 8.84 -34.72 -13.12
CA ILE F 52 10.12 -35.04 -13.72
C ILE F 52 10.64 -33.80 -14.44
N THR F 53 11.85 -33.35 -14.08
CA THR F 53 12.48 -32.18 -14.68
C THR F 53 13.87 -32.44 -15.21
N THR F 54 14.39 -31.49 -15.97
CA THR F 54 15.83 -31.50 -16.22
C THR F 54 16.55 -31.18 -14.90
N PRO F 55 17.84 -31.53 -14.81
CA PRO F 55 18.63 -31.11 -13.64
C PRO F 55 18.71 -29.59 -13.48
N HIS F 56 18.98 -28.91 -14.58
CA HIS F 56 19.22 -27.45 -14.56
C HIS F 56 17.99 -26.60 -14.26
N ASP F 57 16.79 -27.12 -14.55
CA ASP F 57 15.53 -26.38 -14.28
C ASP F 57 14.87 -26.71 -12.94
N ALA F 58 15.26 -27.79 -12.25
CA ALA F 58 14.60 -28.20 -11.00
C ALA F 58 14.46 -27.10 -9.97
N PRO F 59 15.53 -26.29 -9.78
CA PRO F 59 15.41 -25.27 -8.75
C PRO F 59 14.23 -24.32 -9.05
N GLY F 60 14.00 -23.98 -10.32
CA GLY F 60 12.83 -23.11 -10.64
C GLY F 60 11.52 -23.71 -10.13
N PHE F 61 11.31 -24.98 -10.43
CA PHE F 61 10.14 -25.70 -9.95
C PHE F 61 10.08 -25.79 -8.44
N HIS F 62 11.23 -26.09 -7.80
CA HIS F 62 11.26 -26.12 -6.32
C HIS F 62 10.85 -24.73 -5.76
N ARG F 63 11.40 -23.65 -6.32
CA ARG F 63 11.06 -22.29 -5.82
C ARG F 63 9.57 -22.04 -5.95
N LEU F 64 8.98 -22.51 -7.05
CA LEU F 64 7.57 -22.26 -7.32
C LEU F 64 6.64 -23.11 -6.49
N LEU F 65 6.87 -24.42 -6.44
CA LEU F 65 5.90 -25.36 -5.85
C LEU F 65 6.32 -25.96 -4.48
N GLY F 66 7.59 -25.83 -4.12
CA GLY F 66 8.14 -26.62 -2.99
C GLY F 66 7.63 -28.05 -2.96
N ASP F 67 7.03 -28.45 -1.83
CA ASP F 67 6.51 -29.82 -1.64
C ASP F 67 5.01 -29.86 -1.74
N GLY F 68 4.45 -28.74 -2.18
CA GLY F 68 3.03 -28.62 -2.47
C GLY F 68 2.07 -28.64 -1.31
N ALA F 69 2.59 -28.55 -0.08
CA ALA F 69 1.74 -28.58 1.12
C ALA F 69 0.76 -27.40 1.10
N HIS F 70 1.21 -26.24 0.59
CA HIS F 70 0.31 -25.08 0.43
C HIS F 70 -0.88 -25.36 -0.48
N LEU F 71 -0.73 -26.31 -1.42
CA LEU F 71 -1.85 -26.70 -2.29
C LEU F 71 -2.60 -27.98 -1.85
N GLY F 72 -2.40 -28.43 -0.62
CA GLY F 72 -3.05 -29.69 -0.14
C GLY F 72 -2.49 -31.03 -0.68
N VAL F 73 -1.36 -30.97 -1.34
CA VAL F 73 -0.86 -32.16 -2.06
C VAL F 73 0.57 -32.48 -1.63
N ASN F 74 1.04 -33.66 -2.03
CA ASN F 74 2.46 -34.02 -1.89
C ASN F 74 3.14 -34.00 -3.26
N ILE F 75 3.86 -32.93 -3.54
CA ILE F 75 4.70 -32.84 -4.72
C ILE F 75 6.13 -33.29 -4.44
N SER F 76 6.65 -34.15 -5.30
CA SER F 76 8.01 -34.63 -5.21
C SER F 76 8.60 -34.50 -6.59
N TYR F 77 9.88 -34.82 -6.71
CA TYR F 77 10.68 -34.46 -7.86
C TYR F 77 11.58 -35.60 -8.25
N ALA F 78 11.82 -35.73 -9.55
CA ALA F 78 12.84 -36.62 -10.06
C ALA F 78 13.44 -35.93 -11.25
N THR F 79 14.61 -36.39 -11.62
CA THR F 79 15.41 -35.74 -12.64
C THR F 79 15.55 -36.68 -13.83
N GLN F 80 15.58 -36.10 -15.03
CA GLN F 80 15.84 -36.83 -16.25
C GLN F 80 17.12 -36.29 -16.87
N ASP F 81 18.10 -37.17 -17.13
CA ASP F 81 19.46 -36.70 -17.46
C ASP F 81 19.54 -36.08 -18.84
N GLN F 82 18.82 -36.67 -19.78
CA GLN F 82 18.58 -36.04 -21.07
C GLN F 82 17.16 -36.38 -21.50
N PRO F 83 16.60 -35.59 -22.43
CA PRO F 83 15.21 -35.77 -22.87
C PRO F 83 15.03 -36.87 -23.91
N ASP F 84 15.09 -38.12 -23.47
CA ASP F 84 15.17 -39.25 -24.39
C ASP F 84 13.86 -39.98 -24.52
N GLY F 85 12.77 -39.34 -24.09
CA GLY F 85 11.46 -39.88 -24.40
C GLY F 85 10.46 -39.79 -23.27
N LEU F 86 9.19 -39.62 -23.66
CA LEU F 86 8.08 -39.60 -22.70
C LEU F 86 7.90 -40.90 -21.94
N ALA F 87 8.13 -42.04 -22.60
CA ALA F 87 7.97 -43.33 -21.92
C ALA F 87 8.94 -43.52 -20.75
N GLN F 88 9.99 -42.74 -20.70
CA GLN F 88 10.87 -42.75 -19.52
C GLN F 88 10.19 -42.26 -18.26
N ALA F 89 9.03 -41.58 -18.37
CA ALA F 89 8.32 -41.15 -17.15
C ALA F 89 8.06 -42.33 -16.21
N PHE F 90 7.76 -43.50 -16.78
CA PHE F 90 7.35 -44.64 -16.00
C PHE F 90 8.57 -45.40 -15.44
N VAL F 91 9.74 -45.16 -16.04
CA VAL F 91 10.98 -45.76 -15.58
C VAL F 91 11.52 -44.93 -14.44
N ILE F 92 11.75 -43.64 -14.73
CA ILE F 92 12.20 -42.69 -13.74
C ILE F 92 11.18 -42.58 -12.58
N GLY F 93 9.90 -42.72 -12.89
CA GLY F 93 8.84 -42.52 -11.92
C GLY F 93 8.38 -43.80 -11.26
N ALA F 94 9.09 -44.91 -11.53
CA ALA F 94 8.65 -46.20 -11.01
C ALA F 94 8.62 -46.22 -9.47
N ASN F 95 9.62 -45.65 -8.82
CA ASN F 95 9.67 -45.57 -7.34
C ASN F 95 8.42 -44.88 -6.79
N HIS F 96 8.13 -43.72 -7.38
CA HIS F 96 6.92 -42.94 -7.06
C HIS F 96 5.63 -43.70 -7.30
N ILE F 97 5.54 -44.38 -8.44
CA ILE F 97 4.36 -45.09 -8.80
C ILE F 97 4.10 -46.27 -7.86
N GLY F 98 5.18 -46.91 -7.44
CA GLY F 98 5.04 -48.15 -6.68
C GLY F 98 4.26 -49.22 -7.40
N ALA F 99 3.29 -49.79 -6.70
CA ALA F 99 2.38 -50.78 -7.23
C ALA F 99 1.03 -50.22 -7.71
N ASP F 100 0.91 -48.90 -7.76
CA ASP F 100 -0.37 -48.23 -8.07
C ASP F 100 -0.52 -48.03 -9.58
N SER F 101 -1.73 -47.69 -9.98
CA SER F 101 -1.99 -47.11 -11.29
CA SER F 101 -1.97 -47.12 -11.30
C SER F 101 -1.38 -45.72 -11.35
N VAL F 102 -1.34 -45.17 -12.55
CA VAL F 102 -0.68 -43.91 -12.75
C VAL F 102 -1.44 -43.07 -13.80
N ALA F 103 -1.39 -41.77 -13.62
CA ALA F 103 -1.83 -40.82 -14.63
C ALA F 103 -0.59 -40.01 -14.97
N LEU F 104 -0.29 -39.95 -16.25
CA LEU F 104 0.77 -39.10 -16.78
C LEU F 104 0.11 -37.95 -17.53
N VAL F 105 0.53 -36.74 -17.21
CA VAL F 105 0.12 -35.59 -17.98
C VAL F 105 1.37 -34.86 -18.43
N LEU F 106 1.34 -34.34 -19.67
CA LEU F 106 2.48 -33.61 -20.21
C LEU F 106 2.45 -32.16 -19.69
N GLY F 107 3.63 -31.62 -19.38
CA GLY F 107 3.73 -30.36 -18.67
C GLY F 107 3.29 -29.14 -19.50
N ASP F 108 3.20 -29.33 -20.80
CA ASP F 108 2.83 -28.25 -21.74
C ASP F 108 1.42 -28.39 -22.25
N ASN F 109 0.62 -29.26 -21.64
CA ASN F 109 -0.76 -29.47 -22.06
C ASN F 109 -1.78 -28.82 -21.13
N ILE F 110 -2.76 -28.17 -21.75
CA ILE F 110 -3.91 -27.60 -21.06
C ILE F 110 -5.17 -28.34 -21.52
N PHE F 111 -5.91 -28.85 -20.55
CA PHE F 111 -7.22 -29.48 -20.78
C PHE F 111 -8.28 -28.62 -20.12
N TYR F 112 -9.34 -28.30 -20.86
CA TYR F 112 -10.44 -27.54 -20.31
C TYR F 112 -11.78 -27.98 -20.87
N GLY F 113 -12.74 -28.18 -19.98
CA GLY F 113 -14.09 -28.36 -20.38
C GLY F 113 -14.76 -29.59 -19.84
N PRO F 114 -15.94 -29.91 -20.40
CA PRO F 114 -16.76 -30.99 -19.90
C PRO F 114 -16.02 -32.32 -19.91
N GLY F 115 -16.07 -33.03 -18.79
CA GLY F 115 -15.29 -34.24 -18.60
C GLY F 115 -13.82 -34.10 -18.24
N LEU F 116 -13.32 -32.87 -18.06
CA LEU F 116 -11.89 -32.67 -17.85
C LEU F 116 -11.59 -32.08 -16.47
N GLY F 117 -12.56 -32.20 -15.58
CA GLY F 117 -12.48 -31.73 -14.22
C GLY F 117 -12.60 -32.89 -13.24
N THR F 118 -13.36 -32.65 -12.17
CA THR F 118 -13.48 -33.56 -11.06
C THR F 118 -13.99 -34.93 -11.50
N SER F 119 -14.63 -35.00 -12.67
CA SER F 119 -15.13 -36.27 -13.18
C SER F 119 -14.03 -37.19 -13.67
N LEU F 120 -12.82 -36.67 -13.85
CA LEU F 120 -11.64 -37.50 -14.22
C LEU F 120 -11.32 -38.54 -13.15
N LYS F 121 -11.92 -38.43 -11.96
CA LYS F 121 -11.78 -39.47 -10.96
C LYS F 121 -12.25 -40.84 -11.45
N ARG F 122 -13.09 -40.83 -12.47
CA ARG F 122 -13.56 -42.07 -13.11
C ARG F 122 -12.41 -42.96 -13.59
N PHE F 123 -11.24 -42.36 -13.83
CA PHE F 123 -10.07 -43.13 -14.32
C PHE F 123 -9.23 -43.80 -13.23
N GLN F 124 -9.48 -43.50 -11.95
CA GLN F 124 -8.67 -44.08 -10.85
C GLN F 124 -8.67 -45.62 -10.86
N SER F 125 -9.79 -46.20 -11.31
CA SER F 125 -10.00 -47.64 -11.35
C SER F 125 -9.44 -48.29 -12.59
N ILE F 126 -8.72 -47.52 -13.42
CA ILE F 126 -8.22 -48.01 -14.71
C ILE F 126 -7.65 -49.44 -14.68
N SER F 127 -8.15 -50.25 -15.60
CA SER F 127 -7.53 -51.48 -16.02
C SER F 127 -7.08 -51.38 -17.50
N GLY F 128 -5.84 -51.75 -17.77
CA GLY F 128 -5.20 -51.54 -19.05
C GLY F 128 -4.74 -50.08 -19.17
N GLY F 129 -5.00 -49.47 -20.32
CA GLY F 129 -4.65 -48.06 -20.57
C GLY F 129 -5.86 -47.31 -21.08
N ALA F 130 -5.94 -46.02 -20.76
CA ALA F 130 -6.98 -45.16 -21.32
C ALA F 130 -6.35 -43.86 -21.82
N ILE F 131 -6.67 -43.51 -23.06
CA ILE F 131 -6.12 -42.33 -23.72
C ILE F 131 -7.24 -41.62 -24.48
N PHE F 132 -6.91 -40.50 -25.09
CA PHE F 132 -7.93 -39.60 -25.64
C PHE F 132 -7.65 -39.25 -27.07
N ALA F 133 -8.66 -38.64 -27.71
CA ALA F 133 -8.60 -38.25 -29.09
C ALA F 133 -9.31 -36.89 -29.26
N TYR F 134 -8.72 -36.06 -30.12
CA TYR F 134 -9.14 -34.66 -30.27
C TYR F 134 -8.91 -34.28 -31.72
N TRP F 135 -9.99 -33.93 -32.43
CA TRP F 135 -9.91 -33.56 -33.84
C TRP F 135 -9.02 -32.34 -34.00
N VAL F 136 -8.04 -32.44 -34.89
CA VAL F 136 -7.22 -31.29 -35.28
C VAL F 136 -7.09 -31.20 -36.82
N ALA F 137 -6.79 -30.00 -37.27
CA ALA F 137 -6.62 -29.68 -38.69
C ALA F 137 -5.31 -30.25 -39.19
N ASN F 138 -4.30 -30.28 -38.33
CA ASN F 138 -2.93 -30.70 -38.70
C ASN F 138 -2.41 -31.90 -37.87
N PRO F 139 -3.00 -33.09 -38.06
CA PRO F 139 -2.64 -34.24 -37.21
C PRO F 139 -1.14 -34.63 -37.27
N SER F 140 -0.49 -34.37 -38.39
CA SER F 140 0.91 -34.73 -38.54
C SER F 140 1.82 -34.09 -37.48
N ALA F 141 1.33 -33.06 -36.78
CA ALA F 141 2.12 -32.45 -35.70
C ALA F 141 2.05 -33.19 -34.34
N TYR F 142 1.27 -34.25 -34.25
CA TYR F 142 0.92 -34.90 -32.99
C TYR F 142 0.96 -36.41 -33.14
N GLY F 143 0.76 -37.12 -32.03
CA GLY F 143 0.39 -38.53 -32.05
C GLY F 143 -1.02 -38.63 -32.59
N VAL F 144 -1.27 -39.65 -33.41
CA VAL F 144 -2.51 -39.78 -34.15
C VAL F 144 -3.13 -41.15 -33.91
N VAL F 145 -4.40 -41.17 -33.56
CA VAL F 145 -5.15 -42.38 -33.38
C VAL F 145 -6.19 -42.52 -34.51
N GLU F 146 -6.26 -43.70 -35.11
CA GLU F 146 -7.22 -44.02 -36.18
C GLU F 146 -8.27 -44.97 -35.63
N PHE F 147 -9.55 -44.68 -35.90
CA PHE F 147 -10.65 -45.54 -35.49
C PHE F 147 -11.16 -46.41 -36.66
N GLY F 148 -11.96 -47.43 -36.34
CA GLY F 148 -12.77 -48.14 -37.35
C GLY F 148 -14.25 -48.11 -37.04
N GLY F 151 -16.12 -48.36 -34.33
CA GLY F 151 -15.51 -47.16 -33.73
C GLY F 151 -14.39 -47.39 -32.70
N MET F 152 -13.64 -48.48 -32.86
CA MET F 152 -12.56 -48.82 -31.93
C MET F 152 -11.23 -48.36 -32.51
N ALA F 153 -10.20 -48.25 -31.69
CA ALA F 153 -8.89 -47.78 -32.15
C ALA F 153 -8.25 -48.87 -33.02
N LEU F 154 -7.60 -48.43 -34.08
CA LEU F 154 -7.14 -49.29 -35.14
C LEU F 154 -5.65 -49.17 -35.32
N SER F 155 -5.12 -47.95 -35.25
CA SER F 155 -3.68 -47.72 -35.29
C SER F 155 -3.24 -46.47 -34.55
N LEU F 156 -1.96 -46.43 -34.20
CA LEU F 156 -1.36 -45.28 -33.57
C LEU F 156 -0.05 -44.96 -34.23
N GLU F 157 0.21 -43.69 -34.48
CA GLU F 157 1.48 -43.28 -35.06
C GLU F 157 1.89 -41.93 -34.54
N GLU F 158 3.17 -41.78 -34.21
CA GLU F 158 3.68 -40.52 -33.72
C GLU F 158 4.05 -39.67 -34.94
N LYS F 159 3.41 -38.53 -35.08
CA LYS F 159 3.78 -37.52 -36.06
C LYS F 159 3.94 -38.13 -37.47
N PRO F 160 2.88 -38.81 -37.94
CA PRO F 160 2.85 -39.43 -39.28
C PRO F 160 2.84 -38.39 -40.41
N VAL F 161 3.77 -38.53 -41.34
CA VAL F 161 3.82 -37.69 -42.55
C VAL F 161 2.52 -37.85 -43.34
N THR F 162 1.95 -39.07 -43.36
CA THR F 162 0.63 -39.34 -43.95
C THR F 162 -0.40 -39.82 -42.93
N PRO F 163 -1.03 -38.87 -42.21
CA PRO F 163 -1.95 -39.19 -41.12
C PRO F 163 -3.12 -39.99 -41.59
N LYS F 164 -3.57 -40.93 -40.78
CA LYS F 164 -4.70 -41.79 -41.10
C LYS F 164 -6.00 -41.36 -40.46
N SER F 165 -5.92 -40.30 -39.67
CA SER F 165 -7.12 -39.65 -39.19
C SER F 165 -6.75 -38.25 -38.86
N ASN F 166 -7.74 -37.49 -38.43
CA ASN F 166 -7.54 -36.15 -37.93
C ASN F 166 -7.53 -36.13 -36.39
N TYR F 167 -7.52 -37.28 -35.74
CA TYR F 167 -7.59 -37.34 -34.28
C TYR F 167 -6.22 -37.35 -33.63
N ALA F 168 -5.84 -36.24 -33.01
CA ALA F 168 -4.59 -36.16 -32.21
C ALA F 168 -4.87 -36.88 -30.87
N VAL F 169 -3.81 -37.42 -30.31
CA VAL F 169 -3.81 -38.06 -28.99
C VAL F 169 -3.17 -37.06 -28.03
N PRO F 170 -3.99 -36.36 -27.22
CA PRO F 170 -3.49 -35.39 -26.26
C PRO F 170 -2.56 -36.03 -25.19
N GLY F 171 -1.85 -35.17 -24.49
CA GLY F 171 -0.89 -35.58 -23.49
C GLY F 171 -1.49 -35.85 -22.09
N LEU F 172 -2.47 -36.74 -22.02
CA LEU F 172 -3.03 -37.20 -20.76
C LEU F 172 -3.32 -38.72 -20.93
N TYR F 173 -2.75 -39.51 -20.03
CA TYR F 173 -2.76 -40.97 -20.19
C TYR F 173 -2.97 -41.63 -18.83
N PHE F 174 -3.90 -42.57 -18.76
CA PHE F 174 -4.12 -43.33 -17.55
C PHE F 174 -3.75 -44.81 -17.75
N TYR F 175 -2.96 -45.38 -16.84
CA TYR F 175 -2.52 -46.78 -16.97
C TYR F 175 -2.61 -47.51 -15.66
N ASP F 176 -2.91 -48.81 -15.75
CA ASP F 176 -2.60 -49.70 -14.63
C ASP F 176 -1.12 -49.88 -14.45
N ASN F 177 -0.73 -50.61 -13.40
CA ASN F 177 0.65 -50.73 -12.99
C ASN F 177 1.56 -51.41 -14.02
N ASP F 178 0.97 -52.12 -14.98
CA ASP F 178 1.71 -52.80 -16.03
C ASP F 178 2.54 -51.91 -16.91
N VAL F 179 2.25 -50.60 -16.91
CA VAL F 179 2.95 -49.69 -17.77
C VAL F 179 4.42 -49.59 -17.44
N ILE F 180 4.79 -49.81 -16.18
CA ILE F 180 6.19 -49.71 -15.83
C ILE F 180 7.03 -50.77 -16.60
N GLU F 181 6.62 -52.02 -16.56
CA GLU F 181 7.30 -53.11 -17.28
C GLU F 181 7.25 -52.91 -18.80
N ILE F 182 6.10 -52.48 -19.32
CA ILE F 182 6.02 -52.13 -20.73
C ILE F 182 7.06 -51.08 -21.10
N ALA F 183 7.14 -50.00 -20.33
CA ALA F 183 8.08 -48.92 -20.61
C ALA F 183 9.55 -49.31 -20.48
N ARG F 184 9.85 -50.09 -19.46
CA ARG F 184 11.23 -50.59 -19.26
C ARG F 184 11.73 -51.41 -20.46
N GLY F 185 10.82 -52.17 -21.06
CA GLY F 185 11.14 -53.04 -22.20
C GLY F 185 11.28 -52.36 -23.56
N LEU F 186 10.95 -51.07 -23.64
CA LEU F 186 10.97 -50.38 -24.91
C LEU F 186 12.39 -50.12 -25.38
N LYS F 187 12.61 -50.31 -26.68
CA LYS F 187 13.81 -49.82 -27.36
C LYS F 187 13.56 -48.41 -27.91
N LYS F 188 14.65 -47.70 -28.19
CA LYS F 188 14.58 -46.37 -28.78
C LYS F 188 14.00 -46.45 -30.19
N SER F 189 13.13 -45.51 -30.53
CA SER F 189 12.57 -45.45 -31.90
C SER F 189 13.62 -44.94 -32.90
N ALA F 190 13.25 -44.94 -34.18
CA ALA F 190 14.12 -44.39 -35.22
C ALA F 190 14.60 -42.98 -34.84
N ARG F 191 13.69 -42.16 -34.32
CA ARG F 191 14.00 -40.77 -33.94
C ARG F 191 14.77 -40.60 -32.61
N GLY F 192 15.17 -41.71 -31.99
CA GLY F 192 16.08 -41.67 -30.85
C GLY F 192 15.40 -41.67 -29.48
N GLU F 193 14.14 -42.11 -29.41
CA GLU F 193 13.35 -41.88 -28.18
C GLU F 193 12.52 -43.07 -27.67
N TYR F 194 12.32 -43.12 -26.36
CA TYR F 194 11.37 -44.07 -25.81
C TYR F 194 9.97 -43.47 -25.88
N GLU F 195 9.12 -44.00 -26.76
CA GLU F 195 7.88 -43.33 -27.19
C GLU F 195 6.65 -43.74 -26.39
N ILE F 196 5.85 -42.75 -25.94
CA ILE F 196 4.53 -43.01 -25.34
C ILE F 196 3.60 -43.68 -26.34
N THR F 197 3.67 -43.27 -27.61
CA THR F 197 2.90 -43.94 -28.65
C THR F 197 3.20 -45.45 -28.73
N GLU F 198 4.45 -45.85 -28.51
CA GLU F 198 4.74 -47.29 -28.42
C GLU F 198 4.19 -48.01 -27.17
N VAL F 199 4.19 -47.32 -26.04
CA VAL F 199 3.49 -47.84 -24.87
C VAL F 199 2.02 -48.12 -25.18
N ASN F 200 1.36 -47.14 -25.81
CA ASN F 200 -0.04 -47.29 -26.18
C ASN F 200 -0.26 -48.44 -27.19
N GLN F 201 0.69 -48.61 -28.11
CA GLN F 201 0.67 -49.76 -29.05
C GLN F 201 0.61 -51.14 -28.38
N VAL F 202 1.43 -51.33 -27.35
CA VAL F 202 1.42 -52.58 -26.60
C VAL F 202 0.08 -52.81 -25.93
N TYR F 203 -0.47 -51.79 -25.26
CA TYR F 203 -1.78 -51.94 -24.68
C TYR F 203 -2.81 -52.23 -25.77
N LEU F 204 -2.65 -51.59 -26.92
CA LEU F 204 -3.57 -51.81 -28.02
C LEU F 204 -3.46 -53.26 -28.52
N ASN F 205 -2.24 -53.76 -28.68
CA ASN F 205 -2.04 -55.14 -29.17
C ASN F 205 -2.68 -56.18 -28.25
N GLN F 206 -2.63 -55.90 -26.95
CA GLN F 206 -3.22 -56.76 -25.94
C GLN F 206 -4.73 -56.65 -25.87
N GLY F 207 -5.32 -55.68 -26.56
CA GLY F 207 -6.76 -55.47 -26.48
C GLY F 207 -7.21 -54.78 -25.21
N ARG F 208 -6.36 -53.96 -24.61
CA ARG F 208 -6.82 -53.20 -23.42
C ARG F 208 -6.36 -51.76 -23.42
N LEU F 209 -6.48 -51.15 -24.60
CA LEU F 209 -6.45 -49.70 -24.71
C LEU F 209 -7.86 -49.17 -24.98
N ALA F 210 -8.41 -48.43 -24.03
CA ALA F 210 -9.60 -47.57 -24.24
C ALA F 210 -9.22 -46.20 -24.82
N VAL F 211 -10.01 -45.72 -25.79
CA VAL F 211 -9.80 -44.38 -26.40
C VAL F 211 -11.12 -43.62 -26.41
N GLU F 212 -11.10 -42.41 -25.87
CA GLU F 212 -12.32 -41.59 -25.73
C GLU F 212 -12.06 -40.30 -26.48
N VAL F 213 -12.97 -39.91 -27.37
CA VAL F 213 -12.87 -38.60 -28.00
C VAL F 213 -13.29 -37.62 -26.93
N LEU F 214 -12.55 -36.52 -26.77
CA LEU F 214 -12.92 -35.56 -25.75
C LEU F 214 -14.32 -35.01 -26.10
N ALA F 215 -15.08 -34.67 -25.05
CA ALA F 215 -16.49 -34.26 -25.19
C ALA F 215 -16.64 -32.97 -25.99
N ARG F 216 -17.83 -32.78 -26.56
CA ARG F 216 -18.11 -31.50 -27.24
C ARG F 216 -17.93 -30.37 -26.25
N GLY F 217 -17.32 -29.28 -26.72
CA GLY F 217 -17.05 -28.13 -25.91
C GLY F 217 -15.72 -28.09 -25.18
N THR F 218 -14.90 -29.11 -25.34
CA THR F 218 -13.61 -29.17 -24.66
C THR F 218 -12.57 -28.45 -25.49
N ALA F 219 -11.64 -27.83 -24.76
CA ALA F 219 -10.45 -27.27 -25.34
C ALA F 219 -9.29 -28.12 -24.89
N TRP F 220 -8.42 -28.44 -25.84
CA TRP F 220 -7.13 -29.04 -25.56
C TRP F 220 -6.08 -28.23 -26.29
N LEU F 221 -4.98 -27.92 -25.61
CA LEU F 221 -3.94 -27.07 -26.13
C LEU F 221 -2.59 -27.63 -25.73
N ASP F 222 -1.64 -27.58 -26.68
CA ASP F 222 -0.23 -27.79 -26.42
C ASP F 222 0.43 -26.43 -26.65
N THR F 223 1.21 -25.98 -25.69
CA THR F 223 1.80 -24.67 -25.71
C THR F 223 3.22 -24.56 -26.26
N GLY F 224 3.62 -25.53 -27.06
CA GLY F 224 5.05 -25.69 -27.43
C GLY F 224 5.53 -24.90 -28.66
N THR F 225 4.67 -24.01 -29.20
CA THR F 225 5.10 -23.08 -30.29
C THR F 225 4.78 -21.64 -29.91
N PHE F 226 5.42 -20.67 -30.56
CA PHE F 226 5.14 -19.29 -30.21
C PHE F 226 3.63 -19.01 -30.32
N ASP F 227 3.04 -19.45 -31.44
CA ASP F 227 1.62 -19.18 -31.70
C ASP F 227 0.69 -19.90 -30.74
N SER F 228 0.99 -21.15 -30.40
CA SER F 228 0.06 -21.91 -29.54
C SER F 228 0.16 -21.46 -28.08
N LEU F 229 1.35 -21.05 -27.65
CA LEU F 229 1.53 -20.48 -26.35
C LEU F 229 0.71 -19.20 -26.18
N LEU F 230 0.81 -18.32 -27.17
CA LEU F 230 0.09 -17.04 -27.12
C LEU F 230 -1.43 -17.27 -27.24
N ASP F 231 -1.83 -18.19 -28.11
CA ASP F 231 -3.25 -18.51 -28.24
C ASP F 231 -3.84 -19.05 -26.93
N ALA F 232 -3.05 -19.87 -26.20
CA ALA F 232 -3.46 -20.40 -24.92
C ALA F 232 -3.70 -19.28 -23.94
N ALA F 233 -2.80 -18.29 -23.90
CA ALA F 233 -2.99 -17.17 -22.99
C ALA F 233 -4.28 -16.36 -23.30
N ASP F 234 -4.51 -16.12 -24.59
CA ASP F 234 -5.71 -15.39 -25.03
CA ASP F 234 -5.69 -15.39 -25.00
C ASP F 234 -6.97 -16.14 -24.62
N PHE F 235 -6.96 -17.46 -24.76
CA PHE F 235 -8.10 -18.28 -24.36
C PHE F 235 -8.41 -18.16 -22.88
N VAL F 236 -7.36 -18.28 -22.06
CA VAL F 236 -7.56 -18.23 -20.62
C VAL F 236 -8.10 -16.86 -20.21
N ARG F 237 -7.53 -15.78 -20.79
CA ARG F 237 -8.03 -14.43 -20.47
C ARG F 237 -9.48 -14.23 -20.89
N THR F 238 -9.81 -14.77 -22.04
CA THR F 238 -11.15 -14.68 -22.56
C THR F 238 -12.16 -15.36 -21.66
N LEU F 239 -11.84 -16.56 -21.20
CA LEU F 239 -12.69 -17.21 -20.22
C LEU F 239 -12.92 -16.33 -18.98
N GLU F 240 -11.90 -15.63 -18.50
CA GLU F 240 -12.15 -14.76 -17.34
C GLU F 240 -12.98 -13.53 -17.68
N ARG F 241 -12.56 -12.81 -18.72
CA ARG F 241 -13.23 -11.53 -19.08
C ARG F 241 -14.70 -11.75 -19.50
N ARG F 242 -14.99 -12.82 -20.25
CA ARG F 242 -16.34 -13.03 -20.80
C ARG F 242 -17.22 -13.91 -19.93
N GLN F 243 -16.64 -14.92 -19.31
CA GLN F 243 -17.46 -15.90 -18.59
C GLN F 243 -17.21 -15.86 -17.06
N GLY F 244 -16.29 -15.00 -16.63
CA GLY F 244 -16.02 -14.83 -15.23
C GLY F 244 -15.29 -16.01 -14.59
N LEU F 245 -14.65 -16.87 -15.39
CA LEU F 245 -14.06 -18.08 -14.84
C LEU F 245 -12.58 -17.92 -14.80
N LYS F 246 -11.97 -18.23 -13.64
CA LYS F 246 -10.51 -18.46 -13.58
C LYS F 246 -10.30 -19.95 -13.58
N VAL F 247 -9.50 -20.43 -14.52
CA VAL F 247 -9.36 -21.88 -14.68
C VAL F 247 -8.00 -22.41 -14.19
N SER F 248 -8.02 -23.66 -13.73
CA SER F 248 -6.85 -24.33 -13.19
C SER F 248 -6.12 -23.51 -12.16
N ILE F 249 -6.87 -23.09 -11.17
CA ILE F 249 -6.33 -22.43 -10.01
C ILE F 249 -6.16 -23.50 -8.94
N PRO F 250 -4.92 -23.94 -8.69
CA PRO F 250 -4.79 -25.11 -7.80
C PRO F 250 -5.29 -24.86 -6.38
N GLU F 251 -5.13 -23.65 -5.88
CA GLU F 251 -5.61 -23.32 -4.55
C GLU F 251 -7.13 -23.52 -4.47
N GLU F 252 -7.86 -23.09 -5.49
CA GLU F 252 -9.31 -23.35 -5.56
C GLU F 252 -9.65 -24.86 -5.61
N VAL F 253 -8.96 -25.60 -6.46
CA VAL F 253 -9.23 -27.02 -6.59
C VAL F 253 -8.99 -27.78 -5.27
N ALA F 254 -7.88 -27.49 -4.62
CA ALA F 254 -7.53 -28.05 -3.32
C ALA F 254 -8.58 -27.72 -2.31
N TRP F 255 -9.08 -26.47 -2.36
CA TRP F 255 -10.16 -26.02 -1.45
C TRP F 255 -11.47 -26.74 -1.73
N ARG F 256 -11.90 -26.78 -2.99
CA ARG F 256 -13.09 -27.58 -3.40
C ARG F 256 -13.01 -29.07 -3.17
N MET F 257 -11.82 -29.64 -3.13
CA MET F 257 -11.69 -31.08 -2.81
C MET F 257 -11.59 -31.33 -1.30
N GLY F 258 -11.41 -30.26 -0.52
CA GLY F 258 -11.34 -30.36 0.94
C GLY F 258 -9.93 -30.51 1.48
N TRP F 259 -8.94 -30.31 0.61
CA TRP F 259 -7.55 -30.61 0.94
C TRP F 259 -6.85 -29.46 1.66
N ILE F 260 -7.41 -28.26 1.55
CA ILE F 260 -7.05 -27.13 2.40
C ILE F 260 -8.36 -26.44 2.88
N ASP F 261 -8.33 -25.86 4.09
CA ASP F 261 -9.45 -25.06 4.65
C ASP F 261 -9.38 -23.55 4.30
N ASP F 262 -10.40 -22.81 4.74
CA ASP F 262 -10.54 -21.37 4.42
C ASP F 262 -9.37 -20.51 4.90
N GLU F 263 -8.91 -20.78 6.12
CA GLU F 263 -7.78 -20.05 6.69
C GLU F 263 -6.59 -20.13 5.73
N GLN F 264 -6.28 -21.35 5.26
CA GLN F 264 -5.18 -21.59 4.36
C GLN F 264 -5.40 -20.88 3.02
N LEU F 265 -6.65 -20.92 2.53
CA LEU F 265 -6.98 -20.26 1.28
C LEU F 265 -6.70 -18.77 1.43
N VAL F 266 -7.16 -18.17 2.52
CA VAL F 266 -6.94 -16.74 2.77
C VAL F 266 -5.44 -16.42 2.77
N GLN F 267 -4.70 -17.28 3.46
CA GLN F 267 -3.25 -17.24 3.50
C GLN F 267 -2.66 -17.09 2.10
N ARG F 268 -2.95 -18.05 1.23
CA ARG F 268 -2.40 -18.05 -0.14
C ARG F 268 -2.79 -16.74 -0.88
N ALA F 269 -4.06 -16.36 -0.71
CA ALA F 269 -4.61 -15.14 -1.34
C ALA F 269 -3.85 -13.86 -0.95
N ARG F 270 -3.56 -13.71 0.34
CA ARG F 270 -2.86 -12.51 0.84
C ARG F 270 -1.55 -12.27 0.09
N ALA F 271 -0.77 -13.34 -0.09
CA ALA F 271 0.51 -13.24 -0.83
C ALA F 271 0.35 -12.75 -2.30
N LEU F 272 -0.79 -13.05 -2.90
CA LEU F 272 -1.00 -12.86 -4.34
C LEU F 272 -1.94 -11.67 -4.59
N VAL F 273 -2.00 -10.77 -3.62
CA VAL F 273 -2.99 -9.71 -3.66
C VAL F 273 -2.72 -8.80 -4.87
N LYS F 274 -1.45 -8.44 -5.09
CA LYS F 274 -1.10 -7.31 -5.97
C LYS F 274 -1.24 -7.62 -7.48
N SER F 275 -1.23 -8.90 -7.83
CA SER F 275 -1.37 -9.32 -9.23
C SER F 275 -2.82 -9.36 -9.66
N GLY F 276 -3.71 -9.48 -8.67
CA GLY F 276 -5.13 -9.72 -8.95
C GLY F 276 -5.49 -11.19 -8.77
N TYR F 277 -4.52 -12.09 -8.82
CA TYR F 277 -4.78 -13.51 -8.63
C TYR F 277 -5.36 -13.79 -7.23
N GLY F 278 -4.79 -13.18 -6.19
CA GLY F 278 -5.24 -13.45 -4.82
C GLY F 278 -6.65 -12.96 -4.53
N ASN F 279 -7.06 -11.88 -5.20
CA ASN F 279 -8.43 -11.39 -5.11
C ASN F 279 -9.46 -12.42 -5.58
N TYR F 280 -9.20 -13.08 -6.71
CA TYR F 280 -10.10 -14.13 -7.15
C TYR F 280 -10.29 -15.12 -6.00
N LEU F 281 -9.18 -15.52 -5.38
CA LEU F 281 -9.25 -16.52 -4.32
C LEU F 281 -10.16 -16.07 -3.18
N LEU F 282 -10.01 -14.81 -2.76
CA LEU F 282 -10.86 -14.24 -1.70
C LEU F 282 -12.38 -14.38 -1.92
N GLU F 283 -12.85 -13.92 -3.07
CA GLU F 283 -14.25 -14.07 -3.50
C GLU F 283 -14.85 -15.47 -3.28
N LEU F 284 -14.07 -16.53 -3.54
CA LEU F 284 -14.58 -17.90 -3.33
C LEU F 284 -15.24 -18.06 -1.97
N LEU F 285 -14.76 -17.31 -0.99
CA LEU F 285 -15.31 -17.37 0.36
C LEU F 285 -16.65 -16.61 0.46
N GLU F 286 -16.64 -15.35 0.01
CA GLU F 286 -17.77 -14.43 0.17
C GLU F 286 -18.83 -14.63 -0.93
N MET G 1 36.48 17.19 56.60
CA MET G 1 35.09 16.60 56.60
C MET G 1 35.13 15.22 56.00
N ARG G 2 34.46 14.30 56.67
CA ARG G 2 34.33 12.93 56.18
C ARG G 2 32.89 12.74 55.71
N GLY G 3 32.71 11.82 54.78
CA GLY G 3 31.39 11.57 54.18
C GLY G 3 30.83 10.19 54.51
N ILE G 4 29.51 10.13 54.69
CA ILE G 4 28.80 8.88 54.87
C ILE G 4 27.61 8.88 53.94
N ILE G 5 27.42 7.82 53.16
CA ILE G 5 26.16 7.57 52.45
C ILE G 5 25.41 6.45 53.13
N LEU G 6 24.22 6.75 53.63
CA LEU G 6 23.33 5.73 54.16
C LEU G 6 22.64 5.00 53.01
N ALA G 7 23.01 3.74 52.78
CA ALA G 7 22.57 3.02 51.61
C ALA G 7 22.06 1.67 51.96
N GLY G 8 21.59 1.52 53.19
CA GLY G 8 20.96 0.30 53.63
C GLY G 8 19.47 0.37 53.48
N GLY G 9 18.75 -0.03 54.52
CA GLY G 9 17.31 -0.02 54.50
C GLY G 9 16.70 -1.23 53.84
N SER G 10 15.44 -1.45 54.13
CA SER G 10 14.68 -2.60 53.56
C SER G 10 13.95 -2.31 52.24
N GLY G 11 13.66 -1.04 52.00
CA GLY G 11 12.98 -0.61 50.79
C GLY G 11 11.57 -1.13 50.62
N THR G 12 10.85 -1.29 51.74
CA THR G 12 9.50 -1.87 51.76
C THR G 12 8.50 -1.08 50.88
N ARG G 13 8.73 0.23 50.73
CA ARG G 13 7.87 1.06 49.90
C ARG G 13 8.03 0.82 48.38
N LEU G 14 9.03 0.03 47.99
CA LEU G 14 9.24 -0.39 46.59
C LEU G 14 9.07 -1.90 46.40
N TYR G 15 8.58 -2.61 47.42
CA TYR G 15 8.36 -4.04 47.21
C TYR G 15 7.34 -4.23 46.09
N PRO G 16 7.54 -5.22 45.21
CA PRO G 16 8.50 -6.29 45.34
C PRO G 16 9.85 -6.03 44.66
N ILE G 17 10.04 -4.86 44.05
CA ILE G 17 11.29 -4.58 43.36
C ILE G 17 12.47 -4.82 44.29
N THR G 18 12.39 -4.24 45.49
CA THR G 18 13.51 -4.23 46.41
C THR G 18 13.65 -5.50 47.28
N MET G 19 12.81 -6.49 47.02
CA MET G 19 13.12 -7.86 47.42
C MET G 19 14.30 -8.47 46.62
N GLY G 20 14.60 -7.93 45.44
CA GLY G 20 15.60 -8.47 44.51
C GLY G 20 16.78 -7.52 44.28
N ILE G 21 16.68 -6.28 44.75
CA ILE G 21 17.74 -5.30 44.48
C ILE G 21 17.65 -4.23 45.55
N SER G 22 18.76 -3.74 46.07
CA SER G 22 18.74 -2.58 46.95
C SER G 22 18.23 -1.33 46.21
N LYS G 23 17.45 -0.52 46.92
CA LYS G 23 17.03 0.76 46.39
C LYS G 23 18.24 1.56 45.87
N GLN G 24 19.38 1.42 46.55
CA GLN G 24 20.53 2.22 46.15
C GLN G 24 21.28 1.68 44.94
N LEU G 25 20.87 0.55 44.40
CA LEU G 25 21.39 0.02 43.11
C LEU G 25 20.42 0.14 41.93
N LEU G 26 19.26 0.73 42.18
CA LEU G 26 18.21 0.97 41.16
C LEU G 26 18.74 1.81 40.01
N PRO G 27 18.23 1.57 38.81
CA PRO G 27 18.58 2.41 37.66
C PRO G 27 17.90 3.75 37.72
N VAL G 28 18.64 4.81 37.44
CA VAL G 28 18.04 6.15 37.27
C VAL G 28 18.58 6.68 35.95
N TYR G 29 17.89 6.22 34.91
CA TYR G 29 18.26 6.39 33.50
C TYR G 29 19.61 5.71 33.09
N ASP G 30 20.74 6.36 33.33
CA ASP G 30 22.02 5.95 32.77
C ASP G 30 23.05 5.54 33.83
N LYS G 31 22.63 5.45 35.07
CA LYS G 31 23.54 5.15 36.19
C LYS G 31 22.77 4.61 37.40
N PRO G 32 23.47 3.91 38.31
CA PRO G 32 22.78 3.47 39.50
C PRO G 32 22.54 4.60 40.52
N MET G 33 21.49 4.40 41.30
CA MET G 33 21.01 5.36 42.26
C MET G 33 22.14 5.92 43.13
N ILE G 34 23.01 5.04 43.64
CA ILE G 34 24.10 5.44 44.51
C ILE G 34 25.04 6.51 43.93
N TYR G 35 25.18 6.57 42.60
CA TYR G 35 26.02 7.61 42.00
C TYR G 35 25.61 9.04 42.35
N TYR G 36 24.32 9.28 42.58
CA TYR G 36 23.84 10.66 42.83
C TYR G 36 24.30 11.18 44.18
N PRO G 37 23.97 10.49 45.28
CA PRO G 37 24.56 10.94 46.53
C PRO G 37 26.11 10.87 46.63
N LEU G 38 26.73 9.89 45.96
CA LEU G 38 28.21 9.81 45.90
C LEU G 38 28.75 11.10 45.31
N THR G 39 28.20 11.49 44.18
CA THR G 39 28.68 12.64 43.45
C THR G 39 28.39 13.91 44.28
N THR G 40 27.30 13.92 45.03
CA THR G 40 27.02 15.07 45.92
C THR G 40 28.16 15.27 46.93
N LEU G 41 28.57 14.20 47.59
CA LEU G 41 29.71 14.30 48.49
C LEU G 41 30.99 14.69 47.76
N MET G 42 31.25 14.10 46.60
CA MET G 42 32.50 14.41 45.84
C MET G 42 32.55 15.91 45.51
N MET G 43 31.41 16.47 45.07
CA MET G 43 31.34 17.90 44.75
C MET G 43 31.48 18.78 45.99
N ALA G 44 31.12 18.30 47.17
CA ALA G 44 31.42 19.04 48.38
C ALA G 44 32.91 18.96 48.78
N GLY G 45 33.71 18.19 48.03
CA GLY G 45 35.16 18.11 48.20
C GLY G 45 35.58 16.97 49.11
N ILE G 46 34.69 16.02 49.32
CA ILE G 46 34.92 14.98 50.30
C ILE G 46 35.41 13.78 49.55
N ARG G 47 36.54 13.24 49.99
CA ARG G 47 37.20 12.13 49.31
C ARG G 47 37.30 10.86 50.16
N ASP G 48 37.00 10.94 51.46
CA ASP G 48 36.89 9.73 52.30
C ASP G 48 35.43 9.47 52.61
N ILE G 49 34.86 8.52 51.88
CA ILE G 49 33.43 8.30 51.91
C ILE G 49 33.15 6.89 52.39
N GLN G 50 32.31 6.76 53.39
CA GLN G 50 31.92 5.44 53.86
C GLN G 50 30.50 5.11 53.34
N LEU G 51 30.29 3.97 52.72
CA LEU G 51 28.96 3.48 52.42
C LEU G 51 28.55 2.55 53.51
N ILE G 52 27.37 2.79 54.07
CA ILE G 52 26.74 1.88 55.00
C ILE G 52 25.67 1.14 54.23
N THR G 53 25.70 -0.20 54.24
CA THR G 53 24.74 -0.97 53.48
C THR G 53 24.16 -2.05 54.40
N THR G 54 23.17 -2.78 53.90
CA THR G 54 22.77 -4.02 54.56
C THR G 54 23.90 -5.04 54.35
N PRO G 55 23.92 -6.08 55.21
CA PRO G 55 24.92 -7.13 54.96
C PRO G 55 24.67 -7.84 53.62
N HIS G 56 23.42 -8.24 53.38
CA HIS G 56 23.10 -9.05 52.19
C HIS G 56 23.25 -8.30 50.84
N ASP G 57 23.09 -6.97 50.83
CA ASP G 57 23.19 -6.22 49.55
C ASP G 57 24.60 -5.77 49.28
N ALA G 58 25.51 -5.92 50.25
CA ALA G 58 26.83 -5.35 50.13
C ALA G 58 27.61 -5.76 48.86
N PRO G 59 27.51 -7.04 48.42
CA PRO G 59 28.32 -7.48 47.26
C PRO G 59 28.14 -6.63 45.98
N GLY G 60 26.90 -6.23 45.67
CA GLY G 60 26.62 -5.35 44.52
C GLY G 60 27.39 -4.04 44.56
N PHE G 61 27.40 -3.41 45.73
CA PHE G 61 28.10 -2.15 45.88
C PHE G 61 29.61 -2.32 45.70
N HIS G 62 30.19 -3.39 46.27
CA HIS G 62 31.61 -3.67 46.07
C HIS G 62 31.97 -3.90 44.59
N ARG G 63 31.12 -4.64 43.88
CA ARG G 63 31.29 -4.93 42.44
C ARG G 63 31.26 -3.61 41.63
N LEU G 64 30.35 -2.72 42.01
CA LEU G 64 30.22 -1.40 41.33
C LEU G 64 31.37 -0.48 41.62
N LEU G 65 31.72 -0.35 42.90
CA LEU G 65 32.51 0.79 43.36
C LEU G 65 33.94 0.41 43.77
N GLY G 66 34.16 -0.82 44.22
CA GLY G 66 35.47 -1.17 44.77
C GLY G 66 35.89 -0.24 45.87
N ASP G 67 37.16 0.14 45.87
CA ASP G 67 37.66 1.05 46.86
C ASP G 67 37.61 2.49 46.37
N GLY G 68 36.96 2.71 45.23
CA GLY G 68 36.74 4.05 44.73
C GLY G 68 37.94 4.71 44.07
N ALA G 69 39.06 4.00 43.96
CA ALA G 69 40.32 4.62 43.50
C ALA G 69 40.18 5.11 42.07
N HIS G 70 39.38 4.41 41.27
CA HIS G 70 39.10 4.83 39.88
C HIS G 70 38.32 6.14 39.73
N LEU G 71 37.69 6.59 40.81
CA LEU G 71 37.03 7.87 40.84
C LEU G 71 37.82 8.84 41.68
N GLY G 72 39.06 8.53 41.98
CA GLY G 72 39.92 9.42 42.77
C GLY G 72 39.48 9.67 44.20
N VAL G 73 38.71 8.76 44.78
CA VAL G 73 38.31 8.87 46.20
C VAL G 73 38.62 7.58 46.96
N ASN G 74 38.50 7.65 48.28
CA ASN G 74 38.61 6.48 49.12
C ASN G 74 37.23 6.07 49.61
N ILE G 75 36.66 5.07 48.97
CA ILE G 75 35.40 4.50 49.42
C ILE G 75 35.70 3.35 50.40
N SER G 76 35.12 3.44 51.58
CA SER G 76 35.13 2.39 52.61
C SER G 76 33.71 1.92 52.89
N TYR G 77 33.57 0.85 53.66
CA TYR G 77 32.29 0.19 53.82
C TYR G 77 32.05 -0.15 55.27
N ALA G 78 30.78 -0.03 55.69
CA ALA G 78 30.29 -0.60 56.92
C ALA G 78 28.95 -1.23 56.66
N THR G 79 28.51 -2.11 57.57
CA THR G 79 27.19 -2.65 57.43
C THR G 79 26.33 -2.31 58.67
N GLN G 80 25.04 -2.33 58.47
CA GLN G 80 24.05 -2.10 59.51
C GLN G 80 23.29 -3.40 59.68
N ASP G 81 23.24 -3.93 60.90
CA ASP G 81 22.68 -5.26 61.14
C ASP G 81 21.20 -5.25 60.85
N GLN G 82 20.52 -4.18 61.26
CA GLN G 82 19.12 -3.98 60.90
C GLN G 82 18.82 -2.51 60.74
N PRO G 83 17.79 -2.19 59.92
CA PRO G 83 17.53 -0.80 59.59
C PRO G 83 16.72 -0.08 60.71
N ASP G 84 17.43 0.28 61.78
CA ASP G 84 16.78 0.81 62.94
C ASP G 84 16.94 2.32 63.06
N GLY G 85 17.38 2.95 61.97
CA GLY G 85 17.22 4.39 61.84
C GLY G 85 18.40 5.14 61.30
N LEU G 86 18.10 6.30 60.71
CA LEU G 86 19.13 7.11 60.08
C LEU G 86 20.26 7.55 61.04
N ALA G 87 19.92 7.85 62.29
CA ALA G 87 20.93 8.39 63.22
C ALA G 87 22.01 7.39 63.55
N GLN G 88 21.74 6.12 63.37
CA GLN G 88 22.77 5.11 63.55
CA GLN G 88 22.76 5.05 63.50
C GLN G 88 23.96 5.26 62.60
N ALA G 89 23.82 6.10 61.57
CA ALA G 89 24.96 6.33 60.70
C ALA G 89 26.16 6.83 61.50
N PHE G 90 25.91 7.64 62.54
CA PHE G 90 27.00 8.32 63.23
C PHE G 90 27.67 7.37 64.23
N VAL G 91 26.93 6.36 64.66
CA VAL G 91 27.45 5.33 65.53
C VAL G 91 28.24 4.30 64.73
N ILE G 92 27.64 3.75 63.69
CA ILE G 92 28.33 2.82 62.77
C ILE G 92 29.57 3.52 62.19
N GLY G 93 29.39 4.79 61.82
CA GLY G 93 30.43 5.58 61.20
C GLY G 93 31.42 6.26 62.12
N ALA G 94 31.31 6.05 63.43
CA ALA G 94 32.13 6.83 64.36
C ALA G 94 33.63 6.63 64.07
N ASN G 95 34.04 5.38 63.80
CA ASN G 95 35.47 5.09 63.55
C ASN G 95 35.97 5.79 62.28
N HIS G 96 35.13 5.80 61.23
CA HIS G 96 35.38 6.56 59.99
C HIS G 96 35.45 8.07 60.22
N ILE G 97 34.57 8.63 61.05
CA ILE G 97 34.52 10.07 61.21
C ILE G 97 35.74 10.56 62.01
N GLY G 98 36.10 9.78 63.03
CA GLY G 98 37.12 10.16 63.99
C GLY G 98 36.77 11.45 64.71
N ALA G 99 37.67 12.43 64.61
CA ALA G 99 37.50 13.75 65.24
C ALA G 99 36.95 14.83 64.27
N ASP G 100 36.73 14.47 63.00
CA ASP G 100 36.37 15.41 61.95
C ASP G 100 34.85 15.74 61.97
N SER G 101 34.49 16.75 61.19
CA SER G 101 33.09 17.00 60.85
C SER G 101 32.61 15.94 59.84
N VAL G 102 31.30 15.88 59.59
CA VAL G 102 30.76 14.86 58.71
C VAL G 102 29.57 15.36 57.87
N ALA G 103 29.51 14.86 56.63
CA ALA G 103 28.40 15.07 55.74
C ALA G 103 27.69 13.74 55.61
N LEU G 104 26.40 13.76 55.94
CA LEU G 104 25.54 12.59 55.75
C LEU G 104 24.61 12.83 54.57
N VAL G 105 24.58 11.92 53.59
CA VAL G 105 23.63 12.04 52.48
C VAL G 105 22.87 10.72 52.38
N LEU G 106 21.56 10.80 52.14
CA LEU G 106 20.76 9.62 52.03
C LEU G 106 20.90 9.00 50.64
N GLY G 107 20.95 7.68 50.61
CA GLY G 107 21.23 6.92 49.40
C GLY G 107 20.21 7.06 48.27
N ASP G 108 18.99 7.37 48.63
CA ASP G 108 17.92 7.55 47.66
C ASP G 108 17.62 8.98 47.29
N ASN G 109 18.54 9.91 47.54
CA ASN G 109 18.26 11.29 47.25
C ASN G 109 19.07 11.80 46.06
N ILE G 110 18.42 12.61 45.21
CA ILE G 110 19.07 13.31 44.11
C ILE G 110 18.96 14.81 44.33
N PHE G 111 20.09 15.48 44.33
CA PHE G 111 20.16 16.93 44.42
C PHE G 111 20.74 17.44 43.11
N TYR G 112 20.02 18.37 42.48
CA TYR G 112 20.48 18.94 41.24
C TYR G 112 20.16 20.43 41.18
N GLY G 113 21.17 21.22 40.81
CA GLY G 113 20.92 22.59 40.41
C GLY G 113 21.76 23.60 41.15
N PRO G 114 21.38 24.89 41.04
CA PRO G 114 22.29 25.89 41.61
C PRO G 114 22.52 25.69 43.12
N GLY G 115 23.77 25.75 43.55
CA GLY G 115 24.10 25.64 44.97
C GLY G 115 24.33 24.21 45.46
N LEU G 116 24.17 23.23 44.54
CA LEU G 116 24.21 21.80 44.86
C LEU G 116 25.34 21.08 44.14
N GLY G 117 26.29 21.87 43.64
CA GLY G 117 27.51 21.37 43.02
C GLY G 117 28.73 21.69 43.90
N THR G 118 29.82 22.11 43.23
CA THR G 118 31.10 22.36 43.89
C THR G 118 31.05 23.46 44.96
N SER G 119 30.02 24.29 44.94
CA SER G 119 29.84 25.32 45.97
C SER G 119 29.52 24.72 47.34
N LEU G 120 29.05 23.47 47.33
CA LEU G 120 28.77 22.79 48.59
C LEU G 120 30.02 22.67 49.49
N LYS G 121 31.21 22.82 48.92
CA LYS G 121 32.42 22.83 49.74
C LYS G 121 32.43 23.84 50.88
N ARG G 122 31.59 24.86 50.80
CA ARG G 122 31.46 25.84 51.87
C ARG G 122 30.98 25.25 53.19
N PHE G 123 30.35 24.08 53.14
CA PHE G 123 29.88 23.45 54.36
C PHE G 123 30.94 22.69 55.16
N GLN G 124 32.14 22.51 54.58
CA GLN G 124 33.20 21.75 55.25
C GLN G 124 33.55 22.38 56.60
N SER G 125 33.45 23.69 56.70
CA SER G 125 33.78 24.40 57.94
C SER G 125 32.63 24.49 58.95
N ILE G 126 31.60 23.64 58.84
CA ILE G 126 30.40 23.75 59.65
C ILE G 126 30.66 23.77 61.17
N SER G 127 29.98 24.67 61.86
CA SER G 127 29.87 24.61 63.29
C SER G 127 28.40 24.40 63.61
N GLY G 128 28.12 23.48 64.52
CA GLY G 128 26.74 23.08 64.77
C GLY G 128 26.28 22.13 63.68
N GLY G 129 25.05 22.33 63.19
CA GLY G 129 24.57 21.53 62.07
C GLY G 129 23.95 22.43 61.02
N ALA G 130 23.92 21.93 59.77
CA ALA G 130 23.29 22.64 58.67
C ALA G 130 22.44 21.67 57.87
N ILE G 131 21.18 22.03 57.71
CA ILE G 131 20.24 21.25 56.92
C ILE G 131 19.51 22.17 55.92
N PHE G 132 18.64 21.57 55.14
CA PHE G 132 17.99 22.28 54.04
C PHE G 132 16.49 22.10 54.04
N ALA G 133 15.82 22.84 53.17
CA ALA G 133 14.37 22.83 53.11
C ALA G 133 13.91 22.97 51.67
N TYR G 134 12.82 22.30 51.34
CA TYR G 134 12.33 22.26 49.95
C TYR G 134 10.84 22.11 49.93
N TRP G 135 10.17 23.01 49.21
CA TRP G 135 8.71 23.01 49.18
C TRP G 135 8.21 21.77 48.41
N VAL G 136 7.28 21.05 49.02
CA VAL G 136 6.63 19.89 48.42
C VAL G 136 5.11 20.00 48.68
N ALA G 137 4.34 19.32 47.85
CA ALA G 137 2.89 19.40 47.98
C ALA G 137 2.44 18.44 49.06
N ASN G 138 3.29 17.47 49.38
CA ASN G 138 2.91 16.36 50.23
CA ASN G 138 2.93 16.34 50.20
C ASN G 138 3.86 16.23 51.43
N PRO G 139 3.95 17.29 52.26
CA PRO G 139 4.92 17.27 53.39
C PRO G 139 4.85 16.11 54.36
N SER G 140 3.70 15.43 54.46
CA SER G 140 3.56 14.40 55.50
C SER G 140 4.41 13.15 55.24
N ALA G 141 4.93 13.05 54.04
CA ALA G 141 5.79 11.92 53.65
C ALA G 141 7.26 12.10 54.05
N TYR G 142 7.62 13.29 54.54
CA TYR G 142 8.98 13.66 54.83
C TYR G 142 9.17 14.21 56.26
N GLY G 143 10.42 14.45 56.66
CA GLY G 143 10.72 15.41 57.73
C GLY G 143 10.32 16.79 57.26
N VAL G 144 9.79 17.60 58.18
CA VAL G 144 9.18 18.87 57.87
C VAL G 144 9.71 19.95 58.80
N VAL G 145 10.17 21.03 58.22
CA VAL G 145 10.63 22.16 59.02
C VAL G 145 9.60 23.28 58.86
N GLU G 146 9.21 23.83 60.01
CA GLU G 146 8.29 24.94 60.10
C GLU G 146 9.08 26.21 60.36
N PHE G 147 8.80 27.27 59.59
CA PHE G 147 9.46 28.54 59.77
C PHE G 147 8.46 29.57 60.30
N GLY G 148 8.97 30.64 60.93
CA GLY G 148 8.12 31.68 61.53
C GLY G 148 8.64 33.09 61.28
N GLY G 151 11.87 34.37 59.28
CA GLY G 151 12.42 33.18 58.63
C GLY G 151 12.98 32.14 59.57
N MET G 152 12.62 32.23 60.85
CA MET G 152 13.26 31.45 61.89
C MET G 152 12.62 30.05 62.02
N ALA G 153 13.44 29.00 62.18
CA ALA G 153 12.91 27.63 62.26
C ALA G 153 12.20 27.46 63.60
N LEU G 154 10.96 26.98 63.57
CA LEU G 154 10.13 26.84 64.76
C LEU G 154 10.00 25.39 65.22
N SER G 155 9.97 24.45 64.28
CA SER G 155 9.83 23.06 64.68
C SER G 155 10.32 22.16 63.55
N LEU G 156 10.59 20.93 63.92
CA LEU G 156 10.99 19.85 63.02
C LEU G 156 10.18 18.65 63.46
N GLU G 157 9.44 18.02 62.54
CA GLU G 157 8.63 16.85 62.86
C GLU G 157 8.82 15.84 61.73
N GLU G 158 8.99 14.58 62.08
CA GLU G 158 9.16 13.51 61.13
C GLU G 158 7.78 13.02 60.73
N LYS G 159 7.46 13.13 59.46
CA LYS G 159 6.21 12.57 58.91
C LYS G 159 4.97 12.94 59.73
N PRO G 160 4.77 14.23 59.92
CA PRO G 160 3.66 14.65 60.79
C PRO G 160 2.31 14.32 60.13
N VAL G 161 1.41 13.72 60.88
CA VAL G 161 0.03 13.40 60.39
C VAL G 161 -0.67 14.70 59.95
N THR G 162 -0.34 15.81 60.62
CA THR G 162 -0.83 17.12 60.30
C THR G 162 0.28 18.16 60.15
N PRO G 163 0.84 18.32 58.93
CA PRO G 163 2.07 19.12 58.81
C PRO G 163 1.87 20.60 59.14
N LYS G 164 2.88 21.22 59.77
CA LYS G 164 2.85 22.64 60.08
C LYS G 164 3.46 23.50 58.99
N SER G 165 3.98 22.87 57.94
CA SER G 165 4.36 23.58 56.73
C SER G 165 4.54 22.60 55.56
N ASN G 166 4.92 23.16 54.43
CA ASN G 166 5.13 22.42 53.18
C ASN G 166 6.62 22.21 52.86
N TYR G 167 7.49 22.66 53.77
CA TYR G 167 8.91 22.50 53.55
C TYR G 167 9.43 21.17 54.07
N ALA G 168 9.82 20.30 53.14
CA ALA G 168 10.44 19.04 53.51
C ALA G 168 11.88 19.31 53.84
N VAL G 169 12.43 18.47 54.71
CA VAL G 169 13.87 18.49 55.02
C VAL G 169 14.55 17.39 54.20
N PRO G 170 15.28 17.78 53.16
CA PRO G 170 15.93 16.76 52.28
C PRO G 170 17.05 15.98 52.98
N GLY G 171 17.49 14.89 52.36
CA GLY G 171 18.47 13.97 52.91
C GLY G 171 19.93 14.33 52.70
N LEU G 172 20.28 15.55 53.06
CA LEU G 172 21.67 16.01 53.09
C LEU G 172 21.86 16.83 54.37
N TYR G 173 22.86 16.44 55.15
CA TYR G 173 23.05 17.02 56.49
C TYR G 173 24.56 17.21 56.70
N PHE G 174 24.94 18.38 57.22
CA PHE G 174 26.32 18.66 57.55
C PHE G 174 26.44 18.94 59.05
N TYR G 175 27.39 18.29 59.74
CA TYR G 175 27.48 18.37 61.18
C TYR G 175 28.94 18.47 61.62
N ASP G 176 29.12 19.23 62.69
CA ASP G 176 30.40 19.14 63.42
C ASP G 176 30.52 17.77 64.10
N ASN G 177 31.68 17.50 64.70
CA ASN G 177 31.92 16.23 65.38
C ASN G 177 31.01 15.89 66.58
N ASP G 178 30.31 16.89 67.14
CA ASP G 178 29.38 16.70 68.26
C ASP G 178 28.26 15.73 67.92
N VAL G 179 28.00 15.51 66.64
CA VAL G 179 26.88 14.66 66.21
C VAL G 179 27.01 13.23 66.68
N ILE G 180 28.24 12.70 66.75
CA ILE G 180 28.43 11.32 67.23
C ILE G 180 27.80 11.10 68.61
N GLU G 181 28.15 11.92 69.60
CA GLU G 181 27.56 11.75 70.93
C GLU G 181 26.06 12.04 70.96
N ILE G 182 25.61 13.01 70.18
CA ILE G 182 24.18 13.30 70.11
C ILE G 182 23.45 12.03 69.64
N ALA G 183 23.93 11.41 68.57
CA ALA G 183 23.33 10.21 68.02
C ALA G 183 23.40 9.01 68.99
N ARG G 184 24.55 8.79 69.60
CA ARG G 184 24.68 7.80 70.69
C ARG G 184 23.64 7.99 71.79
N GLY G 185 23.36 9.23 72.16
CA GLY G 185 22.35 9.55 73.19
C GLY G 185 20.88 9.21 72.92
N LEU G 186 20.52 9.00 71.66
CA LEU G 186 19.12 8.95 71.28
C LEU G 186 18.46 7.65 71.69
N LYS G 187 17.17 7.72 71.91
CA LYS G 187 16.34 6.55 72.07
C LYS G 187 15.35 6.43 70.91
N LYS G 188 14.92 5.21 70.65
CA LYS G 188 14.01 4.95 69.53
C LYS G 188 12.76 5.83 69.62
N SER G 189 12.42 6.49 68.52
CA SER G 189 11.28 7.40 68.41
C SER G 189 9.92 6.70 68.50
N ALA G 190 8.84 7.48 68.41
CA ALA G 190 7.48 6.95 68.30
C ALA G 190 7.42 5.85 67.25
N ARG G 191 8.17 6.04 66.15
CA ARG G 191 8.12 5.16 64.98
C ARG G 191 9.11 3.98 65.04
N GLY G 192 9.82 3.82 66.16
CA GLY G 192 10.69 2.65 66.36
C GLY G 192 12.14 2.81 65.88
N GLU G 193 12.56 4.01 65.52
CA GLU G 193 13.83 4.23 64.85
C GLU G 193 14.64 5.32 65.55
N TYR G 194 15.97 5.28 65.42
CA TYR G 194 16.86 6.40 65.84
C TYR G 194 16.89 7.45 64.75
N GLU G 195 16.18 8.57 64.95
CA GLU G 195 15.75 9.48 63.84
C GLU G 195 16.73 10.62 63.57
N ILE G 196 17.00 10.89 62.30
CA ILE G 196 17.79 12.08 61.94
C ILE G 196 17.07 13.34 62.44
N THR G 197 15.75 13.31 62.43
CA THR G 197 14.98 14.50 62.80
C THR G 197 15.23 14.86 64.29
N GLU G 198 15.45 13.84 65.12
CA GLU G 198 15.78 14.10 66.52
C GLU G 198 17.18 14.63 66.75
N VAL G 199 18.16 14.17 65.97
CA VAL G 199 19.46 14.83 65.88
C VAL G 199 19.28 16.30 65.56
N ASN G 200 18.47 16.58 64.55
CA ASN G 200 18.30 17.93 64.14
C ASN G 200 17.61 18.78 65.23
N GLN G 201 16.63 18.19 65.92
CA GLN G 201 16.03 18.84 67.07
C GLN G 201 17.03 19.21 68.17
N VAL G 202 17.99 18.32 68.44
CA VAL G 202 18.98 18.62 69.47
C VAL G 202 19.78 19.86 69.11
N TYR G 203 20.30 19.90 67.89
CA TYR G 203 21.03 21.09 67.42
C TYR G 203 20.16 22.37 67.39
N LEU G 204 18.93 22.25 66.93
CA LEU G 204 18.03 23.41 66.90
C LEU G 204 17.81 23.93 68.34
N ASN G 205 17.52 23.02 69.27
CA ASN G 205 17.27 23.41 70.67
C ASN G 205 18.51 24.08 71.32
N GLN G 206 19.70 23.79 70.80
CA GLN G 206 20.94 24.46 71.25
C GLN G 206 21.16 25.80 70.54
N GLY G 207 20.30 26.14 69.59
CA GLY G 207 20.54 27.30 68.75
C GLY G 207 21.73 27.11 67.84
N ARG G 208 22.01 25.85 67.47
CA ARG G 208 23.16 25.57 66.63
C ARG G 208 22.74 24.88 65.33
N LEU G 209 21.49 25.10 64.89
CA LEU G 209 21.00 24.52 63.63
C LEU G 209 20.77 25.59 62.59
N ALA G 210 21.48 25.49 61.48
CA ALA G 210 21.23 26.40 60.37
C ALA G 210 20.32 25.73 59.34
N VAL G 211 19.34 26.44 58.80
CA VAL G 211 18.42 25.88 57.78
C VAL G 211 18.44 26.77 56.53
N GLU G 212 18.65 26.19 55.35
CA GLU G 212 18.64 26.96 54.07
C GLU G 212 17.63 26.34 53.14
N VAL G 213 16.75 27.17 52.59
CA VAL G 213 15.86 26.74 51.54
C VAL G 213 16.70 26.56 50.30
N LEU G 214 16.51 25.44 49.59
CA LEU G 214 17.26 25.23 48.37
C LEU G 214 16.93 26.33 47.36
N ALA G 215 17.93 26.65 46.55
CA ALA G 215 17.86 27.79 45.65
C ALA G 215 16.80 27.58 44.58
N ARG G 216 16.37 28.71 44.02
CA ARG G 216 15.42 28.71 42.91
C ARG G 216 15.98 27.91 41.77
N GLY G 217 15.13 27.05 41.21
CA GLY G 217 15.55 26.25 40.04
C GLY G 217 16.20 24.93 40.42
N THR G 218 16.21 24.58 41.71
CA THR G 218 16.80 23.29 42.12
C THR G 218 15.79 22.16 42.04
N ALA G 219 16.27 20.96 41.68
CA ALA G 219 15.50 19.72 41.77
C ALA G 219 16.00 18.91 42.95
N TRP G 220 15.09 18.54 43.83
CA TRP G 220 15.37 17.58 44.88
C TRP G 220 14.38 16.43 44.72
N LEU G 221 14.86 15.19 44.75
CA LEU G 221 14.02 14.00 44.58
C LEU G 221 14.37 12.92 45.58
N ASP G 222 13.36 12.22 46.11
CA ASP G 222 13.55 10.98 46.86
C ASP G 222 12.94 9.91 45.95
N THR G 223 13.72 8.90 45.64
CA THR G 223 13.33 7.86 44.69
C THR G 223 12.62 6.65 45.29
N GLY G 224 12.18 6.77 46.51
CA GLY G 224 11.64 5.58 47.20
C GLY G 224 10.23 5.06 46.96
N THR G 225 9.53 5.56 45.94
CA THR G 225 8.22 5.03 45.54
C THR G 225 8.28 4.74 44.04
N PHE G 226 7.34 3.94 43.52
CA PHE G 226 7.36 3.60 42.13
C PHE G 226 7.36 4.87 41.26
N ASP G 227 6.50 5.82 41.61
CA ASP G 227 6.34 7.04 40.82
C ASP G 227 7.52 7.99 40.94
N SER G 228 8.10 8.09 42.14
CA SER G 228 9.17 9.05 42.32
C SER G 228 10.43 8.55 41.65
N LEU G 229 10.65 7.22 41.69
CA LEU G 229 11.76 6.61 40.97
C LEU G 229 11.67 6.81 39.44
N LEU G 230 10.48 6.56 38.87
CA LEU G 230 10.27 6.74 37.41
C LEU G 230 10.35 8.22 37.00
N ASP G 231 9.81 9.10 37.83
CA ASP G 231 9.87 10.55 37.59
C ASP G 231 11.30 10.99 37.58
N ALA G 232 12.11 10.43 38.50
CA ALA G 232 13.51 10.80 38.60
C ALA G 232 14.24 10.41 37.32
N ALA G 233 14.02 9.20 36.85
CA ALA G 233 14.70 8.71 35.64
C ALA G 233 14.30 9.58 34.43
N ASP G 234 13.02 9.87 34.31
CA ASP G 234 12.54 10.77 33.24
C ASP G 234 13.20 12.16 33.27
N PHE G 235 13.34 12.69 34.48
CA PHE G 235 13.97 13.98 34.67
C PHE G 235 15.42 13.94 34.16
N VAL G 236 16.19 12.91 34.54
CA VAL G 236 17.60 12.84 34.20
C VAL G 236 17.76 12.68 32.66
N ARG G 237 16.89 11.88 32.07
CA ARG G 237 16.94 11.71 30.62
C ARG G 237 16.60 13.01 29.91
N THR G 238 15.59 13.70 30.41
CA THR G 238 15.19 14.98 29.82
C THR G 238 16.37 15.97 29.81
N LEU G 239 17.14 16.04 30.90
CA LEU G 239 18.29 16.93 30.98
C LEU G 239 19.27 16.63 29.84
N GLU G 240 19.50 15.36 29.57
CA GLU G 240 20.41 14.97 28.52
C GLU G 240 19.85 15.32 27.15
N ARG G 241 18.63 14.88 26.89
CA ARG G 241 18.01 15.01 25.58
C ARG G 241 17.81 16.47 25.23
N ARG G 242 17.37 17.29 26.18
CA ARG G 242 16.99 18.66 25.91
C ARG G 242 18.10 19.67 26.17
N GLN G 243 18.91 19.45 27.21
CA GLN G 243 19.96 20.41 27.62
C GLN G 243 21.39 19.92 27.41
N GLY G 244 21.53 18.71 26.86
CA GLY G 244 22.82 18.15 26.55
C GLY G 244 23.65 17.86 27.78
N LEU G 245 23.01 17.79 28.95
CA LEU G 245 23.73 17.58 30.20
C LEU G 245 23.59 16.14 30.69
N LYS G 246 24.71 15.54 31.04
CA LYS G 246 24.66 14.35 31.90
C LYS G 246 25.00 14.80 33.30
N VAL G 247 24.21 14.36 34.26
CA VAL G 247 24.40 14.84 35.61
C VAL G 247 24.82 13.74 36.59
N SER G 248 25.55 14.13 37.62
CA SER G 248 26.08 13.23 38.65
C SER G 248 26.90 12.05 38.07
N ILE G 249 27.78 12.39 37.11
CA ILE G 249 28.70 11.44 36.55
C ILE G 249 30.01 11.52 37.39
N PRO G 250 30.27 10.49 38.22
CA PRO G 250 31.38 10.64 39.16
C PRO G 250 32.75 10.73 38.49
N GLU G 251 32.93 10.06 37.36
CA GLU G 251 34.19 10.12 36.62
C GLU G 251 34.46 11.57 36.22
N GLU G 252 33.40 12.27 35.78
CA GLU G 252 33.52 13.67 35.39
C GLU G 252 33.87 14.59 36.52
N VAL G 253 33.17 14.43 37.64
CA VAL G 253 33.50 15.17 38.82
C VAL G 253 34.95 14.92 39.25
N ALA G 254 35.41 13.67 39.27
CA ALA G 254 36.77 13.36 39.78
C ALA G 254 37.77 13.98 38.81
N TRP G 255 37.48 13.87 37.52
CA TRP G 255 38.33 14.42 36.48
C TRP G 255 38.39 15.94 36.57
N ARG G 256 37.22 16.59 36.66
CA ARG G 256 37.16 18.05 36.81
C ARG G 256 37.91 18.54 38.06
N MET G 257 38.02 17.72 39.09
CA MET G 257 38.70 18.10 40.34
C MET G 257 40.20 17.78 40.34
N GLY G 258 40.70 17.12 39.30
CA GLY G 258 42.11 16.72 39.24
C GLY G 258 42.44 15.42 39.93
N TRP G 259 41.40 14.72 40.42
CA TRP G 259 41.62 13.57 41.27
C TRP G 259 42.01 12.38 40.39
N ILE G 260 41.62 12.44 39.13
CA ILE G 260 42.05 11.47 38.13
C ILE G 260 42.49 12.23 36.88
N ASP G 261 43.39 11.63 36.10
CA ASP G 261 43.99 12.27 34.91
C ASP G 261 43.34 11.70 33.66
N ASP G 262 43.78 12.18 32.50
CA ASP G 262 43.15 11.81 31.22
C ASP G 262 43.25 10.32 30.93
N GLU G 263 44.40 9.71 31.21
CA GLU G 263 44.55 8.26 30.96
C GLU G 263 43.56 7.43 31.80
N GLN G 264 43.33 7.86 33.05
CA GLN G 264 42.41 7.15 33.95
C GLN G 264 40.97 7.36 33.47
N LEU G 265 40.68 8.57 32.98
CA LEU G 265 39.38 8.85 32.39
C LEU G 265 39.15 8.01 31.15
N VAL G 266 40.16 7.94 30.28
CA VAL G 266 40.05 7.10 29.09
C VAL G 266 39.76 5.67 29.50
N GLN G 267 40.49 5.19 30.49
CA GLN G 267 40.33 3.82 30.95
C GLN G 267 38.86 3.52 31.24
N ARG G 268 38.17 4.39 31.99
CA ARG G 268 36.78 4.14 32.36
CA ARG G 268 36.77 4.09 32.36
C ARG G 268 35.87 4.32 31.14
N ALA G 269 36.23 5.26 30.27
CA ALA G 269 35.48 5.43 29.04
C ALA G 269 35.47 4.14 28.20
N ARG G 270 36.62 3.48 28.15
CA ARG G 270 36.82 2.27 27.36
C ARG G 270 35.90 1.17 27.92
N ALA G 271 35.92 1.05 29.24
CA ALA G 271 35.16 0.02 29.94
C ALA G 271 33.62 0.17 29.78
N LEU G 272 33.15 1.36 29.46
CA LEU G 272 31.71 1.67 29.52
C LEU G 272 31.17 2.11 28.15
N VAL G 273 31.81 1.63 27.08
CA VAL G 273 31.52 2.16 25.74
C VAL G 273 30.27 1.55 25.13
N LYS G 274 29.96 0.29 25.49
CA LYS G 274 28.82 -0.40 24.90
C LYS G 274 27.46 0.23 25.27
N SER G 275 27.38 0.88 26.42
CA SER G 275 26.11 1.44 26.89
C SER G 275 25.81 2.85 26.37
N GLY G 276 26.82 3.52 25.84
CA GLY G 276 26.72 4.96 25.59
C GLY G 276 27.37 5.80 26.65
N TYR G 277 27.54 5.27 27.87
CA TYR G 277 28.05 6.07 28.99
C TYR G 277 29.49 6.51 28.77
N GLY G 278 30.35 5.58 28.31
CA GLY G 278 31.74 5.92 28.10
C GLY G 278 31.97 6.96 27.00
N ASN G 279 31.05 7.01 26.04
CA ASN G 279 31.09 8.02 24.95
C ASN G 279 31.10 9.46 25.47
N TYR G 280 30.29 9.73 26.50
CA TYR G 280 30.28 11.04 27.14
C TYR G 280 31.60 11.33 27.82
N LEU G 281 32.23 10.30 28.39
CA LEU G 281 33.49 10.56 29.06
C LEU G 281 34.56 10.92 28.04
N LEU G 282 34.56 10.22 26.90
CA LEU G 282 35.51 10.56 25.82
C LEU G 282 35.30 11.98 25.30
N GLU G 283 34.05 12.37 25.08
CA GLU G 283 33.73 13.74 24.64
C GLU G 283 34.25 14.81 25.60
N LEU G 284 34.32 14.50 26.89
CA LEU G 284 34.90 15.43 27.86
C LEU G 284 36.33 15.75 27.49
N LEU G 285 37.02 14.78 26.92
CA LEU G 285 38.40 15.02 26.47
C LEU G 285 38.48 15.95 25.25
N GLU G 286 37.48 15.95 24.37
CA GLU G 286 37.55 16.70 23.10
C GLU G 286 37.04 18.13 23.22
N MET H 1 29.67 5.57 -24.37
CA MET H 1 28.52 5.37 -23.44
C MET H 1 28.36 3.90 -23.09
N ARG H 2 28.05 3.65 -21.82
CA ARG H 2 27.86 2.28 -21.35
C ARG H 2 26.37 2.05 -21.13
N GLY H 3 25.95 0.79 -21.15
CA GLY H 3 24.54 0.48 -20.94
C GLY H 3 24.27 -0.33 -19.69
N ILE H 4 23.20 0.03 -18.98
CA ILE H 4 22.68 -0.81 -17.87
C ILE H 4 21.20 -1.16 -18.08
N ILE H 5 20.89 -2.44 -17.91
CA ILE H 5 19.50 -2.92 -17.87
C ILE H 5 19.23 -3.37 -16.43
N LEU H 6 18.31 -2.70 -15.76
CA LEU H 6 17.67 -3.23 -14.55
C LEU H 6 16.77 -4.41 -14.85
N ALA H 7 17.21 -5.61 -14.47
CA ALA H 7 16.49 -6.85 -14.77
C ALA H 7 16.27 -7.76 -13.53
N GLY H 8 16.21 -7.13 -12.36
CA GLY H 8 15.97 -7.80 -11.08
C GLY H 8 14.50 -7.56 -10.77
N GLY H 9 14.21 -6.96 -9.62
CA GLY H 9 12.85 -6.81 -9.15
C GLY H 9 12.23 -8.12 -8.66
N SER H 10 11.25 -7.99 -7.78
CA SER H 10 10.48 -9.13 -7.24
C SER H 10 9.34 -9.61 -8.15
N GLY H 11 8.75 -8.70 -8.93
CA GLY H 11 7.68 -9.07 -9.87
C GLY H 11 6.34 -9.37 -9.18
N THR H 12 6.08 -8.74 -8.04
CA THR H 12 4.93 -9.11 -7.20
C THR H 12 3.57 -8.92 -7.88
N ARG H 13 3.51 -8.01 -8.86
CA ARG H 13 2.29 -7.81 -9.66
C ARG H 13 2.06 -8.90 -10.71
N LEU H 14 2.99 -9.85 -10.80
CA LEU H 14 2.83 -10.97 -11.69
C LEU H 14 2.74 -12.28 -10.94
N TYR H 15 2.62 -12.25 -9.60
CA TYR H 15 2.52 -13.50 -8.83
C TYR H 15 1.21 -14.20 -9.21
N PRO H 16 1.24 -15.49 -9.49
CA PRO H 16 2.35 -16.36 -9.16
C PRO H 16 3.31 -16.63 -10.31
N ILE H 17 3.11 -16.03 -11.47
CA ILE H 17 4.03 -16.34 -12.59
C ILE H 17 5.50 -16.11 -12.16
N THR H 18 5.71 -15.04 -11.43
CA THR H 18 7.06 -14.61 -11.07
C THR H 18 7.61 -15.21 -9.76
N MET H 19 6.83 -16.10 -9.14
CA MET H 19 7.40 -17.11 -8.22
C MET H 19 8.27 -18.18 -8.88
N GLY H 20 8.17 -18.35 -10.20
CA GLY H 20 9.01 -19.33 -10.91
C GLY H 20 9.78 -18.87 -12.14
N ILE H 21 9.67 -17.61 -12.54
CA ILE H 21 10.48 -17.11 -13.70
C ILE H 21 10.68 -15.64 -13.44
N SER H 22 11.82 -15.10 -13.84
CA SER H 22 11.98 -13.64 -13.71
C SER H 22 11.07 -12.88 -14.69
N LYS H 23 10.50 -11.76 -14.29
CA LYS H 23 9.74 -10.93 -15.26
C LYS H 23 10.52 -10.71 -16.53
N GLN H 24 11.84 -10.52 -16.40
CA GLN H 24 12.62 -10.25 -17.58
C GLN H 24 12.96 -11.47 -18.41
N LEU H 25 12.53 -12.66 -18.02
CA LEU H 25 12.70 -13.81 -18.87
C LEU H 25 11.34 -14.28 -19.44
N LEU H 26 10.29 -13.51 -19.16
CA LEU H 26 8.96 -13.76 -19.78
C LEU H 26 8.97 -13.77 -21.30
N PRO H 27 8.20 -14.68 -21.92
CA PRO H 27 7.96 -14.62 -23.36
C PRO H 27 7.13 -13.38 -23.72
N VAL H 28 7.53 -12.71 -24.80
CA VAL H 28 6.69 -11.69 -25.44
C VAL H 28 6.64 -12.10 -26.88
N TYR H 29 5.69 -13.02 -27.16
CA TYR H 29 5.55 -13.70 -28.45
C TYR H 29 6.70 -14.64 -28.88
N ASP H 30 7.80 -14.08 -29.40
CA ASP H 30 8.80 -14.87 -30.14
C ASP H 30 10.23 -14.80 -29.53
N LYS H 31 10.33 -14.19 -28.36
CA LYS H 31 11.59 -13.88 -27.71
C LYS H 31 11.36 -13.52 -26.25
N PRO H 32 12.40 -13.70 -25.43
CA PRO H 32 12.25 -13.30 -24.08
C PRO H 32 12.26 -11.78 -23.89
N MET H 33 11.65 -11.38 -22.80
CA MET H 33 11.42 -10.00 -22.49
C MET H 33 12.68 -9.16 -22.51
N ILE H 34 13.75 -9.68 -21.92
CA ILE H 34 15.03 -8.94 -21.87
C ILE H 34 15.54 -8.52 -23.25
N TYR H 35 15.21 -9.25 -24.29
CA TYR H 35 15.66 -8.92 -25.66
C TYR H 35 15.23 -7.48 -26.06
N TYR H 36 14.10 -6.99 -25.56
CA TYR H 36 13.58 -5.65 -25.93
C TYR H 36 14.46 -4.48 -25.39
N PRO H 37 14.62 -4.35 -24.06
CA PRO H 37 15.58 -3.35 -23.56
C PRO H 37 17.02 -3.57 -24.01
N LEU H 38 17.44 -4.82 -24.20
CA LEU H 38 18.77 -5.12 -24.73
C LEU H 38 18.95 -4.51 -26.14
N THR H 39 17.98 -4.78 -27.02
CA THR H 39 18.08 -4.32 -28.41
C THR H 39 17.98 -2.78 -28.49
N THR H 40 17.24 -2.17 -27.58
CA THR H 40 17.24 -0.73 -27.46
C THR H 40 18.63 -0.14 -27.17
N LEU H 41 19.38 -0.79 -26.28
CA LEU H 41 20.76 -0.34 -26.07
C LEU H 41 21.63 -0.59 -27.28
N MET H 42 21.52 -1.77 -27.88
CA MET H 42 22.29 -2.13 -29.04
C MET H 42 22.02 -1.12 -30.17
N MET H 43 20.78 -0.66 -30.31
CA MET H 43 20.43 0.27 -31.40
C MET H 43 20.97 1.67 -31.16
N ALA H 44 21.16 2.02 -29.89
CA ALA H 44 21.83 3.24 -29.55
C ALA H 44 23.35 3.16 -29.75
N GLY H 45 23.84 2.01 -30.17
CA GLY H 45 25.25 1.82 -30.50
C GLY H 45 26.04 1.47 -29.24
N ILE H 46 25.38 0.86 -28.27
CA ILE H 46 26.04 0.57 -26.98
C ILE H 46 26.42 -0.91 -26.93
N ARG H 47 27.72 -1.18 -26.78
CA ARG H 47 28.24 -2.53 -26.78
C ARG H 47 28.64 -3.00 -25.38
N ASP H 48 28.64 -2.08 -24.41
CA ASP H 48 29.05 -2.38 -23.02
C ASP H 48 27.88 -2.23 -22.09
N ILE H 49 27.30 -3.39 -21.80
CA ILE H 49 25.97 -3.53 -21.29
C ILE H 49 26.05 -4.51 -20.12
N GLN H 50 25.74 -4.00 -18.95
CA GLN H 50 25.65 -4.77 -17.72
C GLN H 50 24.18 -5.00 -17.32
N LEU H 51 23.77 -6.27 -17.21
CA LEU H 51 22.49 -6.60 -16.59
C LEU H 51 22.67 -6.63 -15.10
N ILE H 52 21.88 -5.85 -14.39
CA ILE H 52 21.65 -6.07 -12.98
C ILE H 52 20.51 -7.08 -12.81
N THR H 53 20.81 -8.24 -12.18
CA THR H 53 19.78 -9.25 -11.87
C THR H 53 19.74 -9.59 -10.38
N THR H 54 18.72 -10.34 -9.95
CA THR H 54 18.75 -10.92 -8.61
C THR H 54 19.76 -12.06 -8.61
N PRO H 55 20.23 -12.46 -7.41
CA PRO H 55 21.15 -13.59 -7.40
C PRO H 55 20.50 -14.86 -7.96
N HIS H 56 19.24 -15.15 -7.59
CA HIS H 56 18.58 -16.43 -7.99
C HIS H 56 18.31 -16.58 -9.50
N ASP H 57 17.93 -15.50 -10.20
CA ASP H 57 17.61 -15.59 -11.64
C ASP H 57 18.83 -15.59 -12.56
N ALA H 58 19.99 -15.19 -12.05
CA ALA H 58 21.17 -14.93 -12.86
C ALA H 58 21.50 -16.09 -13.78
N PRO H 59 21.41 -17.34 -13.26
CA PRO H 59 21.65 -18.51 -14.11
C PRO H 59 20.87 -18.58 -15.43
N GLY H 60 19.58 -18.20 -15.39
CA GLY H 60 18.76 -18.18 -16.61
C GLY H 60 19.28 -17.15 -17.60
N PHE H 61 19.59 -15.97 -17.10
CA PHE H 61 20.21 -14.95 -17.97
C PHE H 61 21.48 -15.46 -18.64
N HIS H 62 22.36 -16.07 -17.85
CA HIS H 62 23.61 -16.65 -18.37
C HIS H 62 23.37 -17.68 -19.47
N ARG H 63 22.38 -18.55 -19.27
CA ARG H 63 22.11 -19.61 -20.24
C ARG H 63 21.64 -19.02 -21.57
N LEU H 64 20.89 -17.93 -21.44
CA LEU H 64 20.29 -17.24 -22.58
C LEU H 64 21.33 -16.41 -23.31
N LEU H 65 22.04 -15.60 -22.54
CA LEU H 65 22.84 -14.49 -23.08
C LEU H 65 24.36 -14.74 -23.08
N GLY H 66 24.84 -15.52 -22.11
CA GLY H 66 26.29 -15.71 -21.95
C GLY H 66 27.06 -14.40 -21.81
N ASP H 67 28.10 -14.24 -22.63
CA ASP H 67 28.95 -13.04 -22.56
C ASP H 67 28.60 -12.04 -23.65
N GLY H 68 27.56 -12.31 -24.44
CA GLY H 68 27.13 -11.38 -25.49
C GLY H 68 27.80 -11.59 -26.82
N ALA H 69 28.94 -12.28 -26.81
CA ALA H 69 29.80 -12.32 -27.99
C ALA H 69 29.09 -12.81 -29.24
N HIS H 70 28.09 -13.70 -29.12
CA HIS H 70 27.34 -14.15 -30.30
C HIS H 70 26.48 -13.06 -30.96
N LEU H 71 26.10 -12.06 -30.16
CA LEU H 71 25.42 -10.83 -30.61
C LEU H 71 26.36 -9.64 -30.80
N GLY H 72 27.66 -9.90 -30.75
CA GLY H 72 28.67 -8.88 -31.06
C GLY H 72 28.80 -7.81 -30.00
N VAL H 73 28.34 -8.11 -28.80
CA VAL H 73 28.44 -7.19 -27.65
C VAL H 73 29.19 -7.82 -26.45
N ASN H 74 29.39 -7.02 -25.41
CA ASN H 74 30.00 -7.45 -24.15
C ASN H 74 28.97 -7.35 -23.04
N ILE H 75 28.31 -8.47 -22.75
CA ILE H 75 27.31 -8.48 -21.69
C ILE H 75 28.00 -8.89 -20.40
N SER H 76 27.84 -8.06 -19.38
CA SER H 76 28.40 -8.32 -18.08
C SER H 76 27.21 -8.40 -17.15
N TYR H 77 27.46 -8.98 -15.98
CA TYR H 77 26.42 -9.24 -15.01
C TYR H 77 26.78 -8.61 -13.70
N ALA H 78 25.81 -8.00 -13.04
CA ALA H 78 25.92 -7.62 -11.63
C ALA H 78 24.70 -8.14 -10.85
N THR H 79 24.88 -8.28 -9.54
CA THR H 79 23.83 -8.74 -8.62
C THR H 79 23.27 -7.57 -7.80
N GLN H 80 21.96 -7.59 -7.56
CA GLN H 80 21.34 -6.75 -6.56
C GLN H 80 20.60 -7.68 -5.60
N ASP H 81 21.05 -7.70 -4.34
CA ASP H 81 20.61 -8.70 -3.37
C ASP H 81 19.18 -8.43 -2.89
N GLN H 82 18.83 -7.14 -2.87
CA GLN H 82 17.49 -6.70 -2.55
C GLN H 82 16.99 -5.63 -3.51
N PRO H 83 15.70 -5.71 -3.90
CA PRO H 83 15.14 -4.73 -4.84
C PRO H 83 14.84 -3.38 -4.19
N ASP H 84 15.89 -2.67 -3.78
CA ASP H 84 15.72 -1.42 -3.04
C ASP H 84 15.50 -0.18 -3.93
N GLY H 85 15.55 -0.35 -5.26
CA GLY H 85 15.01 0.67 -6.17
C GLY H 85 15.91 0.92 -7.37
N LEU H 86 15.36 1.63 -8.35
CA LEU H 86 15.97 1.74 -9.67
C LEU H 86 17.33 2.49 -9.68
N ALA H 87 17.44 3.52 -8.84
CA ALA H 87 18.65 4.34 -8.80
C ALA H 87 19.91 3.57 -8.35
N GLN H 88 19.74 2.47 -7.60
CA GLN H 88 20.87 1.55 -7.28
C GLN H 88 21.62 1.03 -8.51
N ALA H 89 20.97 1.09 -9.67
CA ALA H 89 21.61 0.83 -10.97
C ALA H 89 23.02 1.47 -11.09
N PHE H 90 23.12 2.72 -10.69
CA PHE H 90 24.35 3.50 -10.86
C PHE H 90 25.42 3.19 -9.81
N VAL H 91 24.95 2.86 -8.61
CA VAL H 91 25.83 2.54 -7.51
C VAL H 91 26.39 1.16 -7.77
N ILE H 92 25.49 0.20 -7.96
CA ILE H 92 25.87 -1.16 -8.34
C ILE H 92 26.72 -1.19 -9.60
N GLY H 93 26.38 -0.38 -10.61
CA GLY H 93 27.09 -0.43 -11.89
C GLY H 93 28.25 0.56 -12.08
N ALA H 94 28.78 1.11 -10.99
CA ALA H 94 29.75 2.22 -11.07
C ALA H 94 31.09 1.82 -11.70
N ASN H 95 31.64 0.68 -11.32
CA ASN H 95 32.82 0.14 -12.00
C ASN H 95 32.54 -0.08 -13.50
N HIS H 96 31.31 -0.49 -13.81
CA HIS H 96 30.92 -0.63 -15.21
C HIS H 96 30.92 0.72 -15.93
N ILE H 97 30.34 1.73 -15.31
CA ILE H 97 30.16 3.02 -15.96
C ILE H 97 31.51 3.73 -16.16
N GLY H 98 32.31 3.79 -15.09
CA GLY H 98 33.64 4.38 -15.16
C GLY H 98 33.60 5.88 -15.34
N ALA H 99 34.25 6.37 -16.40
CA ALA H 99 34.27 7.81 -16.70
C ALA H 99 33.33 8.16 -17.86
N ASP H 100 32.44 7.24 -18.21
CA ASP H 100 31.61 7.38 -19.40
C ASP H 100 30.24 7.92 -19.04
N SER H 101 29.50 8.29 -20.09
CA SER H 101 28.06 8.53 -20.00
C SER H 101 27.32 7.18 -19.90
N VAL H 102 26.03 7.22 -19.60
CA VAL H 102 25.28 5.99 -19.31
C VAL H 102 23.83 6.01 -19.84
N ALA H 103 23.42 4.92 -20.45
CA ALA H 103 22.01 4.68 -20.75
C ALA H 103 21.47 3.62 -19.77
N LEU H 104 20.44 3.97 -19.02
CA LEU H 104 19.67 3.01 -18.23
C LEU H 104 18.32 2.68 -18.91
N VAL H 105 18.07 1.39 -19.15
CA VAL H 105 16.76 0.96 -19.63
C VAL H 105 16.13 -0.02 -18.61
N LEU H 106 14.82 0.03 -18.46
CA LEU H 106 14.14 -0.90 -17.52
C LEU H 106 13.89 -2.22 -18.19
N GLY H 107 14.09 -3.33 -17.46
CA GLY H 107 14.11 -4.66 -18.06
C GLY H 107 12.74 -5.06 -18.64
N ASP H 108 11.69 -4.38 -18.20
CA ASP H 108 10.34 -4.79 -18.60
C ASP H 108 9.66 -3.81 -19.56
N ASN H 109 10.48 -3.02 -20.29
CA ASN H 109 9.98 -1.98 -21.23
C ASN H 109 10.24 -2.34 -22.66
N ILE H 110 9.25 -2.04 -23.51
CA ILE H 110 9.36 -2.19 -24.92
C ILE H 110 9.17 -0.83 -25.54
N PHE H 111 10.11 -0.49 -26.43
CA PHE H 111 10.11 0.72 -27.24
C PHE H 111 10.09 0.35 -28.71
N TYR H 112 9.03 0.77 -29.40
CA TYR H 112 8.90 0.48 -30.80
C TYR H 112 8.42 1.71 -31.59
N GLY H 113 9.12 2.02 -32.65
CA GLY H 113 8.66 3.03 -33.58
C GLY H 113 9.67 4.09 -33.95
N PRO H 114 9.20 5.10 -34.68
CA PRO H 114 9.93 6.28 -35.08
C PRO H 114 10.79 6.85 -33.97
N GLY H 115 12.10 6.92 -34.23
CA GLY H 115 13.05 7.58 -33.32
C GLY H 115 13.54 6.71 -32.15
N LEU H 116 13.11 5.44 -32.13
CA LEU H 116 13.50 4.51 -31.07
C LEU H 116 14.40 3.36 -31.56
N GLY H 117 15.01 3.56 -32.74
CA GLY H 117 15.92 2.61 -33.33
C GLY H 117 17.32 3.20 -33.39
N THR H 118 18.01 3.02 -34.51
CA THR H 118 19.43 3.37 -34.63
C THR H 118 19.72 4.85 -34.52
N SER H 119 18.69 5.67 -34.62
CA SER H 119 18.84 7.11 -34.39
C SER H 119 19.12 7.40 -32.92
N LEU H 120 18.83 6.45 -32.05
CA LEU H 120 19.19 6.63 -30.65
C LEU H 120 20.71 6.89 -30.44
N LYS H 121 21.56 6.49 -31.40
CA LYS H 121 23.00 6.80 -31.38
C LYS H 121 23.29 8.23 -30.97
N ARG H 122 22.39 9.15 -31.29
CA ARG H 122 22.66 10.54 -31.01
C ARG H 122 22.82 10.83 -29.55
N PHE H 123 22.28 9.98 -28.67
CA PHE H 123 22.38 10.26 -27.23
C PHE H 123 23.76 9.92 -26.64
N GLN H 124 24.64 9.28 -27.41
CA GLN H 124 25.97 8.89 -26.89
C GLN H 124 26.69 10.12 -26.34
N SER H 125 26.50 11.25 -27.01
CA SER H 125 27.19 12.49 -26.68
C SER H 125 26.58 13.26 -25.53
N ILE H 126 25.56 12.70 -24.90
CA ILE H 126 24.79 13.38 -23.87
C ILE H 126 25.60 14.13 -22.80
N SER H 127 25.22 15.38 -22.58
CA SER H 127 25.72 16.19 -21.48
C SER H 127 24.48 16.62 -20.68
N GLY H 128 24.51 16.38 -19.36
CA GLY H 128 23.31 16.44 -18.54
C GLY H 128 22.58 15.11 -18.52
N GLY H 129 21.25 15.17 -18.42
CA GLY H 129 20.40 13.99 -18.64
C GLY H 129 19.44 14.21 -19.80
N ALA H 130 18.96 13.12 -20.40
CA ALA H 130 17.86 13.21 -21.36
C ALA H 130 16.87 12.07 -21.11
N ILE H 131 15.60 12.45 -21.00
CA ILE H 131 14.51 11.51 -20.77
C ILE H 131 13.35 11.76 -21.76
N PHE H 132 12.26 11.01 -21.62
CA PHE H 132 11.20 11.01 -22.62
C PHE H 132 9.81 11.14 -22.00
N ALA H 133 8.82 11.42 -22.85
CA ALA H 133 7.43 11.52 -22.42
C ALA H 133 6.51 10.79 -23.41
N TYR H 134 5.45 10.20 -22.90
CA TYR H 134 4.55 9.42 -23.75
C TYR H 134 3.20 9.48 -23.14
N TRP H 135 2.24 10.01 -23.91
CA TRP H 135 0.88 10.17 -23.46
C TRP H 135 0.26 8.82 -23.15
N VAL H 136 -0.53 8.78 -22.09
CA VAL H 136 -1.18 7.55 -21.63
C VAL H 136 -2.47 7.95 -20.94
N ALA H 137 -3.44 7.04 -21.05
CA ALA H 137 -4.78 7.25 -20.51
C ALA H 137 -4.75 7.16 -18.98
N ASN H 138 -3.82 6.36 -18.46
CA ASN H 138 -3.74 6.06 -17.03
C ASN H 138 -2.40 6.54 -16.44
N PRO H 139 -2.16 7.87 -16.44
CA PRO H 139 -0.86 8.44 -16.03
C PRO H 139 -0.44 8.13 -14.60
N SER H 140 -1.42 7.84 -13.74
CA SER H 140 -1.15 7.42 -12.36
C SER H 140 -0.22 6.22 -12.21
N ALA H 141 -0.31 5.25 -13.13
CA ALA H 141 0.46 3.99 -13.04
C ALA H 141 1.97 4.15 -13.21
N TYR H 142 2.40 5.34 -13.61
CA TYR H 142 3.78 5.57 -14.04
C TYR H 142 4.27 6.89 -13.43
N GLY H 143 5.55 7.18 -13.68
CA GLY H 143 6.12 8.52 -13.43
C GLY H 143 5.65 9.49 -14.51
N VAL H 144 5.64 10.78 -14.18
CA VAL H 144 4.81 11.77 -14.86
C VAL H 144 5.61 13.06 -15.00
N VAL H 145 5.67 13.63 -16.22
CA VAL H 145 6.31 14.93 -16.47
C VAL H 145 5.31 15.97 -16.92
N GLU H 146 5.38 17.15 -16.34
CA GLU H 146 4.56 18.28 -16.74
C GLU H 146 5.44 19.23 -17.55
N PHE H 147 4.91 19.76 -18.65
CA PHE H 147 5.59 20.78 -19.45
C PHE H 147 5.00 22.16 -19.16
N GLY H 148 5.77 23.22 -19.41
CA GLY H 148 5.29 24.60 -19.34
C GLY H 148 4.77 25.11 -20.66
N ALA H 153 9.72 21.54 -19.50
CA ALA H 153 9.80 20.62 -18.37
C ALA H 153 9.65 21.35 -17.02
N LEU H 154 8.79 20.82 -16.15
CA LEU H 154 8.25 21.57 -15.02
C LEU H 154 8.21 20.78 -13.70
N SER H 155 7.69 19.55 -13.73
CA SER H 155 7.55 18.77 -12.52
C SER H 155 7.63 17.29 -12.85
N LEU H 156 8.15 16.51 -11.91
CA LEU H 156 8.23 15.06 -12.04
C LEU H 156 7.65 14.47 -10.75
N GLU H 157 6.82 13.43 -10.86
CA GLU H 157 6.17 12.82 -9.68
C GLU H 157 5.85 11.34 -9.90
N GLU H 158 6.39 10.45 -9.06
CA GLU H 158 6.55 9.04 -9.47
C GLU H 158 5.24 8.25 -9.65
N LYS H 159 4.19 8.45 -8.84
CA LYS H 159 2.86 7.89 -9.21
C LYS H 159 1.70 8.70 -8.65
N PRO H 163 -2.70 13.43 -11.24
CA PRO H 163 -1.54 13.74 -12.05
C PRO H 163 -1.64 15.14 -12.63
N LYS H 164 -0.50 15.79 -12.89
CA LYS H 164 -0.49 17.14 -13.46
C LYS H 164 -0.39 17.13 -15.00
N SER H 165 -0.29 15.93 -15.59
CA SER H 165 -0.43 15.78 -17.05
C SER H 165 -0.66 14.31 -17.43
N ASN H 166 -0.85 14.04 -18.71
CA ASN H 166 -1.05 12.66 -19.15
C ASN H 166 0.25 12.06 -19.70
N TYR H 167 1.36 12.78 -19.54
CA TYR H 167 2.66 12.29 -20.03
C TYR H 167 3.41 11.34 -19.03
N ALA H 168 3.47 10.05 -19.36
CA ALA H 168 4.31 9.08 -18.63
C ALA H 168 5.77 9.31 -18.99
N VAL H 169 6.66 9.10 -18.02
CA VAL H 169 8.10 8.96 -18.27
C VAL H 169 8.45 7.48 -18.41
N PRO H 170 8.70 7.04 -19.65
CA PRO H 170 9.01 5.65 -19.84
C PRO H 170 10.43 5.33 -19.33
N GLY H 171 10.74 4.04 -19.29
CA GLY H 171 11.96 3.54 -18.62
C GLY H 171 13.17 3.55 -19.49
N LEU H 172 13.53 4.70 -20.06
CA LEU H 172 14.79 4.84 -20.79
C LEU H 172 15.33 6.22 -20.46
N TYR H 173 16.59 6.26 -20.03
CA TYR H 173 17.16 7.46 -19.45
C TYR H 173 18.60 7.50 -19.91
N PHE H 174 19.05 8.67 -20.34
CA PHE H 174 20.46 8.81 -20.78
C PHE H 174 21.10 9.87 -19.91
N TYR H 175 22.24 9.52 -19.28
CA TYR H 175 22.95 10.47 -18.42
C TYR H 175 24.45 10.52 -18.71
N ASP H 176 25.02 11.70 -18.50
CA ASP H 176 26.48 11.82 -18.43
C ASP H 176 27.00 11.22 -17.11
N ASN H 177 28.32 11.26 -16.91
CA ASN H 177 29.00 10.50 -15.82
C ASN H 177 28.59 10.92 -14.40
N ASP H 178 28.08 12.14 -14.25
CA ASP H 178 27.61 12.66 -12.95
C ASP H 178 26.59 11.79 -12.22
N VAL H 179 25.84 10.98 -12.96
CA VAL H 179 24.76 10.23 -12.35
C VAL H 179 25.24 9.31 -11.19
N ILE H 180 26.49 8.85 -11.26
CA ILE H 180 27.01 7.96 -10.22
C ILE H 180 26.99 8.66 -8.87
N GLU H 181 27.49 9.90 -8.84
CA GLU H 181 27.43 10.73 -7.61
C GLU H 181 26.00 11.06 -7.16
N ILE H 182 25.15 11.39 -8.11
CA ILE H 182 23.77 11.82 -7.82
C ILE H 182 22.94 10.68 -7.21
N ALA H 183 23.05 9.50 -7.78
CA ALA H 183 22.38 8.31 -7.24
C ALA H 183 22.77 8.06 -5.79
N ARG H 184 24.09 8.05 -5.53
CA ARG H 184 24.66 7.95 -4.17
C ARG H 184 24.05 8.97 -3.20
N GLY H 185 23.96 10.23 -3.62
CA GLY H 185 23.41 11.28 -2.77
C GLY H 185 21.89 11.30 -2.69
N LEU H 186 21.28 10.13 -2.45
CA LEU H 186 19.82 10.01 -2.34
C LEU H 186 19.46 9.23 -1.08
N LYS H 187 18.25 9.42 -0.62
CA LYS H 187 17.81 8.72 0.53
C LYS H 187 16.32 8.73 0.42
N LYS H 188 15.83 7.50 0.38
CA LYS H 188 14.48 6.92 0.23
C LYS H 188 13.12 7.64 0.10
N SER H 189 12.18 6.97 -0.53
CA SER H 189 10.84 7.58 -0.69
C SER H 189 9.83 7.06 0.33
N ALA H 190 8.67 7.72 0.37
CA ALA H 190 7.61 7.41 1.33
C ALA H 190 7.16 5.94 1.33
N ARG H 191 7.23 5.27 0.17
CA ARG H 191 6.98 3.82 0.11
C ARG H 191 8.23 3.03 0.54
N GLY H 192 9.41 3.49 0.13
CA GLY H 192 10.68 2.93 0.62
C GLY H 192 11.64 2.46 -0.46
N GLU H 193 11.82 3.27 -1.51
CA GLU H 193 12.72 2.94 -2.63
C GLU H 193 13.57 4.13 -3.09
N TYR H 194 14.77 3.84 -3.60
CA TYR H 194 15.60 4.82 -4.32
C TYR H 194 15.16 4.95 -5.80
N GLU H 195 14.53 6.10 -6.11
CA GLU H 195 13.71 6.24 -7.32
C GLU H 195 14.48 6.88 -8.48
N ILE H 196 14.37 6.28 -9.66
CA ILE H 196 14.90 6.93 -10.85
C ILE H 196 14.31 8.34 -11.03
N THR H 197 13.06 8.54 -10.60
CA THR H 197 12.40 9.86 -10.68
C THR H 197 13.19 10.96 -9.94
N GLU H 198 13.83 10.61 -8.82
CA GLU H 198 14.63 11.56 -8.01
C GLU H 198 15.93 11.98 -8.71
N VAL H 199 16.60 11.01 -9.35
CA VAL H 199 17.77 11.29 -10.20
C VAL H 199 17.42 12.34 -11.25
N ASN H 200 16.31 12.11 -11.96
CA ASN H 200 15.82 13.05 -12.97
C ASN H 200 15.47 14.40 -12.35
N GLN H 201 14.91 14.39 -11.15
CA GLN H 201 14.64 15.63 -10.46
C GLN H 201 15.97 16.39 -10.22
N VAL H 202 17.00 15.67 -9.83
CA VAL H 202 18.26 16.34 -9.55
C VAL H 202 18.75 17.03 -10.81
N TYR H 203 18.83 16.29 -11.93
CA TYR H 203 19.28 16.88 -13.20
C TYR H 203 18.37 18.06 -13.59
N LEU H 204 17.07 17.90 -13.36
CA LEU H 204 16.13 18.98 -13.67
C LEU H 204 16.52 20.21 -12.86
N ASN H 205 16.79 20.01 -11.57
CA ASN H 205 17.12 21.11 -10.65
C ASN H 205 18.30 21.97 -11.14
N GLN H 206 19.38 21.35 -11.61
CA GLN H 206 20.48 22.11 -12.22
C GLN H 206 20.15 22.74 -13.58
N GLY H 207 18.96 22.48 -14.13
CA GLY H 207 18.63 22.88 -15.50
C GLY H 207 19.33 22.07 -16.59
N ARG H 208 19.61 20.79 -16.32
CA ARG H 208 20.38 19.95 -17.25
C ARG H 208 19.61 18.67 -17.69
N LEU H 209 18.29 18.70 -17.58
CA LEU H 209 17.43 17.62 -18.09
C LEU H 209 16.81 18.05 -19.40
N ALA H 210 17.02 17.26 -20.46
CA ALA H 210 16.25 17.40 -21.72
C ALA H 210 15.15 16.34 -21.75
N VAL H 211 13.97 16.73 -22.23
CA VAL H 211 12.83 15.83 -22.35
C VAL H 211 12.27 15.90 -23.77
N GLU H 212 12.14 14.74 -24.42
CA GLU H 212 11.50 14.66 -25.73
C GLU H 212 10.24 13.85 -25.63
N VAL H 213 9.16 14.39 -26.23
CA VAL H 213 7.93 13.62 -26.42
C VAL H 213 8.20 12.59 -27.51
N LEU H 214 7.89 11.33 -27.26
CA LEU H 214 8.13 10.32 -28.27
C LEU H 214 7.25 10.62 -29.50
N ALA H 215 7.75 10.25 -30.68
CA ALA H 215 7.03 10.54 -31.92
C ALA H 215 5.61 9.93 -31.97
N ARG H 216 4.73 10.64 -32.67
CA ARG H 216 3.42 10.12 -33.08
C ARG H 216 3.55 8.69 -33.63
N GLY H 217 2.69 7.77 -33.20
CA GLY H 217 2.78 6.39 -33.71
C GLY H 217 3.81 5.46 -33.05
N THR H 218 4.52 5.93 -32.04
CA THR H 218 5.43 5.05 -31.31
C THR H 218 4.63 4.16 -30.37
N ALA H 219 5.09 2.94 -30.16
CA ALA H 219 4.51 2.15 -29.09
C ALA H 219 5.50 2.05 -27.94
N TRP H 220 5.04 2.36 -26.74
CA TRP H 220 5.77 2.11 -25.54
C TRP H 220 4.92 1.20 -24.62
N LEU H 221 5.53 0.17 -24.08
CA LEU H 221 4.81 -0.84 -23.33
C LEU H 221 5.64 -1.13 -22.10
N ASP H 222 4.93 -1.37 -21.01
CA ASP H 222 5.48 -1.99 -19.81
C ASP H 222 4.74 -3.32 -19.58
N THR H 223 5.46 -4.41 -19.50
CA THR H 223 4.86 -5.73 -19.41
C THR H 223 4.60 -6.24 -18.02
N GLY H 224 4.40 -5.35 -17.08
CA GLY H 224 4.44 -5.77 -15.69
C GLY H 224 3.18 -6.28 -15.03
N THR H 225 2.10 -6.42 -15.79
CA THR H 225 0.81 -6.93 -15.23
C THR H 225 0.25 -7.96 -16.20
N PHE H 226 -0.72 -8.77 -15.75
CA PHE H 226 -1.11 -9.94 -16.61
C PHE H 226 -1.64 -9.39 -17.94
N ASP H 227 -2.45 -8.35 -17.86
CA ASP H 227 -3.03 -7.78 -19.08
C ASP H 227 -2.02 -7.04 -19.91
N SER H 228 -1.10 -6.32 -19.27
CA SER H 228 -0.14 -5.55 -20.06
C SER H 228 0.84 -6.48 -20.75
N LEU H 229 1.26 -7.56 -20.08
CA LEU H 229 2.11 -8.56 -20.73
C LEU H 229 1.48 -9.23 -21.91
N LEU H 230 0.25 -9.71 -21.74
CA LEU H 230 -0.44 -10.35 -22.82
C LEU H 230 -0.68 -9.36 -23.99
N ASP H 231 -1.13 -8.17 -23.68
CA ASP H 231 -1.32 -7.15 -24.71
C ASP H 231 -0.02 -6.87 -25.48
N ALA H 232 1.10 -6.88 -24.77
CA ALA H 232 2.41 -6.70 -25.43
C ALA H 232 2.68 -7.80 -26.43
N ALA H 233 2.50 -9.06 -26.02
CA ALA H 233 2.67 -10.23 -26.86
C ALA H 233 1.82 -10.16 -28.12
N ASP H 234 0.55 -9.88 -27.89
CA ASP H 234 -0.40 -9.72 -28.99
C ASP H 234 0.06 -8.64 -29.97
N PHE H 235 0.59 -7.52 -29.45
CA PHE H 235 1.04 -6.41 -30.29
C PHE H 235 2.19 -6.83 -31.17
N VAL H 236 3.19 -7.49 -30.57
CA VAL H 236 4.29 -8.02 -31.32
C VAL H 236 3.88 -9.01 -32.41
N ARG H 237 3.05 -9.99 -32.07
CA ARG H 237 2.54 -10.89 -33.10
C ARG H 237 1.77 -10.17 -34.21
N THR H 238 0.95 -9.20 -33.82
CA THR H 238 0.17 -8.42 -34.81
C THR H 238 1.12 -7.75 -35.84
N LEU H 239 2.19 -7.16 -35.33
CA LEU H 239 3.22 -6.56 -36.23
C LEU H 239 3.77 -7.54 -37.23
N GLU H 240 4.01 -8.79 -36.84
CA GLU H 240 4.47 -9.79 -37.77
C GLU H 240 3.38 -10.24 -38.73
N ARG H 241 2.20 -10.64 -38.22
CA ARG H 241 1.16 -11.18 -39.10
C ARG H 241 0.61 -10.15 -40.08
N ARG H 242 0.44 -8.92 -39.63
CA ARG H 242 -0.21 -7.89 -40.44
C ARG H 242 0.79 -7.05 -41.20
N GLN H 243 1.96 -6.78 -40.63
CA GLN H 243 2.89 -5.86 -41.30
C GLN H 243 4.20 -6.52 -41.72
N GLY H 244 4.38 -7.79 -41.37
CA GLY H 244 5.54 -8.57 -41.79
C GLY H 244 6.82 -8.15 -41.10
N LEU H 245 6.69 -7.57 -39.92
CA LEU H 245 7.83 -7.03 -39.20
C LEU H 245 8.13 -7.87 -37.97
N LYS H 246 9.40 -8.23 -37.81
CA LYS H 246 9.88 -8.84 -36.57
C LYS H 246 10.65 -7.78 -35.86
N VAL H 247 10.33 -7.51 -34.60
CA VAL H 247 10.99 -6.43 -33.91
C VAL H 247 11.89 -6.85 -32.75
N SER H 248 12.88 -6.00 -32.52
CA SER H 248 13.87 -6.22 -31.46
C SER H 248 14.52 -7.58 -31.51
N ILE H 249 14.97 -7.97 -32.71
CA ILE H 249 15.70 -9.22 -32.90
C ILE H 249 17.20 -8.82 -32.74
N PRO H 250 17.82 -9.18 -31.60
CA PRO H 250 19.22 -8.70 -31.42
C PRO H 250 20.23 -9.14 -32.48
N GLU H 251 20.08 -10.36 -33.01
CA GLU H 251 20.97 -10.85 -34.04
C GLU H 251 20.91 -9.98 -35.29
N GLU H 252 19.71 -9.51 -35.62
CA GLU H 252 19.53 -8.56 -36.70
C GLU H 252 20.26 -7.26 -36.46
N VAL H 253 20.01 -6.65 -35.32
CA VAL H 253 20.64 -5.38 -35.01
C VAL H 253 22.18 -5.49 -35.06
N ALA H 254 22.72 -6.58 -34.51
CA ALA H 254 24.17 -6.78 -34.47
C ALA H 254 24.71 -6.90 -35.88
N TRP H 255 24.01 -7.66 -36.72
CA TRP H 255 24.40 -7.90 -38.09
C TRP H 255 24.36 -6.62 -38.90
N ARG H 256 23.31 -5.81 -38.69
CA ARG H 256 23.17 -4.51 -39.38
C ARG H 256 24.22 -3.51 -38.88
N MET H 257 24.67 -3.67 -37.65
CA MET H 257 25.70 -2.78 -37.13
C MET H 257 27.13 -3.21 -37.50
N GLY H 258 27.28 -4.34 -38.18
CA GLY H 258 28.60 -4.85 -38.59
C GLY H 258 29.30 -5.63 -37.48
N TRP H 259 28.59 -5.86 -36.38
CA TRP H 259 29.20 -6.44 -35.20
C TRP H 259 29.34 -7.95 -35.30
N ILE H 260 28.54 -8.57 -36.16
CA ILE H 260 28.72 -9.96 -36.50
C ILE H 260 28.58 -9.99 -37.98
N ASP H 261 29.04 -11.05 -38.65
CA ASP H 261 29.04 -11.13 -40.11
C ASP H 261 28.07 -12.19 -40.61
N ASP H 262 27.99 -12.31 -41.94
CA ASP H 262 27.07 -13.23 -42.62
C ASP H 262 27.13 -14.66 -42.10
N GLU H 263 28.33 -15.23 -41.98
CA GLU H 263 28.45 -16.64 -41.58
C GLU H 263 28.05 -16.84 -40.11
N GLN H 264 28.42 -15.90 -39.24
CA GLN H 264 27.92 -15.85 -37.86
C GLN H 264 26.40 -15.78 -37.81
N LEU H 265 25.82 -14.82 -38.54
CA LEU H 265 24.37 -14.78 -38.70
C LEU H 265 23.84 -16.18 -39.05
N VAL H 266 24.40 -16.79 -40.10
CA VAL H 266 23.94 -18.12 -40.55
C VAL H 266 24.04 -19.16 -39.45
N GLN H 267 25.05 -19.03 -38.59
CA GLN H 267 25.18 -19.92 -37.42
C GLN H 267 24.09 -19.69 -36.37
N ARG H 268 23.86 -18.44 -35.96
CA ARG H 268 22.75 -18.14 -35.02
C ARG H 268 21.44 -18.73 -35.55
N ALA H 269 21.23 -18.58 -36.86
CA ALA H 269 20.03 -19.10 -37.53
C ALA H 269 19.86 -20.60 -37.42
N ARG H 270 20.93 -21.35 -37.69
CA ARG H 270 20.85 -22.81 -37.62
C ARG H 270 20.47 -23.22 -36.19
N ALA H 271 21.11 -22.61 -35.21
CA ALA H 271 20.82 -22.85 -33.80
C ALA H 271 19.37 -22.59 -33.35
N LEU H 272 18.61 -21.82 -34.13
CA LEU H 272 17.27 -21.37 -33.72
C LEU H 272 16.24 -21.78 -34.78
N VAL H 273 16.53 -22.89 -35.46
CA VAL H 273 15.78 -23.25 -36.65
C VAL H 273 14.43 -23.93 -36.34
N LYS H 274 14.35 -24.70 -35.27
CA LYS H 274 13.14 -25.48 -34.98
C LYS H 274 11.92 -24.62 -34.62
N SER H 275 12.17 -23.53 -33.92
CA SER H 275 11.10 -22.63 -33.49
C SER H 275 10.55 -21.74 -34.62
N GLY H 276 11.31 -21.61 -35.72
CA GLY H 276 10.99 -20.66 -36.79
C GLY H 276 11.70 -19.31 -36.69
N TYR H 277 12.22 -18.98 -35.52
CA TYR H 277 12.97 -17.74 -35.32
C TYR H 277 14.21 -17.62 -36.24
N GLY H 278 14.94 -18.73 -36.41
CA GLY H 278 16.11 -18.74 -37.29
C GLY H 278 15.79 -18.43 -38.76
N ASN H 279 14.62 -18.87 -39.24
CA ASN H 279 14.21 -18.67 -40.63
C ASN H 279 14.16 -17.20 -41.02
N TYR H 280 13.82 -16.33 -40.07
CA TYR H 280 13.84 -14.89 -40.31
C TYR H 280 15.26 -14.36 -40.52
N LEU H 281 16.22 -14.93 -39.80
CA LEU H 281 17.61 -14.52 -39.91
C LEU H 281 18.19 -14.92 -41.28
N LEU H 282 17.83 -16.11 -41.76
CA LEU H 282 18.18 -16.54 -43.12
C LEU H 282 17.57 -15.64 -44.19
N GLU H 283 16.33 -15.23 -43.99
CA GLU H 283 15.65 -14.32 -44.91
C GLU H 283 16.39 -12.99 -45.00
N LEU H 284 17.03 -12.57 -43.90
CA LEU H 284 17.79 -11.32 -43.90
C LEU H 284 18.90 -11.32 -44.96
N LEU H 285 19.44 -12.49 -45.28
CA LEU H 285 20.50 -12.60 -46.28
C LEU H 285 19.91 -12.61 -47.68
N GLU H 286 18.75 -13.26 -47.86
CA GLU H 286 18.14 -13.41 -49.19
C GLU H 286 17.46 -12.15 -49.72
#